data_5NZ8
#
_entry.id   5NZ8
#
_cell.length_a   84.810
_cell.length_b   152.970
_cell.length_c   92.220
_cell.angle_alpha   90.000
_cell.angle_beta   114.420
_cell.angle_gamma   90.000
#
_symmetry.space_group_name_H-M   'P 1 21 1'
#
loop_
_entity.id
_entity.type
_entity.pdbx_description
1 polymer 'Cellodextrin phosphorylase'
2 branched beta-D-glucopyranose-(1-4)-beta-D-glucopyranose-(1-4)-beta-D-glucopyranose-(1-4)-beta-D-glucopyranose
3 non-polymer 'PHOSPHATE ION'
#
_entity_poly.entity_id   1
_entity_poly.type   'polypeptide(L)'
_entity_poly.pdbx_seq_one_letter_code
;MGSSHHHHHHSSGLVPRGSHMLEDPMITKVTARNNKITPVELLNQKFGNKINLGNFADAVFTDAAFKNVAGIANLPMKAP
VMQVLMENCIVSKYLKQFVPDRSVCFVEEGQKFYIVLEDGQKIEVPEDVNKALKATVSDVKHWAGYLTEDGEHVIDLLKP
APGPHFYVNLLIGNRLGFKRTLQTTPKSVVDRFGRGSFRSHAATQVLATRFDMRQEENGFPANRQFYLYEDGKQIFYSAL
IDDNIVEATCKHSCNRTVIKYKTACNLEITRTIFLVPHKKGFPLATELQRIEIKNASDKARNLSITYTGMFGTGAVHAIF
EDVTYTNVIMQSAALYNDKGEFIGITPDYYPEEFKQDTRFVTMIVRNGDEKSFPQSFCTDYNDFVGTGTLEHPAGGCNLN
NKLNRKGPGFFALGAPFTVEPGKTVIIDTFTGLSSSKDNENYSDAVMLRELDNLLRYFEKSESVEETLNEIINFHENYGK
YFQFNTGNKLFDSGFNRNLAFQVLYQTFMSRSFGQTQKGYREIGFREIQDLFASMYYFINIGYQDFVKELLFEWTANVYK
MGYANHNFYWVGKQPGLYSDDSLWLLQAYYRYIIYTKDTSVLNEEVPVADGNNEKRAVRETLKAIIQYSACISVGDHGLP
LLDLADWNDCLKIASNSIDGATKEKLYYEQLKKTNGKYGDRFMSDYSESVMNAFLLKLAIDHLAEIATLDNDTQLAQQMS
ELSKEVTDRIQKHAWKENFFARVLINRYKDGSYTYLGAKGDKLSADPNIDGVYFLNSFAWSVLSDVATDEQIAIMVDVIK
KHLLTPYGLRLVTPADLNKIANDTATGHYFFGDRENGAVFKHASMMAVAALIKAAKKVKDNELAKEMARIAYFMIDLVLP
YKNLENPFQVAGNPRICTQYINTDTGENIGPLLSGTATWLNLNLISLAGIEYTRDGISFNPILREEETQLNFTLKAPKCS
YKFSITKPVGFARMESSEYELFVDGQKIDNTVIPMYTDEKEHIVTLKFK
;
_entity_poly.pdbx_strand_id   A,B
#
# COMPACT_ATOMS: atom_id res chain seq x y z
N MET A 26 22.80 -13.39 26.71
CA MET A 26 22.33 -14.82 26.80
C MET A 26 22.01 -15.42 25.44
N ILE A 27 21.28 -14.65 24.61
CA ILE A 27 20.94 -15.02 23.24
C ILE A 27 21.82 -14.22 22.25
N THR A 28 22.37 -14.92 21.25
CA THR A 28 23.29 -14.35 20.26
C THR A 28 22.52 -13.77 19.06
N LYS A 29 23.14 -12.79 18.37
CA LYS A 29 22.54 -12.21 17.15
C LYS A 29 23.55 -12.11 16.00
N VAL A 30 23.42 -13.01 15.02
CA VAL A 30 24.26 -13.01 13.81
C VAL A 30 23.53 -12.28 12.68
N THR A 31 24.03 -11.12 12.26
CA THR A 31 23.47 -10.40 11.11
C THR A 31 24.06 -10.93 9.81
N ALA A 32 23.46 -10.51 8.68
CA ALA A 32 23.89 -10.95 7.35
C ALA A 32 25.32 -10.52 7.03
N ARG A 33 25.69 -9.30 7.43
CA ARG A 33 27.06 -8.81 7.27
C ARG A 33 27.96 -9.34 8.38
N ASN A 34 28.69 -10.40 8.10
CA ASN A 34 29.53 -11.08 9.12
C ASN A 34 30.92 -11.45 8.59
N ASN A 35 31.95 -11.19 9.40
CA ASN A 35 33.29 -11.73 9.16
C ASN A 35 33.32 -13.27 9.13
N LYS A 36 32.20 -13.93 9.48
CA LYS A 36 32.00 -15.38 9.25
C LYS A 36 32.32 -15.93 7.84
N ILE A 37 32.49 -17.26 7.82
CA ILE A 37 32.78 -18.00 6.58
C ILE A 37 31.51 -18.20 5.73
N THR A 38 31.68 -18.25 4.41
CA THR A 38 30.56 -18.48 3.46
C THR A 38 30.42 -19.97 3.16
N PRO A 39 29.31 -20.40 2.52
CA PRO A 39 29.21 -21.82 2.15
C PRO A 39 30.28 -22.29 1.17
N VAL A 40 30.63 -21.45 0.21
CA VAL A 40 31.62 -21.84 -0.82
C VAL A 40 33.03 -21.92 -0.22
N GLU A 41 33.33 -21.01 0.71
CA GLU A 41 34.58 -21.06 1.48
C GLU A 41 34.66 -22.29 2.38
N LEU A 42 33.56 -22.64 3.04
CA LEU A 42 33.48 -23.88 3.84
C LEU A 42 33.43 -25.15 2.97
N LEU A 43 33.01 -25.02 1.70
CA LEU A 43 33.11 -26.11 0.73
C LEU A 43 34.56 -26.37 0.37
N ASN A 44 35.32 -25.30 0.14
CA ASN A 44 36.76 -25.40 -0.15
C ASN A 44 37.57 -25.89 1.04
N GLN A 45 37.24 -25.39 2.24
CA GLN A 45 37.85 -25.84 3.50
C GLN A 45 37.67 -27.37 3.73
N LYS A 46 36.57 -27.93 3.21
CA LYS A 46 36.25 -29.35 3.38
C LYS A 46 36.56 -30.26 2.20
N PHE A 47 36.42 -29.76 0.97
CA PHE A 47 36.59 -30.58 -0.25
C PHE A 47 37.64 -30.02 -1.22
N GLY A 48 38.45 -29.05 -0.78
CA GLY A 48 39.41 -28.36 -1.67
C GLY A 48 40.51 -29.27 -2.19
N ASN A 49 41.14 -29.99 -1.26
CA ASN A 49 42.21 -30.94 -1.59
C ASN A 49 41.71 -32.29 -2.13
N LYS A 50 40.50 -32.72 -1.75
CA LYS A 50 39.98 -34.04 -2.11
C LYS A 50 39.42 -34.11 -3.54
N ILE A 51 38.43 -33.27 -3.85
CA ILE A 51 37.87 -33.15 -5.21
C ILE A 51 38.45 -31.92 -5.92
N ASN A 52 38.22 -31.82 -7.23
CA ASN A 52 38.58 -30.60 -7.99
C ASN A 52 37.34 -29.72 -8.15
N LEU A 53 37.40 -28.51 -7.60
CA LEU A 53 36.24 -27.61 -7.53
C LEU A 53 36.15 -26.59 -8.67
N GLY A 54 37.17 -26.47 -9.52
CA GLY A 54 37.16 -25.49 -10.60
C GLY A 54 37.24 -24.05 -10.11
N ASN A 55 37.16 -23.10 -11.03
CA ASN A 55 37.22 -21.68 -10.69
C ASN A 55 35.98 -21.17 -9.94
N PHE A 56 34.82 -21.79 -10.21
CA PHE A 56 33.55 -21.41 -9.57
C PHE A 56 32.82 -22.64 -9.04
N ALA A 57 32.02 -22.44 -7.99
CA ALA A 57 31.20 -23.51 -7.42
C ALA A 57 30.16 -22.93 -6.45
N ASP A 58 28.88 -23.27 -6.63
CA ASP A 58 27.85 -22.85 -5.69
C ASP A 58 27.76 -23.84 -4.56
N ALA A 59 27.33 -23.36 -3.39
CA ALA A 59 27.05 -24.22 -2.24
C ALA A 59 26.03 -23.57 -1.31
N VAL A 60 25.44 -24.36 -0.42
CA VAL A 60 24.47 -23.88 0.56
C VAL A 60 24.60 -24.63 1.87
N PHE A 61 24.30 -23.95 2.96
CA PHE A 61 24.30 -24.57 4.28
C PHE A 61 23.10 -25.49 4.49
N THR A 62 23.38 -26.69 4.97
CA THR A 62 22.34 -27.70 5.24
C THR A 62 21.61 -27.49 6.57
N ASP A 63 22.14 -26.65 7.45
CA ASP A 63 21.54 -26.39 8.76
C ASP A 63 21.61 -24.89 9.08
N ALA A 64 20.88 -24.50 10.12
CA ALA A 64 20.85 -23.10 10.57
C ALA A 64 22.07 -22.72 11.42
N ALA A 65 22.77 -23.71 11.99
CA ALA A 65 24.04 -23.48 12.70
C ALA A 65 25.23 -23.22 11.75
N PHE A 66 25.11 -23.61 10.48
CA PHE A 66 26.11 -23.35 9.43
C PHE A 66 27.37 -24.21 9.54
N LYS A 67 27.28 -25.38 10.15
CA LYS A 67 28.45 -26.22 10.32
C LYS A 67 28.76 -27.09 9.09
N ASN A 68 27.76 -27.33 8.24
CA ASN A 68 27.90 -28.21 7.06
C ASN A 68 27.32 -27.57 5.81
N VAL A 69 27.75 -28.07 4.65
CA VAL A 69 27.39 -27.52 3.34
C VAL A 69 27.04 -28.60 2.34
N ALA A 70 26.24 -28.22 1.35
CA ALA A 70 25.97 -29.03 0.18
C ALA A 70 26.37 -28.18 -1.01
N GLY A 71 27.08 -28.76 -1.97
CA GLY A 71 27.63 -28.00 -3.10
C GLY A 71 27.73 -28.77 -4.38
N ILE A 72 28.09 -28.04 -5.44
CA ILE A 72 28.33 -28.62 -6.74
C ILE A 72 29.63 -28.02 -7.23
N ALA A 73 30.54 -28.89 -7.63
CA ALA A 73 31.86 -28.48 -8.09
C ALA A 73 31.78 -28.03 -9.54
N ASN A 74 32.63 -27.06 -9.88
CA ASN A 74 33.01 -26.77 -11.26
C ASN A 74 31.87 -26.24 -12.17
N LEU A 75 31.54 -24.97 -11.99
CA LEU A 75 30.58 -24.27 -12.83
C LEU A 75 31.34 -23.31 -13.75
N PRO A 76 30.76 -23.00 -14.93
CA PRO A 76 31.36 -22.01 -15.85
C PRO A 76 31.30 -20.54 -15.39
N MET A 77 30.44 -20.22 -14.43
CA MET A 77 30.42 -18.89 -13.79
C MET A 77 29.70 -18.95 -12.45
N LYS A 78 29.79 -17.89 -11.66
CA LYS A 78 29.00 -17.79 -10.44
C LYS A 78 27.52 -17.82 -10.83
N ALA A 79 26.77 -18.67 -10.13
CA ALA A 79 25.34 -18.83 -10.39
C ALA A 79 24.69 -19.56 -9.22
N PRO A 80 23.37 -19.34 -9.00
CA PRO A 80 22.71 -19.94 -7.85
C PRO A 80 22.19 -21.34 -8.20
N VAL A 81 23.12 -22.25 -8.48
CA VAL A 81 22.79 -23.58 -9.03
C VAL A 81 22.15 -24.49 -7.97
N MET A 82 22.64 -24.41 -6.74
CA MET A 82 22.07 -25.19 -5.64
C MET A 82 20.62 -24.81 -5.41
N GLN A 83 20.31 -23.51 -5.45
CA GLN A 83 18.93 -23.00 -5.36
C GLN A 83 18.01 -23.68 -6.37
N VAL A 84 18.41 -23.70 -7.64
CA VAL A 84 17.61 -24.29 -8.71
C VAL A 84 17.57 -25.83 -8.58
N LEU A 85 18.64 -26.42 -8.08
CA LEU A 85 18.67 -27.87 -7.80
C LEU A 85 17.65 -28.28 -6.73
N MET A 86 17.51 -27.48 -5.67
CA MET A 86 16.58 -27.80 -4.57
C MET A 86 15.10 -27.73 -4.97
N GLU A 87 14.78 -27.00 -6.04
CA GLU A 87 13.42 -26.97 -6.60
C GLU A 87 12.95 -28.35 -7.10
N ASN A 88 13.89 -29.13 -7.61
CA ASN A 88 13.65 -30.54 -7.97
C ASN A 88 13.47 -31.36 -6.69
N CYS A 89 12.30 -31.99 -6.53
CA CYS A 89 11.99 -32.78 -5.33
C CYS A 89 12.91 -34.00 -5.17
N ILE A 90 13.20 -34.69 -6.28
CA ILE A 90 14.10 -35.85 -6.30
C ILE A 90 15.43 -35.57 -5.57
N VAL A 91 16.06 -34.46 -5.93
CA VAL A 91 17.39 -34.09 -5.39
C VAL A 91 17.29 -33.68 -3.91
N SER A 92 16.20 -33.01 -3.54
CA SER A 92 15.99 -32.62 -2.13
C SER A 92 15.93 -33.85 -1.22
N LYS A 93 15.09 -34.81 -1.60
CA LYS A 93 14.91 -36.07 -0.85
C LYS A 93 16.13 -36.98 -0.95
N TYR A 94 16.90 -36.89 -2.05
CA TYR A 94 18.17 -37.63 -2.19
C TYR A 94 19.17 -37.25 -1.10
N LEU A 95 19.31 -35.95 -0.84
CA LEU A 95 20.21 -35.42 0.19
C LEU A 95 19.82 -35.74 1.63
N LYS A 96 18.56 -36.15 1.87
CA LYS A 96 18.05 -36.45 3.22
C LYS A 96 18.83 -37.54 3.99
N GLN A 97 19.41 -38.50 3.27
CA GLN A 97 20.23 -39.57 3.87
C GLN A 97 21.71 -39.20 4.09
N PHE A 98 22.11 -37.99 3.73
CA PHE A 98 23.46 -37.46 3.96
C PHE A 98 23.42 -36.19 4.82
N VAL A 99 22.70 -35.18 4.36
CA VAL A 99 22.46 -33.95 5.12
C VAL A 99 21.26 -34.14 6.07
N PRO A 100 21.14 -33.35 7.15
CA PRO A 100 22.05 -32.25 7.50
C PRO A 100 23.23 -32.61 8.43
N ASP A 101 23.37 -33.89 8.81
CA ASP A 101 24.40 -34.31 9.77
C ASP A 101 25.83 -34.19 9.25
N ARG A 102 26.04 -34.46 7.96
CA ARG A 102 27.36 -34.40 7.31
C ARG A 102 27.35 -33.57 6.00
N SER A 103 28.53 -33.22 5.51
CA SER A 103 28.72 -32.37 4.30
C SER A 103 28.97 -33.17 3.03
N VAL A 104 28.66 -32.56 1.89
CA VAL A 104 28.53 -33.26 0.60
C VAL A 104 28.89 -32.34 -0.58
N CYS A 105 29.27 -32.93 -1.71
CA CYS A 105 29.49 -32.19 -2.95
C CYS A 105 29.37 -33.05 -4.20
N PHE A 106 28.63 -32.56 -5.20
CA PHE A 106 28.47 -33.28 -6.47
C PHE A 106 29.67 -33.01 -7.39
N VAL A 107 30.04 -34.00 -8.20
CA VAL A 107 31.19 -33.89 -9.10
C VAL A 107 30.92 -34.63 -10.41
N GLU A 108 31.24 -33.98 -11.53
CA GLU A 108 30.87 -34.44 -12.87
C GLU A 108 32.03 -35.21 -13.55
N GLU A 109 32.36 -36.38 -13.00
CA GLU A 109 33.43 -37.23 -13.57
C GLU A 109 32.90 -38.11 -14.71
N GLY A 110 33.28 -37.78 -15.94
CA GLY A 110 32.69 -38.39 -17.14
C GLY A 110 31.42 -37.62 -17.51
N GLN A 111 30.37 -38.35 -17.88
CA GLN A 111 29.03 -37.78 -18.05
C GLN A 111 28.02 -38.26 -16.98
N LYS A 112 28.50 -39.07 -16.02
CA LYS A 112 27.72 -39.54 -14.88
C LYS A 112 28.12 -38.75 -13.62
N PHE A 113 27.14 -38.29 -12.86
CA PHE A 113 27.40 -37.51 -11.63
C PHE A 113 27.70 -38.42 -10.45
N TYR A 114 28.59 -37.96 -9.57
CA TYR A 114 28.90 -38.61 -8.29
C TYR A 114 28.68 -37.65 -7.14
N ILE A 115 28.36 -38.21 -5.97
CA ILE A 115 28.26 -37.46 -4.72
C ILE A 115 29.49 -37.85 -3.89
N VAL A 116 30.16 -36.85 -3.33
CA VAL A 116 31.35 -37.07 -2.50
C VAL A 116 30.97 -36.80 -1.07
N LEU A 117 31.15 -37.78 -0.19
CA LEU A 117 31.03 -37.57 1.25
C LEU A 117 32.37 -37.10 1.80
N GLU A 118 32.36 -36.49 2.97
CA GLU A 118 33.58 -36.04 3.65
C GLU A 118 34.44 -37.21 4.16
N ASP A 119 33.81 -38.37 4.40
CA ASP A 119 34.52 -39.62 4.69
C ASP A 119 34.85 -40.39 3.40
N GLY A 120 35.67 -39.78 2.54
CA GLY A 120 36.19 -40.43 1.35
C GLY A 120 35.23 -40.71 0.19
N GLN A 121 34.40 -41.75 0.36
CA GLN A 121 33.64 -42.41 -0.72
C GLN A 121 33.05 -41.51 -1.81
N LYS A 122 33.20 -41.93 -3.07
CA LYS A 122 32.57 -41.28 -4.21
C LYS A 122 31.45 -42.18 -4.71
N ILE A 123 30.24 -41.96 -4.21
CA ILE A 123 29.08 -42.78 -4.59
C ILE A 123 28.49 -42.26 -5.90
N GLU A 124 28.20 -43.16 -6.82
CA GLU A 124 27.50 -42.83 -8.08
C GLU A 124 26.04 -42.56 -7.71
N VAL A 125 25.51 -41.40 -8.08
CA VAL A 125 24.13 -41.05 -7.72
C VAL A 125 23.12 -41.82 -8.57
N PRO A 126 21.88 -42.02 -8.06
CA PRO A 126 20.82 -42.69 -8.84
C PRO A 126 20.43 -41.98 -10.14
N GLU A 127 19.78 -42.72 -11.05
CA GLU A 127 19.52 -42.23 -12.41
C GLU A 127 18.57 -41.04 -12.49
N ASP A 128 17.54 -41.04 -11.66
CA ASP A 128 16.64 -39.88 -11.54
C ASP A 128 17.35 -38.63 -10.97
N VAL A 129 18.30 -38.84 -10.05
CA VAL A 129 19.13 -37.75 -9.52
C VAL A 129 20.16 -37.29 -10.58
N ASN A 130 20.70 -38.24 -11.33
CA ASN A 130 21.59 -37.96 -12.46
C ASN A 130 20.86 -37.25 -13.61
N LYS A 131 19.58 -37.57 -13.80
CA LYS A 131 18.74 -36.93 -14.82
C LYS A 131 18.62 -35.42 -14.58
N ALA A 132 18.33 -35.06 -13.31
CA ALA A 132 18.20 -33.66 -12.90
C ALA A 132 19.50 -32.88 -13.03
N LEU A 133 20.58 -33.43 -12.46
CA LEU A 133 21.88 -32.75 -12.42
C LEU A 133 22.44 -32.39 -13.81
N LYS A 134 22.24 -33.26 -14.80
CA LYS A 134 22.64 -32.96 -16.18
C LYS A 134 21.75 -31.86 -16.80
N ALA A 135 20.46 -31.94 -16.54
CA ALA A 135 19.50 -30.94 -17.02
C ALA A 135 19.72 -29.56 -16.37
N THR A 136 19.98 -29.55 -15.07
CA THR A 136 20.20 -28.30 -14.33
C THR A 136 21.49 -27.59 -14.76
N VAL A 137 22.59 -28.33 -14.87
CA VAL A 137 23.89 -27.76 -15.26
C VAL A 137 24.09 -27.84 -16.79
N SER A 138 23.03 -27.59 -17.55
CA SER A 138 23.06 -27.70 -19.01
C SER A 138 23.70 -26.45 -19.61
N ASP A 139 23.08 -25.30 -19.35
CA ASP A 139 23.48 -24.03 -19.99
C ASP A 139 23.62 -22.90 -18.95
N VAL A 140 24.38 -23.17 -17.89
CA VAL A 140 24.60 -22.22 -16.80
C VAL A 140 25.26 -20.92 -17.31
N LYS A 141 26.06 -21.02 -18.37
CA LYS A 141 26.68 -19.85 -18.98
C LYS A 141 25.68 -18.84 -19.58
N HIS A 142 24.44 -19.26 -19.83
CA HIS A 142 23.40 -18.40 -20.43
C HIS A 142 22.14 -18.17 -19.57
N TRP A 143 22.14 -18.63 -18.30
CA TRP A 143 20.97 -18.48 -17.41
C TRP A 143 20.39 -17.06 -17.28
N ALA A 144 21.25 -16.04 -17.36
CA ALA A 144 20.82 -14.64 -17.33
C ALA A 144 20.32 -14.12 -18.68
N GLY A 145 20.31 -14.98 -19.70
CA GLY A 145 19.86 -14.60 -21.03
C GLY A 145 21.06 -14.23 -21.87
N TYR A 146 20.78 -13.56 -22.99
CA TYR A 146 21.82 -13.15 -23.92
C TYR A 146 21.35 -12.03 -24.82
N LEU A 147 22.30 -11.32 -25.41
CA LEU A 147 22.00 -10.20 -26.28
C LEU A 147 22.11 -10.61 -27.73
N THR A 148 21.19 -10.12 -28.55
CA THR A 148 21.26 -10.30 -29.99
C THR A 148 22.29 -9.32 -30.53
N GLU A 149 22.56 -9.39 -31.83
CA GLU A 149 23.43 -8.40 -32.50
C GLU A 149 22.81 -7.00 -32.53
N ASP A 150 21.48 -6.92 -32.42
CA ASP A 150 20.78 -5.63 -32.29
C ASP A 150 20.70 -5.10 -30.85
N GLY A 151 21.26 -5.83 -29.88
CA GLY A 151 21.23 -5.42 -28.48
C GLY A 151 19.89 -5.63 -27.81
N GLU A 152 19.15 -6.65 -28.27
CA GLU A 152 17.90 -7.07 -27.66
C GLU A 152 18.26 -8.17 -26.67
N HIS A 153 17.61 -8.17 -25.50
CA HIS A 153 17.92 -9.13 -24.45
C HIS A 153 16.89 -10.27 -24.50
N VAL A 154 17.36 -11.45 -24.91
CA VAL A 154 16.54 -12.65 -24.98
C VAL A 154 16.62 -13.35 -23.63
N ILE A 155 15.47 -13.55 -23.00
CA ILE A 155 15.37 -14.00 -21.61
C ILE A 155 14.55 -15.28 -21.53
N ASP A 156 14.92 -16.17 -20.62
CA ASP A 156 14.20 -17.41 -20.38
C ASP A 156 13.37 -17.24 -19.10
N LEU A 157 12.06 -17.44 -19.19
CA LEU A 157 11.17 -17.18 -18.07
C LEU A 157 11.32 -18.14 -16.90
N LEU A 158 11.90 -19.31 -17.14
CA LEU A 158 12.17 -20.27 -16.06
C LEU A 158 13.39 -19.94 -15.20
N LYS A 159 14.40 -19.25 -15.75
CA LYS A 159 15.66 -19.04 -15.03
C LYS A 159 15.56 -17.89 -14.03
N PRO A 160 16.34 -17.96 -12.94
CA PRO A 160 16.26 -16.93 -11.91
C PRO A 160 16.92 -15.61 -12.32
N ALA A 161 16.45 -14.53 -11.71
CA ALA A 161 16.93 -13.17 -12.01
C ALA A 161 18.16 -12.80 -11.16
N PRO A 162 19.18 -12.15 -11.77
CA PRO A 162 20.29 -11.62 -10.97
C PRO A 162 19.85 -10.52 -9.99
N GLY A 163 18.80 -9.77 -10.34
CA GLY A 163 18.25 -8.75 -9.48
C GLY A 163 16.92 -8.20 -10.00
N PRO A 164 16.25 -7.35 -9.20
CA PRO A 164 14.92 -6.81 -9.54
C PRO A 164 14.79 -5.94 -10.81
N HIS A 165 15.89 -5.42 -11.33
CA HIS A 165 15.89 -4.59 -12.55
C HIS A 165 16.43 -5.27 -13.81
N PHE A 166 16.95 -6.49 -13.69
CA PHE A 166 17.73 -7.13 -14.76
C PHE A 166 16.85 -7.48 -15.95
N TYR A 167 15.66 -8.01 -15.69
CA TYR A 167 14.73 -8.40 -16.73
C TYR A 167 13.63 -7.37 -17.00
N VAL A 168 13.93 -6.08 -16.82
CA VAL A 168 12.93 -5.01 -16.99
C VAL A 168 13.21 -4.23 -18.27
N ASN A 169 12.14 -3.78 -18.92
CA ASN A 169 12.20 -2.92 -20.13
C ASN A 169 11.33 -1.70 -19.87
N LEU A 170 11.72 -0.56 -20.45
CA LEU A 170 10.99 0.69 -20.32
C LEU A 170 10.40 1.09 -21.67
N LEU A 171 9.10 1.36 -21.69
CA LEU A 171 8.40 1.80 -22.91
C LEU A 171 7.98 3.26 -22.80
N ILE A 172 7.91 3.93 -23.95
CA ILE A 172 7.59 5.34 -24.01
C ILE A 172 6.74 5.65 -25.23
N GLY A 173 5.77 6.55 -25.08
CA GLY A 173 4.96 7.03 -26.20
C GLY A 173 5.71 7.99 -27.12
N ASN A 174 4.97 8.89 -27.76
CA ASN A 174 5.56 9.90 -28.65
C ASN A 174 4.56 11.03 -28.84
N ARG A 175 4.82 12.17 -28.20
CA ARG A 175 3.96 13.36 -28.29
C ARG A 175 4.63 14.54 -29.02
N LEU A 176 5.61 14.23 -29.88
CA LEU A 176 6.31 15.26 -30.62
C LEU A 176 5.35 15.90 -31.60
N GLY A 177 5.37 17.23 -31.68
CA GLY A 177 4.46 17.98 -32.54
C GLY A 177 3.02 17.99 -32.04
N PHE A 178 2.86 17.84 -30.73
CA PHE A 178 1.55 17.90 -30.07
C PHE A 178 1.66 18.72 -28.78
N LYS A 179 0.53 19.21 -28.30
CA LYS A 179 0.50 20.12 -27.16
C LYS A 179 1.21 19.51 -25.94
N ARG A 180 2.16 20.27 -25.39
CA ARG A 180 2.88 19.92 -24.17
C ARG A 180 3.41 18.49 -24.15
N THR A 181 4.44 18.29 -24.96
CA THR A 181 5.10 16.98 -25.12
C THR A 181 5.62 16.47 -23.77
N LEU A 182 6.43 17.31 -23.12
CA LEU A 182 7.09 16.97 -21.86
C LEU A 182 6.13 16.44 -20.79
N GLN A 183 4.95 17.04 -20.65
CA GLN A 183 4.00 16.59 -19.60
C GLN A 183 3.07 15.45 -20.01
N THR A 184 2.71 15.34 -21.29
CA THR A 184 1.67 14.39 -21.74
C THR A 184 2.14 13.03 -22.27
N THR A 185 3.45 12.86 -22.53
CA THR A 185 3.96 11.62 -23.13
C THR A 185 3.85 10.40 -22.19
N PRO A 186 3.12 9.35 -22.61
CA PRO A 186 2.89 8.20 -21.75
C PRO A 186 4.10 7.29 -21.60
N LYS A 187 4.06 6.49 -20.57
CA LYS A 187 5.22 5.73 -20.08
C LYS A 187 4.76 4.45 -19.38
N SER A 188 5.52 3.37 -19.54
CA SER A 188 5.17 2.10 -18.93
C SER A 188 6.38 1.22 -18.72
N VAL A 189 6.26 0.30 -17.76
CA VAL A 189 7.34 -0.60 -17.40
C VAL A 189 6.83 -2.02 -17.50
N VAL A 190 7.64 -2.88 -18.09
CA VAL A 190 7.25 -4.21 -18.52
C VAL A 190 8.37 -5.12 -18.12
N ASP A 191 8.08 -6.13 -17.29
CA ASP A 191 9.08 -7.12 -16.94
C ASP A 191 8.96 -8.31 -17.91
N ARG A 192 9.70 -9.37 -17.65
CA ARG A 192 9.74 -10.53 -18.55
C ARG A 192 8.42 -11.29 -18.71
N PHE A 193 7.55 -11.23 -17.70
CA PHE A 193 6.20 -11.82 -17.80
C PHE A 193 5.14 -10.80 -18.25
N GLY A 194 5.57 -9.63 -18.75
CA GLY A 194 4.65 -8.55 -19.06
C GLY A 194 4.05 -7.84 -17.86
N ARG A 195 4.56 -8.12 -16.66
CA ARG A 195 4.00 -7.53 -15.45
C ARG A 195 4.47 -6.09 -15.34
N GLY A 196 3.63 -5.25 -14.73
CA GLY A 196 3.99 -3.88 -14.42
C GLY A 196 2.82 -2.92 -14.50
N SER A 197 3.13 -1.64 -14.69
CA SER A 197 2.14 -0.57 -14.69
C SER A 197 2.47 0.43 -15.79
N PHE A 198 1.50 1.30 -16.06
CA PHE A 198 1.48 2.12 -17.25
C PHE A 198 0.79 3.43 -16.92
N ARG A 199 1.45 4.54 -17.28
CA ARG A 199 1.03 5.90 -16.88
C ARG A 199 0.84 6.89 -18.02
N SER A 200 -0.12 7.80 -17.85
CA SER A 200 -0.23 8.97 -18.73
C SER A 200 0.49 10.15 -18.07
N HIS A 201 0.03 11.38 -18.33
CA HIS A 201 0.67 12.56 -17.78
C HIS A 201 0.90 12.50 -16.28
N ALA A 202 2.02 13.07 -15.84
CA ALA A 202 2.36 13.22 -14.42
C ALA A 202 2.38 11.85 -13.71
N ALA A 203 1.67 11.68 -12.61
CA ALA A 203 1.58 10.40 -11.90
C ALA A 203 0.25 9.68 -12.17
N THR A 204 -0.49 10.10 -13.21
CA THR A 204 -1.80 9.50 -13.49
C THR A 204 -1.62 8.05 -13.90
N GLN A 205 -2.27 7.15 -13.18
CA GLN A 205 -2.18 5.72 -13.43
C GLN A 205 -3.26 5.27 -14.42
N VAL A 206 -2.85 4.58 -15.48
CA VAL A 206 -3.80 3.88 -16.34
C VAL A 206 -4.01 2.48 -15.75
N LEU A 207 -2.95 1.70 -15.63
CA LEU A 207 -3.00 0.43 -14.89
C LEU A 207 -2.38 0.59 -13.50
N ALA A 208 -2.90 -0.17 -12.55
CA ALA A 208 -2.58 0.02 -11.14
C ALA A 208 -1.10 -0.21 -10.83
N THR A 209 -0.48 0.77 -10.19
CA THR A 209 0.85 0.61 -9.62
C THR A 209 0.64 -0.05 -8.26
N ARG A 210 1.64 -0.77 -7.78
CA ARG A 210 1.59 -1.45 -6.48
C ARG A 210 2.66 -0.88 -5.58
N PHE A 211 2.27 -0.45 -4.38
CA PHE A 211 3.18 0.10 -3.38
C PHE A 211 3.29 -0.89 -2.24
N ASP A 212 4.13 -1.89 -2.44
CA ASP A 212 4.32 -2.98 -1.48
C ASP A 212 5.81 -3.11 -1.07
N MET A 213 6.15 -4.24 -0.45
CA MET A 213 7.38 -4.42 0.28
C MET A 213 8.57 -4.79 -0.61
N ARG A 214 8.27 -5.38 -1.77
CA ARG A 214 9.27 -5.90 -2.69
C ARG A 214 9.45 -5.01 -3.93
N GLN A 215 10.70 -4.83 -4.36
CA GLN A 215 11.05 -4.13 -5.61
C GLN A 215 10.42 -4.79 -6.85
N GLU A 216 10.39 -6.12 -6.82
CA GLU A 216 9.89 -6.93 -7.93
C GLU A 216 8.45 -6.59 -8.37
N GLU A 217 7.63 -6.10 -7.44
CA GLU A 217 6.24 -5.77 -7.73
C GLU A 217 6.01 -4.29 -8.02
N ASN A 218 6.07 -3.95 -9.30
CA ASN A 218 5.74 -2.62 -9.75
C ASN A 218 4.22 -2.46 -9.91
N GLY A 219 3.54 -3.47 -10.44
CA GLY A 219 2.10 -3.38 -10.72
C GLY A 219 1.26 -4.36 -9.93
N PHE A 220 -0.07 -4.17 -10.03
CA PHE A 220 -1.01 -5.18 -9.59
C PHE A 220 -0.78 -6.43 -10.43
N PRO A 221 -0.86 -7.63 -9.84
CA PRO A 221 -0.38 -8.81 -10.56
C PRO A 221 -1.14 -9.14 -11.84
N ALA A 222 -2.44 -8.94 -11.82
CA ALA A 222 -3.29 -9.16 -13.00
C ALA A 222 -2.93 -8.35 -14.25
N ASN A 223 -2.36 -7.15 -14.08
CA ASN A 223 -2.07 -6.26 -15.22
C ASN A 223 -1.40 -7.02 -16.38
N ARG A 224 -2.03 -6.92 -17.56
CA ARG A 224 -1.54 -7.46 -18.83
C ARG A 224 -1.59 -8.98 -18.99
N GLN A 225 -2.11 -9.72 -18.01
CA GLN A 225 -2.12 -11.18 -18.05
C GLN A 225 -3.43 -11.70 -18.61
N PHE A 226 -3.41 -12.98 -19.01
CA PHE A 226 -4.59 -13.61 -19.58
C PHE A 226 -4.54 -15.14 -19.48
N TYR A 227 -5.72 -15.75 -19.59
CA TYR A 227 -5.87 -17.20 -19.45
C TYR A 227 -6.43 -17.73 -20.76
N LEU A 228 -6.20 -19.01 -21.03
CA LEU A 228 -6.86 -19.70 -22.16
C LEU A 228 -7.50 -20.97 -21.62
N TYR A 229 -8.71 -21.26 -22.12
CA TYR A 229 -9.50 -22.40 -21.67
C TYR A 229 -9.91 -23.26 -22.86
N GLU A 230 -10.01 -24.56 -22.64
CA GLU A 230 -10.43 -25.52 -23.65
C GLU A 230 -11.48 -26.46 -23.05
N ASP A 231 -12.71 -26.29 -23.50
CA ASP A 231 -13.84 -27.13 -23.13
C ASP A 231 -14.08 -27.20 -21.62
N GLY A 232 -13.93 -26.06 -20.94
CA GLY A 232 -14.16 -25.96 -19.50
C GLY A 232 -12.93 -25.87 -18.61
N LYS A 233 -11.83 -26.53 -19.00
CA LYS A 233 -10.60 -26.55 -18.20
C LYS A 233 -9.68 -25.37 -18.55
N GLN A 234 -8.87 -24.94 -17.59
CA GLN A 234 -7.83 -23.93 -17.83
C GLN A 234 -6.56 -24.63 -18.33
N ILE A 235 -6.00 -24.13 -19.43
CA ILE A 235 -4.81 -24.71 -20.05
C ILE A 235 -3.62 -23.76 -20.12
N PHE A 236 -3.77 -22.53 -19.63
CA PHE A 236 -2.71 -21.52 -19.79
C PHE A 236 -2.89 -20.34 -18.82
N TYR A 237 -1.79 -19.78 -18.34
CA TYR A 237 -1.81 -18.46 -17.71
C TYR A 237 -0.50 -17.78 -17.99
N SER A 238 -0.58 -16.59 -18.57
CA SER A 238 0.58 -15.89 -19.09
C SER A 238 1.68 -15.61 -18.06
N ALA A 239 1.33 -15.59 -16.77
CA ALA A 239 2.31 -15.41 -15.68
C ALA A 239 2.67 -16.69 -14.92
N LEU A 240 2.31 -17.85 -15.46
CA LEU A 240 2.63 -19.12 -14.82
C LEU A 240 3.20 -20.12 -15.82
N ILE A 241 4.51 -20.37 -15.71
CA ILE A 241 5.13 -21.48 -16.40
C ILE A 241 4.82 -22.77 -15.63
N ASP A 242 4.11 -23.69 -16.27
CA ASP A 242 3.72 -24.99 -15.70
C ASP A 242 4.25 -26.12 -16.57
N ASP A 243 3.92 -27.37 -16.22
CA ASP A 243 4.35 -28.56 -16.98
C ASP A 243 3.94 -28.51 -18.46
N ASN A 244 2.77 -27.93 -18.76
CA ASN A 244 2.29 -27.77 -20.14
C ASN A 244 3.15 -26.83 -21.01
N ILE A 245 3.92 -25.91 -20.42
CA ILE A 245 4.79 -25.01 -21.18
C ILE A 245 6.16 -25.67 -21.43
N VAL A 246 6.56 -25.70 -22.70
CA VAL A 246 7.81 -26.34 -23.13
C VAL A 246 8.89 -25.27 -23.36
N GLU A 247 8.59 -24.31 -24.22
CA GLU A 247 9.44 -23.13 -24.45
C GLU A 247 8.70 -21.94 -23.89
N ALA A 248 9.45 -21.00 -23.33
CA ALA A 248 8.89 -19.74 -22.84
C ALA A 248 9.99 -18.70 -22.72
N THR A 249 10.07 -17.79 -23.69
CA THR A 249 11.16 -16.82 -23.79
C THR A 249 10.58 -15.40 -23.87
N CYS A 250 11.38 -14.41 -23.50
CA CYS A 250 10.99 -13.00 -23.60
C CYS A 250 12.11 -12.20 -24.23
N LYS A 251 11.76 -11.33 -25.17
CA LYS A 251 12.77 -10.52 -25.87
C LYS A 251 12.49 -9.03 -25.67
N HIS A 252 13.28 -8.41 -24.80
CA HIS A 252 13.18 -6.97 -24.54
C HIS A 252 14.01 -6.23 -25.58
N SER A 253 13.41 -5.20 -26.19
CA SER A 253 13.98 -4.47 -27.31
C SER A 253 13.71 -2.98 -27.17
N CYS A 254 14.13 -2.17 -28.15
CA CYS A 254 13.91 -0.72 -28.10
C CYS A 254 12.43 -0.36 -28.30
N ASN A 255 11.75 -0.19 -27.16
CA ASN A 255 10.39 0.33 -27.07
C ASN A 255 9.30 -0.70 -27.42
N ARG A 256 9.64 -1.98 -27.36
CA ARG A 256 8.63 -3.04 -27.34
C ARG A 256 9.18 -4.26 -26.64
N THR A 257 8.27 -5.14 -26.22
CA THR A 257 8.63 -6.39 -25.55
C THR A 257 7.82 -7.46 -26.25
N VAL A 258 8.43 -8.59 -26.52
CA VAL A 258 7.74 -9.74 -27.12
C VAL A 258 8.00 -10.97 -26.27
N ILE A 259 6.94 -11.67 -25.89
CA ILE A 259 7.03 -12.85 -25.07
C ILE A 259 6.38 -13.98 -25.86
N LYS A 260 7.12 -15.06 -26.08
CA LYS A 260 6.65 -16.24 -26.83
C LYS A 260 6.49 -17.43 -25.90
N TYR A 261 5.57 -18.33 -26.23
CA TYR A 261 5.41 -19.60 -25.51
C TYR A 261 5.17 -20.72 -26.51
N LYS A 262 5.45 -21.95 -26.09
CA LYS A 262 5.07 -23.16 -26.84
C LYS A 262 4.53 -24.16 -25.83
N THR A 263 3.28 -24.60 -26.00
CA THR A 263 2.66 -25.59 -25.11
C THR A 263 2.91 -27.04 -25.58
N ALA A 264 2.69 -28.00 -24.69
CA ALA A 264 2.78 -29.43 -25.04
C ALA A 264 1.63 -29.82 -25.98
N CYS A 265 0.44 -29.28 -25.71
CA CYS A 265 -0.73 -29.42 -26.58
C CYS A 265 -0.59 -28.77 -27.98
N ASN A 266 0.51 -28.03 -28.19
CA ASN A 266 0.99 -27.59 -29.51
C ASN A 266 0.39 -26.24 -29.96
N LEU A 267 0.38 -25.26 -29.05
CA LEU A 267 0.00 -23.87 -29.34
C LEU A 267 1.22 -22.96 -29.26
N GLU A 268 1.31 -22.01 -30.19
CA GLU A 268 2.42 -21.08 -30.23
C GLU A 268 1.90 -19.67 -29.93
N ILE A 269 2.04 -19.26 -28.66
CA ILE A 269 1.45 -18.02 -28.15
C ILE A 269 2.50 -16.90 -28.13
N THR A 270 2.11 -15.73 -28.63
CA THR A 270 3.02 -14.59 -28.78
C THR A 270 2.33 -13.30 -28.35
N ARG A 271 2.87 -12.69 -27.31
CA ARG A 271 2.39 -11.43 -26.77
C ARG A 271 3.38 -10.36 -27.22
N THR A 272 2.86 -9.25 -27.71
CA THR A 272 3.69 -8.10 -28.12
C THR A 272 3.13 -6.89 -27.43
N ILE A 273 3.94 -6.20 -26.63
CA ILE A 273 3.51 -5.02 -25.89
C ILE A 273 4.26 -3.81 -26.40
N PHE A 274 3.51 -2.74 -26.68
CA PHE A 274 4.10 -1.43 -26.97
C PHE A 274 3.06 -0.33 -26.78
N LEU A 275 3.52 0.91 -26.63
CA LEU A 275 2.64 2.06 -26.49
C LEU A 275 2.41 2.70 -27.85
N VAL A 276 1.18 3.11 -28.11
CA VAL A 276 0.80 3.69 -29.40
C VAL A 276 1.34 5.12 -29.51
N PRO A 277 2.00 5.45 -30.65
CA PRO A 277 2.39 6.84 -30.85
C PRO A 277 1.17 7.66 -31.21
N HIS A 278 1.22 8.96 -30.93
CA HIS A 278 0.04 9.80 -30.99
C HIS A 278 -0.34 10.15 -32.42
N LYS A 279 -1.63 10.04 -32.71
CA LYS A 279 -2.21 10.49 -33.97
C LYS A 279 -3.26 11.54 -33.67
N LYS A 280 -3.83 12.15 -34.70
CA LYS A 280 -4.89 13.16 -34.54
C LYS A 280 -6.14 12.51 -33.92
N GLY A 281 -6.62 13.08 -32.83
CA GLY A 281 -7.87 12.64 -32.19
C GLY A 281 -7.82 11.34 -31.40
N PHE A 282 -6.62 10.90 -31.04
CA PHE A 282 -6.43 9.68 -30.24
C PHE A 282 -6.55 10.03 -28.74
N PRO A 283 -6.74 9.00 -27.89
CA PRO A 283 -6.62 9.22 -26.46
C PRO A 283 -5.20 9.66 -26.09
N LEU A 284 -5.06 10.38 -24.98
CA LEU A 284 -3.78 10.87 -24.51
C LEU A 284 -2.77 9.74 -24.23
N ALA A 285 -3.24 8.62 -23.70
CA ALA A 285 -2.38 7.46 -23.43
C ALA A 285 -3.08 6.17 -23.85
N THR A 286 -2.42 5.35 -24.67
CA THR A 286 -2.96 4.05 -25.13
C THR A 286 -1.86 3.00 -25.24
N GLU A 287 -2.04 1.85 -24.58
CA GLU A 287 -1.10 0.71 -24.63
C GLU A 287 -1.74 -0.46 -25.35
N LEU A 288 -0.99 -1.08 -26.24
CA LEU A 288 -1.48 -2.13 -27.14
C LEU A 288 -0.78 -3.45 -26.81
N GLN A 289 -1.54 -4.52 -26.57
CA GLN A 289 -0.96 -5.87 -26.49
C GLN A 289 -1.61 -6.76 -27.55
N ARG A 290 -0.79 -7.22 -28.50
CA ARG A 290 -1.25 -8.15 -29.54
C ARG A 290 -0.89 -9.57 -29.13
N ILE A 291 -1.90 -10.42 -29.03
CA ILE A 291 -1.72 -11.83 -28.69
C ILE A 291 -2.05 -12.65 -29.93
N GLU A 292 -1.01 -13.24 -30.54
CA GLU A 292 -1.16 -14.23 -31.63
C GLU A 292 -1.27 -15.62 -30.99
N ILE A 293 -2.12 -16.49 -31.54
CA ILE A 293 -2.24 -17.88 -31.09
C ILE A 293 -2.35 -18.79 -32.32
N LYS A 294 -1.27 -19.52 -32.62
CA LYS A 294 -1.22 -20.46 -33.76
C LYS A 294 -1.45 -21.88 -33.26
N ASN A 295 -2.33 -22.61 -33.94
CA ASN A 295 -2.58 -24.04 -33.67
C ASN A 295 -1.67 -24.90 -34.57
N ALA A 296 -0.54 -25.34 -34.01
CA ALA A 296 0.42 -26.17 -34.74
C ALA A 296 0.00 -27.64 -34.94
N SER A 297 -1.03 -28.11 -34.21
CA SER A 297 -1.47 -29.52 -34.29
C SER A 297 -2.30 -29.82 -35.55
N ASP A 298 -2.64 -31.09 -35.73
CA ASP A 298 -3.39 -31.56 -36.89
C ASP A 298 -4.89 -31.22 -36.86
N LYS A 299 -5.49 -31.20 -35.65
CA LYS A 299 -6.92 -30.90 -35.48
C LYS A 299 -7.18 -29.48 -34.98
N ALA A 300 -8.37 -28.96 -35.27
CA ALA A 300 -8.79 -27.62 -34.83
C ALA A 300 -9.24 -27.62 -33.38
N ARG A 301 -9.14 -26.46 -32.73
CA ARG A 301 -9.43 -26.32 -31.29
C ARG A 301 -10.40 -25.18 -30.99
N ASN A 302 -11.34 -25.43 -30.08
CA ASN A 302 -12.28 -24.43 -29.59
C ASN A 302 -11.80 -23.92 -28.24
N LEU A 303 -11.31 -22.67 -28.22
CA LEU A 303 -10.73 -22.07 -27.02
C LEU A 303 -11.46 -20.79 -26.64
N SER A 304 -11.08 -20.24 -25.49
CA SER A 304 -11.53 -18.92 -25.09
C SER A 304 -10.44 -18.22 -24.29
N ILE A 305 -10.36 -16.90 -24.47
CA ILE A 305 -9.41 -16.04 -23.75
C ILE A 305 -10.14 -15.22 -22.68
N THR A 306 -9.49 -15.05 -21.53
CA THR A 306 -9.92 -14.11 -20.50
C THR A 306 -8.76 -13.18 -20.21
N TYR A 307 -8.91 -11.90 -20.57
CA TYR A 307 -7.86 -10.90 -20.40
C TYR A 307 -8.17 -10.06 -19.17
N THR A 308 -7.21 -9.95 -18.25
CA THR A 308 -7.39 -9.30 -16.96
C THR A 308 -6.50 -8.09 -16.74
N GLY A 309 -6.82 -7.33 -15.71
CA GLY A 309 -6.08 -6.12 -15.35
C GLY A 309 -6.81 -5.30 -14.32
N MET A 310 -6.07 -4.41 -13.67
CA MET A 310 -6.60 -3.53 -12.64
C MET A 310 -6.29 -2.10 -13.05
N PHE A 311 -7.32 -1.27 -13.19
CA PHE A 311 -7.12 0.15 -13.42
C PHE A 311 -6.51 0.81 -12.20
N GLY A 312 -5.79 1.89 -12.42
CA GLY A 312 -5.22 2.69 -11.34
C GLY A 312 -6.28 3.61 -10.77
N THR A 313 -6.20 3.84 -9.46
CA THR A 313 -7.10 4.78 -8.80
C THR A 313 -6.70 6.23 -9.10
N GLY A 314 -7.69 7.11 -9.12
CA GLY A 314 -7.44 8.54 -9.18
C GLY A 314 -6.98 9.05 -7.83
N ALA A 315 -7.61 8.55 -6.77
CA ALA A 315 -7.26 8.92 -5.39
C ALA A 315 -6.10 8.08 -4.92
N VAL A 316 -4.90 8.43 -5.35
CA VAL A 316 -3.70 7.64 -5.03
C VAL A 316 -3.32 7.77 -3.55
N HIS A 317 -3.38 8.99 -3.00
CA HIS A 317 -3.06 9.22 -1.60
C HIS A 317 -3.95 8.38 -0.68
N ALA A 318 -5.23 8.26 -1.01
CA ALA A 318 -6.20 7.53 -0.19
C ALA A 318 -5.91 6.03 -0.02
N ILE A 319 -5.15 5.44 -0.94
CA ILE A 319 -4.70 4.04 -0.80
C ILE A 319 -4.07 3.80 0.58
N PHE A 320 -3.37 4.80 1.12
CA PHE A 320 -2.82 4.74 2.47
C PHE A 320 -3.78 5.30 3.54
N GLU A 321 -4.29 6.51 3.35
CA GLU A 321 -5.14 7.15 4.37
C GLU A 321 -6.54 6.53 4.51
N ASP A 322 -7.13 6.06 3.39
CA ASP A 322 -8.53 5.58 3.39
C ASP A 322 -8.87 4.72 2.14
N VAL A 323 -8.52 3.44 2.21
CA VAL A 323 -8.81 2.48 1.12
C VAL A 323 -10.29 2.36 0.80
N THR A 324 -11.15 2.49 1.81
CA THR A 324 -12.59 2.39 1.59
C THR A 324 -13.12 3.58 0.79
N TYR A 325 -12.47 4.73 0.91
CA TYR A 325 -12.79 5.90 0.08
C TYR A 325 -12.51 5.60 -1.39
N THR A 326 -11.30 5.09 -1.69
CA THR A 326 -10.96 4.75 -3.07
C THR A 326 -11.98 3.82 -3.72
N ASN A 327 -12.59 2.94 -2.94
CA ASN A 327 -13.59 2.01 -3.47
C ASN A 327 -14.96 2.64 -3.70
N VAL A 328 -15.47 3.42 -2.75
CA VAL A 328 -16.83 3.98 -2.89
C VAL A 328 -16.96 5.15 -3.86
N ILE A 329 -15.87 5.87 -4.13
CA ILE A 329 -15.94 7.01 -5.06
C ILE A 329 -16.12 6.65 -6.54
N MET A 330 -15.92 5.37 -6.90
CA MET A 330 -16.05 4.93 -8.29
C MET A 330 -16.93 3.69 -8.44
N GLN A 331 -17.26 3.40 -9.70
CA GLN A 331 -18.06 2.24 -10.07
C GLN A 331 -17.67 1.79 -11.47
N SER A 332 -17.94 0.54 -11.80
CA SER A 332 -17.67 0.04 -13.13
C SER A 332 -18.73 0.53 -14.11
N ALA A 333 -18.34 0.65 -15.37
CA ALA A 333 -19.25 0.98 -16.46
C ALA A 333 -18.87 0.16 -17.71
N ALA A 334 -19.87 -0.23 -18.49
CA ALA A 334 -19.66 -1.00 -19.74
C ALA A 334 -19.74 -0.07 -20.95
N LEU A 335 -19.00 -0.42 -22.00
CA LEU A 335 -18.95 0.36 -23.25
C LEU A 335 -19.61 -0.43 -24.38
N TYR A 336 -20.39 0.27 -25.21
CA TYR A 336 -21.09 -0.35 -26.33
C TYR A 336 -20.95 0.50 -27.60
N ASN A 337 -20.68 -0.17 -28.73
CA ASN A 337 -20.58 0.52 -30.04
C ASN A 337 -21.96 0.81 -30.68
N ASP A 338 -21.92 1.43 -31.87
CA ASP A 338 -23.12 1.72 -32.69
C ASP A 338 -24.11 0.55 -32.85
N LYS A 339 -23.58 -0.65 -33.03
CA LYS A 339 -24.38 -1.87 -33.27
C LYS A 339 -24.90 -2.61 -32.00
N GLY A 340 -24.78 -1.97 -30.82
CA GLY A 340 -25.26 -2.56 -29.57
C GLY A 340 -24.43 -3.73 -29.06
N GLU A 341 -23.14 -3.71 -29.40
CA GLU A 341 -22.20 -4.79 -29.07
C GLU A 341 -21.28 -4.31 -27.97
N PHE A 342 -21.14 -5.11 -26.91
CA PHE A 342 -20.19 -4.82 -25.83
C PHE A 342 -18.77 -4.85 -26.38
N ILE A 343 -18.01 -3.82 -26.07
CA ILE A 343 -16.60 -3.73 -26.47
C ILE A 343 -15.62 -3.74 -25.28
N GLY A 344 -16.00 -3.15 -24.14
CA GLY A 344 -15.12 -3.12 -22.97
C GLY A 344 -15.62 -2.37 -21.75
N ILE A 345 -14.70 -2.10 -20.83
CA ILE A 345 -15.02 -1.59 -19.48
C ILE A 345 -14.33 -0.26 -19.22
N THR A 346 -14.99 0.61 -18.45
CA THR A 346 -14.41 1.87 -17.95
C THR A 346 -14.79 2.09 -16.48
N PRO A 347 -13.87 2.63 -15.66
CA PRO A 347 -14.22 3.05 -14.29
C PRO A 347 -14.78 4.47 -14.27
N ASP A 348 -15.91 4.65 -13.59
CA ASP A 348 -16.65 5.91 -13.58
C ASP A 348 -16.58 6.53 -12.18
N TYR A 349 -16.07 7.76 -12.06
CA TYR A 349 -15.89 8.42 -10.76
C TYR A 349 -16.97 9.44 -10.49
N TYR A 350 -17.34 9.59 -9.21
CA TYR A 350 -18.27 10.65 -8.78
C TYR A 350 -17.63 12.03 -8.55
N PRO A 351 -16.49 12.11 -7.85
CA PRO A 351 -15.89 13.43 -7.63
C PRO A 351 -15.34 14.08 -8.91
N GLU A 352 -15.61 15.38 -9.08
CA GLU A 352 -15.22 16.09 -10.29
C GLU A 352 -13.72 16.05 -10.53
N GLU A 353 -12.94 16.12 -9.46
CA GLU A 353 -11.48 16.05 -9.59
C GLU A 353 -10.94 14.73 -10.18
N PHE A 354 -11.65 13.61 -10.00
CA PHE A 354 -11.27 12.34 -10.64
C PHE A 354 -12.01 12.04 -11.96
N LYS A 355 -12.83 12.99 -12.42
CA LYS A 355 -13.51 12.87 -13.70
C LYS A 355 -12.70 13.48 -14.84
N GLN A 356 -11.64 14.20 -14.51
CA GLN A 356 -10.81 14.88 -15.52
C GLN A 356 -9.95 13.93 -16.33
N ASP A 357 -9.83 12.67 -15.91
CA ASP A 357 -9.25 11.60 -16.72
C ASP A 357 -10.27 10.46 -16.83
N THR A 358 -10.35 9.82 -17.99
CA THR A 358 -11.30 8.71 -18.21
C THR A 358 -10.59 7.53 -18.86
N ARG A 359 -10.62 6.38 -18.18
CA ARG A 359 -9.86 5.20 -18.59
C ARG A 359 -10.73 4.24 -19.41
N PHE A 360 -10.08 3.28 -20.07
CA PHE A 360 -10.77 2.22 -20.79
C PHE A 360 -9.90 0.99 -21.01
N VAL A 361 -10.55 -0.13 -21.32
CA VAL A 361 -9.90 -1.29 -21.91
C VAL A 361 -10.86 -1.91 -22.94
N THR A 362 -10.32 -2.28 -24.09
CA THR A 362 -11.11 -2.88 -25.18
C THR A 362 -10.38 -4.11 -25.67
N MET A 363 -11.10 -5.00 -26.35
CA MET A 363 -10.53 -6.18 -26.97
C MET A 363 -11.14 -6.37 -28.34
N ILE A 364 -10.36 -6.89 -29.28
CA ILE A 364 -10.85 -7.23 -30.62
C ILE A 364 -10.27 -8.58 -31.00
N VAL A 365 -11.12 -9.58 -31.21
CA VAL A 365 -10.65 -10.91 -31.62
C VAL A 365 -10.76 -11.05 -33.13
N ARG A 366 -9.62 -11.28 -33.78
CA ARG A 366 -9.53 -11.48 -35.22
C ARG A 366 -9.40 -12.97 -35.52
N ASN A 367 -10.11 -13.42 -36.55
CA ASN A 367 -10.10 -14.83 -36.95
C ASN A 367 -10.12 -14.88 -38.47
N GLY A 368 -8.99 -14.47 -39.05
CA GLY A 368 -8.86 -14.28 -40.50
C GLY A 368 -9.55 -13.00 -40.93
N ASP A 369 -10.69 -13.12 -41.62
CA ASP A 369 -11.47 -11.97 -42.06
C ASP A 369 -12.34 -11.39 -40.93
N GLU A 370 -12.89 -12.26 -40.09
CA GLU A 370 -13.91 -11.90 -39.10
C GLU A 370 -13.35 -11.26 -37.81
N LYS A 371 -13.57 -9.96 -37.66
CA LYS A 371 -13.31 -9.26 -36.40
C LYS A 371 -14.49 -9.53 -35.46
N SER A 372 -14.19 -9.59 -34.16
CA SER A 372 -15.23 -9.73 -33.14
C SER A 372 -14.82 -9.09 -31.82
N PHE A 373 -15.77 -9.02 -30.90
CA PHE A 373 -15.59 -8.36 -29.61
C PHE A 373 -15.79 -9.37 -28.50
N PRO A 374 -15.47 -9.00 -27.24
CA PRO A 374 -15.63 -9.99 -26.16
C PRO A 374 -17.10 -10.21 -25.77
N GLN A 375 -17.46 -11.46 -25.48
CA GLN A 375 -18.85 -11.87 -25.26
C GLN A 375 -19.25 -11.90 -23.80
N SER A 376 -18.27 -11.86 -22.89
CA SER A 376 -18.54 -11.85 -21.47
C SER A 376 -17.58 -10.92 -20.73
N PHE A 377 -17.87 -10.64 -19.46
CA PHE A 377 -16.96 -9.86 -18.62
C PHE A 377 -17.20 -10.04 -17.14
N CYS A 378 -16.21 -9.66 -16.34
CA CYS A 378 -16.30 -9.66 -14.87
C CYS A 378 -15.56 -8.44 -14.37
N THR A 379 -16.04 -7.81 -13.30
CA THR A 379 -15.37 -6.64 -12.69
C THR A 379 -15.32 -6.67 -11.16
N ASP A 380 -15.32 -7.86 -10.56
CA ASP A 380 -15.08 -7.99 -9.13
C ASP A 380 -14.04 -9.09 -8.93
N TYR A 381 -12.86 -8.67 -8.51
CA TYR A 381 -11.76 -9.59 -8.22
C TYR A 381 -12.25 -10.80 -7.42
N ASN A 382 -13.03 -10.56 -6.36
CA ASN A 382 -13.50 -11.64 -5.48
C ASN A 382 -14.32 -12.68 -6.20
N ASP A 383 -15.23 -12.21 -7.06
CA ASP A 383 -16.09 -13.10 -7.86
C ASP A 383 -15.27 -13.90 -8.89
N PHE A 384 -14.32 -13.22 -9.54
CA PHE A 384 -13.45 -13.85 -10.55
C PHE A 384 -12.53 -14.93 -9.96
N VAL A 385 -11.88 -14.63 -8.84
CA VAL A 385 -10.98 -15.61 -8.21
C VAL A 385 -11.77 -16.65 -7.44
N GLY A 386 -12.67 -16.19 -6.56
CA GLY A 386 -13.53 -17.08 -5.79
C GLY A 386 -12.72 -17.97 -4.87
N THR A 387 -13.08 -19.26 -4.83
CA THR A 387 -12.37 -20.29 -4.08
C THR A 387 -10.88 -20.42 -4.40
N GLY A 388 -10.49 -20.12 -5.65
CA GLY A 388 -9.13 -20.34 -6.12
C GLY A 388 -8.15 -19.22 -5.81
N THR A 389 -7.14 -19.09 -6.68
CA THR A 389 -6.15 -18.02 -6.62
C THR A 389 -6.13 -17.30 -7.96
N LEU A 390 -5.30 -16.27 -8.07
CA LEU A 390 -5.17 -15.53 -9.34
C LEU A 390 -4.57 -16.38 -10.46
N GLU A 391 -3.72 -17.35 -10.11
CA GLU A 391 -3.12 -18.26 -11.09
C GLU A 391 -4.11 -19.33 -11.56
N HIS A 392 -5.03 -19.72 -10.68
CA HIS A 392 -6.10 -20.67 -11.01
C HIS A 392 -7.43 -20.18 -10.44
N PRO A 393 -8.05 -19.17 -11.10
CA PRO A 393 -9.34 -18.67 -10.63
C PRO A 393 -10.43 -19.74 -10.65
N ALA A 394 -11.38 -19.64 -9.74
CA ALA A 394 -12.52 -20.53 -9.71
C ALA A 394 -13.59 -20.11 -10.72
N GLY A 395 -13.80 -18.80 -10.88
CA GLY A 395 -14.82 -18.27 -11.80
C GLY A 395 -14.22 -17.66 -13.04
N GLY A 396 -13.31 -18.40 -13.68
CA GLY A 396 -12.53 -17.89 -14.82
C GLY A 396 -13.11 -18.20 -16.19
N CYS A 397 -13.72 -19.38 -16.34
CA CYS A 397 -14.32 -19.80 -17.61
C CYS A 397 -15.64 -19.05 -17.85
N ASN A 398 -16.53 -19.12 -16.87
CA ASN A 398 -17.84 -18.43 -16.92
C ASN A 398 -17.79 -17.13 -16.13
N LEU A 399 -17.79 -16.00 -16.85
CA LEU A 399 -17.81 -14.68 -16.23
C LEU A 399 -19.26 -14.21 -16.06
N ASN A 400 -19.52 -13.52 -14.95
CA ASN A 400 -20.89 -13.21 -14.50
C ASN A 400 -21.52 -11.92 -15.05
N ASN A 401 -20.77 -11.14 -15.82
CA ASN A 401 -21.30 -9.92 -16.47
C ASN A 401 -21.97 -8.91 -15.55
N LYS A 402 -21.45 -8.80 -14.32
CA LYS A 402 -21.94 -7.85 -13.34
C LYS A 402 -21.04 -6.62 -13.31
N LEU A 403 -21.64 -5.44 -13.49
CA LEU A 403 -20.94 -4.19 -13.24
C LEU A 403 -20.92 -3.94 -11.74
N ASN A 404 -19.73 -3.75 -11.21
CA ASN A 404 -19.54 -3.51 -9.78
C ASN A 404 -19.97 -2.07 -9.47
N ARG A 405 -20.70 -1.89 -8.37
CA ARG A 405 -21.03 -0.54 -7.87
C ARG A 405 -19.85 0.12 -7.18
N LYS A 406 -18.88 -0.68 -6.73
CA LYS A 406 -17.68 -0.18 -6.06
C LYS A 406 -16.43 -0.41 -6.90
N GLY A 407 -15.38 0.32 -6.56
CA GLY A 407 -14.03 -0.07 -6.94
C GLY A 407 -13.54 -1.26 -6.11
N PRO A 408 -12.31 -1.71 -6.32
CA PRO A 408 -11.39 -1.13 -7.28
C PRO A 408 -11.68 -1.54 -8.73
N GLY A 409 -10.99 -0.91 -9.67
CA GLY A 409 -11.23 -1.10 -11.09
C GLY A 409 -10.62 -2.34 -11.70
N PHE A 410 -11.01 -3.49 -11.18
CA PHE A 410 -10.61 -4.78 -11.75
C PHE A 410 -11.47 -5.07 -12.96
N PHE A 411 -10.89 -5.72 -13.96
CA PHE A 411 -11.66 -6.17 -15.11
C PHE A 411 -11.18 -7.50 -15.64
N ALA A 412 -12.10 -8.21 -16.29
CA ALA A 412 -11.82 -9.43 -17.01
C ALA A 412 -12.69 -9.42 -18.27
N LEU A 413 -12.08 -9.59 -19.44
CA LEU A 413 -12.80 -9.57 -20.71
C LEU A 413 -12.66 -10.94 -21.32
N GLY A 414 -13.80 -11.56 -21.61
CA GLY A 414 -13.87 -12.94 -22.11
C GLY A 414 -14.38 -13.01 -23.54
N ALA A 415 -13.77 -13.90 -24.32
CA ALA A 415 -14.20 -14.16 -25.69
C ALA A 415 -13.86 -15.59 -26.09
N PRO A 416 -14.77 -16.29 -26.77
CA PRO A 416 -14.43 -17.58 -27.37
C PRO A 416 -13.89 -17.39 -28.80
N PHE A 417 -13.21 -18.42 -29.30
CA PHE A 417 -12.79 -18.47 -30.70
C PHE A 417 -12.33 -19.87 -31.08
N THR A 418 -12.56 -20.25 -32.34
CA THR A 418 -11.99 -21.47 -32.90
C THR A 418 -10.73 -21.09 -33.68
N VAL A 419 -9.73 -21.97 -33.65
CA VAL A 419 -8.52 -21.77 -34.43
C VAL A 419 -8.23 -23.05 -35.22
N GLU A 420 -8.43 -22.97 -36.54
CA GLU A 420 -8.26 -24.12 -37.44
C GLU A 420 -6.79 -24.54 -37.51
N PRO A 421 -6.51 -25.79 -37.92
CA PRO A 421 -5.14 -26.31 -37.79
C PRO A 421 -4.18 -25.65 -38.78
N GLY A 422 -3.20 -24.93 -38.24
CA GLY A 422 -2.29 -24.11 -39.05
C GLY A 422 -2.57 -22.61 -38.95
N LYS A 423 -3.86 -22.25 -38.89
CA LYS A 423 -4.27 -20.84 -38.82
C LYS A 423 -3.92 -20.20 -37.48
N THR A 424 -3.93 -18.87 -37.46
CA THR A 424 -3.61 -18.09 -36.26
C THR A 424 -4.76 -17.14 -35.91
N VAL A 425 -5.10 -17.08 -34.61
CA VAL A 425 -6.06 -16.11 -34.10
C VAL A 425 -5.28 -14.96 -33.45
N ILE A 426 -5.64 -13.74 -33.81
CA ILE A 426 -5.00 -12.53 -33.29
C ILE A 426 -6.00 -11.80 -32.38
N ILE A 427 -5.60 -11.55 -31.13
CA ILE A 427 -6.37 -10.76 -30.17
C ILE A 427 -5.58 -9.50 -29.83
N ASP A 428 -6.19 -8.33 -30.06
CA ASP A 428 -5.57 -7.03 -29.76
C ASP A 428 -6.33 -6.36 -28.64
N THR A 429 -5.62 -5.94 -27.60
CA THR A 429 -6.19 -5.16 -26.51
C THR A 429 -5.80 -3.70 -26.63
N PHE A 430 -6.66 -2.81 -26.12
CA PHE A 430 -6.39 -1.38 -26.11
C PHE A 430 -6.74 -0.81 -24.73
N THR A 431 -5.76 -0.81 -23.83
CA THR A 431 -5.90 -0.19 -22.51
C THR A 431 -5.42 1.24 -22.64
N GLY A 432 -6.08 2.19 -22.00
CA GLY A 432 -5.70 3.59 -22.16
C GLY A 432 -6.52 4.63 -21.42
N LEU A 433 -6.29 5.90 -21.77
CA LEU A 433 -6.76 7.04 -21.00
C LEU A 433 -6.92 8.27 -21.88
N SER A 434 -8.03 8.99 -21.71
CA SER A 434 -8.22 10.34 -22.26
C SER A 434 -8.25 11.33 -21.10
N SER A 435 -8.07 12.62 -21.40
CA SER A 435 -7.80 13.59 -20.35
C SER A 435 -8.11 15.02 -20.75
N SER A 436 -8.47 15.81 -19.74
CA SER A 436 -8.74 17.24 -19.89
C SER A 436 -7.49 18.05 -20.20
N LYS A 437 -6.31 17.49 -19.92
CA LYS A 437 -5.04 18.19 -20.16
C LYS A 437 -4.75 18.40 -21.65
N ASP A 438 -5.35 17.58 -22.53
CA ASP A 438 -5.31 17.82 -23.97
C ASP A 438 -6.54 18.59 -24.48
N ASN A 439 -7.73 18.22 -23.98
CA ASN A 439 -9.00 18.71 -24.53
C ASN A 439 -9.69 19.76 -23.63
N GLU A 440 -9.95 20.94 -24.19
CA GLU A 440 -10.72 22.00 -23.51
C GLU A 440 -12.17 21.53 -23.31
N ASN A 441 -12.76 21.95 -22.18
CA ASN A 441 -14.14 21.59 -21.80
C ASN A 441 -14.35 20.06 -21.82
N TYR A 442 -13.67 19.38 -20.89
CA TYR A 442 -13.63 17.92 -20.89
C TYR A 442 -14.88 17.27 -20.30
N SER A 443 -15.17 16.06 -20.78
CA SER A 443 -16.13 15.15 -20.15
C SER A 443 -15.83 13.74 -20.60
N ASP A 444 -16.58 12.77 -20.08
CA ASP A 444 -16.46 11.37 -20.54
C ASP A 444 -16.85 11.19 -22.02
N ALA A 445 -17.66 12.10 -22.54
CA ALA A 445 -18.00 12.12 -23.98
C ALA A 445 -16.78 12.30 -24.89
N VAL A 446 -15.76 13.01 -24.39
CA VAL A 446 -14.52 13.24 -25.15
C VAL A 446 -13.73 11.95 -25.30
N MET A 447 -13.65 11.16 -24.22
CA MET A 447 -13.01 9.84 -24.26
C MET A 447 -13.72 8.93 -25.26
N LEU A 448 -15.05 9.01 -25.30
CA LEU A 448 -15.85 8.17 -26.18
C LEU A 448 -15.63 8.47 -27.67
N ARG A 449 -15.44 9.74 -28.00
CA ARG A 449 -15.07 10.15 -29.36
C ARG A 449 -13.70 9.56 -29.72
N GLU A 450 -12.73 9.77 -28.82
CA GLU A 450 -11.34 9.38 -29.06
C GLU A 450 -11.13 7.87 -29.12
N LEU A 451 -11.86 7.11 -28.31
CA LEU A 451 -11.82 5.64 -28.38
C LEU A 451 -12.32 5.13 -29.73
N ASP A 452 -13.33 5.80 -30.30
CA ASP A 452 -13.85 5.44 -31.63
C ASP A 452 -12.78 5.65 -32.69
N ASN A 453 -12.15 6.84 -32.68
CA ASN A 453 -11.03 7.13 -33.56
C ASN A 453 -10.00 6.02 -33.52
N LEU A 454 -9.60 5.63 -32.31
CA LEU A 454 -8.60 4.58 -32.10
C LEU A 454 -9.04 3.26 -32.73
N LEU A 455 -10.25 2.81 -32.41
CA LEU A 455 -10.75 1.52 -32.91
C LEU A 455 -11.01 1.51 -34.41
N ARG A 456 -11.32 2.68 -34.99
CA ARG A 456 -11.38 2.86 -36.46
C ARG A 456 -9.99 2.69 -37.08
N TYR A 457 -9.01 3.38 -36.53
CA TYR A 457 -7.62 3.34 -37.03
C TYR A 457 -7.02 1.93 -37.06
N PHE A 458 -7.30 1.13 -36.03
CA PHE A 458 -6.82 -0.25 -35.96
C PHE A 458 -7.88 -1.29 -36.37
N GLU A 459 -8.79 -0.94 -37.27
CA GLU A 459 -9.84 -1.88 -37.74
C GLU A 459 -9.20 -3.03 -38.51
N LYS A 460 -8.34 -2.71 -39.47
CA LYS A 460 -7.62 -3.72 -40.25
C LYS A 460 -6.49 -4.35 -39.43
N SER A 461 -6.26 -5.65 -39.63
CA SER A 461 -5.28 -6.43 -38.87
C SER A 461 -3.83 -5.96 -39.09
N GLU A 462 -3.49 -5.68 -40.35
CA GLU A 462 -2.17 -5.19 -40.71
C GLU A 462 -1.77 -3.89 -39.98
N SER A 463 -2.75 -3.03 -39.70
CA SER A 463 -2.55 -1.76 -39.01
C SER A 463 -1.58 -1.80 -37.81
N VAL A 464 -1.71 -2.82 -36.97
CA VAL A 464 -0.93 -2.94 -35.73
C VAL A 464 0.54 -3.27 -36.02
N GLU A 465 0.78 -4.19 -36.96
CA GLU A 465 2.15 -4.52 -37.38
C GLU A 465 2.84 -3.34 -38.09
N GLU A 466 2.05 -2.47 -38.73
CA GLU A 466 2.56 -1.24 -39.37
C GLU A 466 2.95 -0.18 -38.35
N THR A 467 2.11 0.04 -37.34
CA THR A 467 2.41 1.01 -36.28
C THR A 467 3.62 0.58 -35.44
N LEU A 468 3.81 -0.73 -35.28
CA LEU A 468 5.00 -1.29 -34.63
C LEU A 468 6.26 -0.94 -35.40
N ASN A 469 6.26 -1.23 -36.70
CA ASN A 469 7.38 -0.89 -37.57
C ASN A 469 7.60 0.62 -37.69
N GLU A 470 6.53 1.40 -37.51
CA GLU A 470 6.66 2.85 -37.39
C GLU A 470 7.50 3.22 -36.17
N ILE A 471 7.21 2.59 -35.03
CA ILE A 471 7.97 2.81 -33.80
C ILE A 471 9.42 2.37 -33.96
N ILE A 472 9.61 1.15 -34.46
CA ILE A 472 10.96 0.57 -34.62
C ILE A 472 11.84 1.48 -35.47
N ASN A 473 11.27 1.98 -36.55
CA ASN A 473 11.99 2.87 -37.46
C ASN A 473 12.27 4.24 -36.86
N PHE A 474 11.34 4.77 -36.07
CA PHE A 474 11.57 6.07 -35.42
C PHE A 474 12.87 6.11 -34.62
N HIS A 475 13.12 5.05 -33.86
CA HIS A 475 14.28 4.94 -32.98
C HIS A 475 15.56 4.60 -33.72
N GLU A 476 15.49 3.66 -34.66
CA GLU A 476 16.63 3.34 -35.52
C GLU A 476 17.12 4.60 -36.23
N ASN A 477 16.18 5.45 -36.65
CA ASN A 477 16.51 6.71 -37.31
C ASN A 477 16.92 7.84 -36.34
N TYR A 478 16.35 7.83 -35.13
CA TYR A 478 16.75 8.77 -34.05
C TYR A 478 18.20 8.57 -33.62
N GLY A 479 18.63 7.31 -33.56
CA GLY A 479 20.00 6.96 -33.17
C GLY A 479 21.12 7.33 -34.14
N LYS A 480 20.77 7.67 -35.39
CA LYS A 480 21.76 7.90 -36.45
C LYS A 480 22.62 9.15 -36.29
N TYR A 481 22.32 10.00 -35.31
CA TYR A 481 23.18 11.14 -34.96
C TYR A 481 24.65 10.76 -34.73
N PHE A 482 24.87 9.65 -34.01
CA PHE A 482 26.20 9.13 -33.73
C PHE A 482 26.11 7.62 -33.75
N GLN A 483 26.93 6.98 -34.60
CA GLN A 483 26.92 5.53 -34.74
C GLN A 483 28.37 5.03 -34.76
N PHE A 484 28.75 4.28 -33.72
CA PHE A 484 30.06 3.61 -33.71
C PHE A 484 30.02 2.38 -34.65
N ASN A 485 31.04 2.24 -35.50
CA ASN A 485 31.25 1.02 -36.26
C ASN A 485 32.56 0.38 -35.81
N THR A 486 32.58 -0.07 -34.56
CA THR A 486 33.71 -0.86 -34.01
C THR A 486 33.53 -2.34 -34.37
N GLY A 487 34.51 -3.15 -34.00
CA GLY A 487 34.41 -4.61 -34.12
C GLY A 487 33.34 -5.20 -33.22
N ASN A 488 33.36 -4.81 -31.95
CA ASN A 488 32.45 -5.35 -30.94
C ASN A 488 31.00 -4.94 -31.23
N LYS A 489 30.23 -5.90 -31.75
CA LYS A 489 28.82 -5.69 -32.07
C LYS A 489 27.98 -5.30 -30.83
N LEU A 490 28.28 -5.91 -29.68
CA LEU A 490 27.55 -5.63 -28.42
C LEU A 490 27.76 -4.22 -27.88
N PHE A 491 28.95 -3.67 -28.07
CA PHE A 491 29.20 -2.27 -27.71
C PHE A 491 28.37 -1.37 -28.63
N ASP A 492 28.53 -1.57 -29.94
CA ASP A 492 27.86 -0.77 -30.97
C ASP A 492 26.36 -0.66 -30.78
N SER A 493 25.67 -1.79 -30.71
CA SER A 493 24.23 -1.82 -30.47
C SER A 493 23.86 -1.19 -29.12
N GLY A 494 24.67 -1.47 -28.10
CA GLY A 494 24.48 -0.91 -26.77
C GLY A 494 24.50 0.60 -26.77
N PHE A 495 25.42 1.19 -27.52
CA PHE A 495 25.53 2.64 -27.60
C PHE A 495 24.56 3.22 -28.63
N ASN A 496 24.50 2.59 -29.81
CA ASN A 496 23.76 3.14 -30.97
C ASN A 496 22.25 3.04 -30.82
N ARG A 497 21.77 1.95 -30.22
CA ARG A 497 20.34 1.74 -29.99
C ARG A 497 19.94 1.94 -28.54
N ASN A 498 20.59 1.21 -27.64
CA ASN A 498 20.14 1.09 -26.25
C ASN A 498 20.37 2.36 -25.44
N LEU A 499 21.59 2.87 -25.47
CA LEU A 499 21.92 4.04 -24.68
C LEU A 499 21.16 5.26 -25.20
N ALA A 500 21.18 5.44 -26.52
CA ALA A 500 20.39 6.48 -27.21
C ALA A 500 18.95 6.55 -26.70
N PHE A 501 18.33 5.37 -26.59
CA PHE A 501 16.95 5.26 -26.12
C PHE A 501 16.80 5.69 -24.67
N GLN A 502 17.68 5.19 -23.81
CA GLN A 502 17.60 5.54 -22.38
C GLN A 502 17.72 7.03 -22.16
N VAL A 503 18.58 7.66 -22.94
CA VAL A 503 18.78 9.09 -22.87
C VAL A 503 17.54 9.83 -23.36
N LEU A 504 16.86 9.28 -24.37
CA LEU A 504 15.54 9.78 -24.81
C LEU A 504 14.53 9.65 -23.67
N TYR A 505 14.39 8.43 -23.18
CA TYR A 505 13.48 8.11 -22.08
C TYR A 505 13.64 9.04 -20.87
N GLN A 506 14.88 9.37 -20.53
CA GLN A 506 15.17 10.24 -19.39
C GLN A 506 14.95 11.72 -19.65
N THR A 507 14.89 12.14 -20.92
CA THR A 507 14.56 13.53 -21.25
C THR A 507 13.12 13.81 -20.83
N PHE A 508 12.22 12.88 -21.17
CA PHE A 508 10.80 13.04 -20.85
C PHE A 508 10.49 12.72 -19.39
N MET A 509 10.97 11.57 -18.90
CA MET A 509 10.59 11.06 -17.57
C MET A 509 11.48 11.46 -16.41
N SER A 510 12.62 12.09 -16.66
CA SER A 510 13.57 12.41 -15.60
C SER A 510 13.84 11.14 -14.75
N ARG A 511 13.52 11.19 -13.44
CA ARG A 511 13.72 10.06 -12.53
C ARG A 511 12.37 9.72 -11.90
N SER A 512 11.29 9.85 -12.67
CA SER A 512 9.93 9.82 -12.15
C SER A 512 9.29 8.44 -12.18
N PHE A 513 9.56 7.65 -13.23
CA PHE A 513 8.87 6.39 -13.43
C PHE A 513 9.72 5.26 -14.02
N GLY A 514 10.02 4.27 -13.19
CA GLY A 514 10.68 3.03 -13.60
C GLY A 514 10.15 1.91 -12.76
N GLN A 515 10.96 0.86 -12.57
CA GLN A 515 10.51 -0.35 -11.85
C GLN A 515 10.21 -0.07 -10.37
N THR A 516 11.20 0.50 -9.68
CA THR A 516 11.13 0.83 -8.26
C THR A 516 10.86 2.31 -8.00
N GLN A 517 10.92 3.13 -9.05
CA GLN A 517 10.75 4.57 -8.94
C GLN A 517 9.29 4.87 -9.29
N LYS A 518 8.43 4.88 -8.28
CA LYS A 518 6.96 4.93 -8.47
C LYS A 518 6.26 6.09 -7.78
N GLY A 519 6.82 6.52 -6.64
CA GLY A 519 6.22 7.57 -5.82
C GLY A 519 6.57 8.93 -6.34
N TYR A 520 5.94 9.95 -5.78
CA TYR A 520 5.92 11.27 -6.42
C TYR A 520 7.30 11.93 -6.43
N ARG A 521 7.93 11.83 -7.59
CA ARG A 521 9.05 12.64 -7.99
C ARG A 521 8.61 13.25 -9.30
N GLU A 522 8.57 14.58 -9.34
CA GLU A 522 8.15 15.34 -10.52
C GLU A 522 9.21 15.29 -11.64
N ILE A 523 9.23 16.29 -12.52
CA ILE A 523 10.37 16.54 -13.39
C ILE A 523 11.29 17.48 -12.61
N GLY A 524 12.54 17.04 -12.41
CA GLY A 524 13.47 17.80 -11.57
C GLY A 524 14.23 18.80 -12.38
N PHE A 525 14.44 19.99 -11.83
CA PHE A 525 15.15 21.07 -12.52
C PHE A 525 16.55 20.65 -13.00
N ARG A 526 17.28 19.92 -12.15
CA ARG A 526 18.65 19.50 -12.47
C ARG A 526 18.72 18.37 -13.49
N GLU A 527 17.61 17.69 -13.75
CA GLU A 527 17.52 16.74 -14.86
C GLU A 527 17.35 17.40 -16.25
N ILE A 528 17.55 18.71 -16.32
CA ILE A 528 17.95 19.38 -17.56
C ILE A 528 19.24 18.77 -18.10
N GLN A 529 20.11 18.26 -17.22
CA GLN A 529 21.30 17.49 -17.61
C GLN A 529 21.03 16.48 -18.71
N ASP A 530 19.90 15.79 -18.63
CA ASP A 530 19.50 14.79 -19.64
C ASP A 530 19.41 15.39 -21.04
N LEU A 531 18.99 16.65 -21.13
CA LEU A 531 18.92 17.37 -22.39
C LEU A 531 20.27 17.53 -23.04
N PHE A 532 21.31 17.78 -22.24
CA PHE A 532 22.70 17.96 -22.74
C PHE A 532 23.10 16.90 -23.77
N ALA A 533 22.64 15.66 -23.59
CA ALA A 533 22.93 14.57 -24.52
C ALA A 533 21.87 14.39 -25.60
N SER A 534 20.60 14.44 -25.24
CA SER A 534 19.51 14.18 -26.20
C SER A 534 19.30 15.28 -27.24
N MET A 535 19.70 16.50 -26.88
CA MET A 535 19.61 17.71 -27.72
C MET A 535 20.14 17.53 -29.15
N TYR A 536 21.33 16.97 -29.25
CA TYR A 536 21.97 16.74 -30.55
C TYR A 536 21.26 15.67 -31.36
N TYR A 537 20.63 14.70 -30.69
CA TYR A 537 19.82 13.67 -31.36
C TYR A 537 18.50 14.26 -31.90
N PHE A 538 17.87 15.14 -31.12
CA PHE A 538 16.59 15.74 -31.50
C PHE A 538 16.72 16.67 -32.70
N ILE A 539 17.68 17.58 -32.60
CA ILE A 539 17.95 18.54 -33.66
C ILE A 539 18.20 17.81 -34.99
N ASN A 540 18.96 16.73 -34.94
CA ASN A 540 19.30 15.95 -36.14
C ASN A 540 18.21 15.03 -36.71
N ILE A 541 17.01 15.03 -36.12
CA ILE A 541 15.80 14.52 -36.81
C ILE A 541 14.76 15.65 -36.98
N GLY A 542 15.25 16.87 -37.07
CA GLY A 542 14.42 18.03 -37.35
C GLY A 542 13.47 18.45 -36.26
N TYR A 543 13.80 18.14 -35.01
CA TYR A 543 13.03 18.61 -33.86
C TYR A 543 13.82 19.63 -33.04
N GLN A 544 14.44 20.58 -33.74
CA GLN A 544 15.08 21.73 -33.08
C GLN A 544 14.00 22.59 -32.38
N ASP A 545 12.78 22.55 -32.91
CA ASP A 545 11.63 23.21 -32.29
C ASP A 545 11.38 22.67 -30.88
N PHE A 546 11.23 21.35 -30.79
CA PHE A 546 11.03 20.69 -29.49
C PHE A 546 12.14 21.00 -28.48
N VAL A 547 13.39 21.00 -28.93
CA VAL A 547 14.52 21.34 -28.06
C VAL A 547 14.41 22.77 -27.52
N LYS A 548 13.94 23.71 -28.35
CA LYS A 548 13.65 25.07 -27.88
C LYS A 548 12.51 25.05 -26.85
N GLU A 549 11.43 24.33 -27.17
CA GLU A 549 10.26 24.21 -26.28
C GLU A 549 10.66 23.76 -24.86
N LEU A 550 11.51 22.72 -24.79
CA LEU A 550 12.03 22.21 -23.51
C LEU A 550 12.80 23.29 -22.77
N LEU A 551 13.78 23.88 -23.44
CA LEU A 551 14.62 24.93 -22.84
C LEU A 551 13.78 25.99 -22.14
N PHE A 552 12.76 26.50 -22.82
CA PHE A 552 11.91 27.56 -22.27
C PHE A 552 11.08 27.09 -21.07
N GLU A 553 10.57 25.87 -21.12
CA GLU A 553 9.79 25.32 -20.02
C GLU A 553 10.63 25.20 -18.73
N TRP A 554 11.87 24.77 -18.87
CA TRP A 554 12.83 24.82 -17.75
C TRP A 554 13.17 26.27 -17.38
N THR A 555 13.45 27.09 -18.40
CA THR A 555 13.81 28.50 -18.18
C THR A 555 12.72 29.29 -17.47
N ALA A 556 11.46 28.93 -17.72
CA ALA A 556 10.31 29.58 -17.09
C ALA A 556 10.41 29.67 -15.57
N ASN A 557 10.98 28.62 -14.95
CA ASN A 557 11.03 28.48 -13.49
C ASN A 557 12.17 29.27 -12.83
N ALA A 564 15.80 30.16 -8.66
CA ALA A 564 14.84 29.40 -9.47
C ALA A 564 14.21 28.25 -8.69
N ASN A 565 13.13 27.69 -9.26
CA ASN A 565 12.39 26.58 -8.64
C ASN A 565 13.23 25.32 -8.65
N HIS A 566 12.88 24.36 -7.79
CA HIS A 566 13.58 23.06 -7.72
C HIS A 566 12.88 21.89 -8.39
N ASN A 567 11.60 22.03 -8.72
CA ASN A 567 10.79 20.90 -9.25
C ASN A 567 9.56 21.45 -9.95
N PHE A 568 8.93 20.60 -10.77
CA PHE A 568 7.71 20.97 -11.51
C PHE A 568 7.10 19.77 -12.26
N TYR A 569 5.83 19.91 -12.62
CA TYR A 569 5.23 19.15 -13.71
C TYR A 569 4.26 20.08 -14.45
N TRP A 570 3.10 20.39 -13.86
CA TRP A 570 2.23 21.47 -14.35
C TRP A 570 2.57 22.74 -13.56
N VAL A 571 2.62 22.60 -12.23
CA VAL A 571 2.97 23.65 -11.29
C VAL A 571 4.21 23.20 -10.47
N GLY A 572 4.89 24.17 -9.84
CA GLY A 572 6.20 23.94 -9.18
C GLY A 572 6.13 23.49 -7.73
N LYS A 573 7.09 22.62 -7.33
CA LYS A 573 7.08 22.00 -5.98
C LYS A 573 8.47 22.05 -5.31
N GLN A 574 8.47 22.36 -4.00
CA GLN A 574 9.71 22.56 -3.21
C GLN A 574 10.57 23.74 -3.72
N PRO A 575 9.99 24.97 -3.74
CA PRO A 575 10.55 26.10 -4.48
C PRO A 575 11.73 26.81 -3.80
N GLY A 576 12.85 26.90 -4.51
CA GLY A 576 14.09 27.46 -3.98
C GLY A 576 14.79 26.59 -2.93
N LEU A 577 14.47 25.29 -2.91
CA LEU A 577 14.99 24.38 -1.89
C LEU A 577 16.51 24.20 -2.02
N TYR A 578 16.96 23.66 -3.16
CA TYR A 578 18.36 23.34 -3.39
C TYR A 578 19.13 24.46 -4.10
N SER A 579 20.38 24.65 -3.69
CA SER A 579 21.22 25.76 -4.17
C SER A 579 21.73 25.66 -5.61
N ASP A 580 21.90 24.45 -6.11
CA ASP A 580 22.50 24.19 -7.42
C ASP A 580 21.59 24.48 -8.62
N ASP A 581 20.30 24.15 -8.47
CA ASP A 581 19.37 24.00 -9.62
C ASP A 581 19.50 25.04 -10.73
N SER A 582 19.31 26.31 -10.38
CA SER A 582 19.43 27.42 -11.33
C SER A 582 20.64 27.31 -12.26
N LEU A 583 21.82 27.10 -11.68
CA LEU A 583 23.10 27.13 -12.42
C LEU A 583 23.24 26.20 -13.63
N TRP A 584 22.55 25.06 -13.60
CA TRP A 584 22.64 24.08 -14.70
C TRP A 584 22.04 24.59 -16.02
N LEU A 585 21.01 25.44 -15.92
CA LEU A 585 20.31 25.97 -17.10
C LEU A 585 21.25 26.58 -18.15
N LEU A 586 22.25 27.33 -17.69
CA LEU A 586 23.25 27.96 -18.58
C LEU A 586 23.98 26.92 -19.48
N GLN A 587 24.29 25.76 -18.93
CA GLN A 587 24.95 24.69 -19.70
C GLN A 587 24.09 24.15 -20.84
N ALA A 588 22.77 24.19 -20.66
CA ALA A 588 21.84 23.78 -21.71
C ALA A 588 21.84 24.81 -22.84
N TYR A 589 21.63 26.07 -22.48
CA TYR A 589 21.62 27.16 -23.45
C TYR A 589 22.94 27.22 -24.21
N TYR A 590 24.05 27.15 -23.48
CA TYR A 590 25.37 27.15 -24.09
C TYR A 590 25.52 26.06 -25.15
N ARG A 591 25.20 24.83 -24.79
CA ARG A 591 25.28 23.69 -25.70
C ARG A 591 24.38 23.85 -26.94
N TYR A 592 23.15 24.28 -26.71
CA TYR A 592 22.21 24.52 -27.81
C TYR A 592 22.70 25.61 -28.75
N ILE A 593 23.02 26.77 -28.17
CA ILE A 593 23.43 27.93 -28.96
C ILE A 593 24.64 27.59 -29.84
N ILE A 594 25.68 27.01 -29.23
CA ILE A 594 26.92 26.66 -29.94
C ILE A 594 26.69 25.70 -31.11
N TYR A 595 25.82 24.71 -30.92
CA TYR A 595 25.55 23.72 -31.98
C TYR A 595 24.79 24.30 -33.16
N THR A 596 23.81 25.17 -32.87
CA THR A 596 22.89 25.71 -33.88
C THR A 596 23.19 27.14 -34.34
N LYS A 597 24.05 27.84 -33.60
CA LYS A 597 24.30 29.28 -33.79
C LYS A 597 23.00 30.10 -33.72
N ASP A 598 22.09 29.67 -32.84
CA ASP A 598 20.76 30.29 -32.66
C ASP A 598 20.70 31.17 -31.40
N THR A 599 21.05 32.44 -31.59
CA THR A 599 20.92 33.43 -30.54
C THR A 599 19.48 33.97 -30.47
N SER A 600 18.67 33.69 -31.49
CA SER A 600 17.25 34.06 -31.50
C SER A 600 16.40 33.15 -30.60
N VAL A 601 16.83 32.99 -29.35
CA VAL A 601 16.11 32.27 -28.30
C VAL A 601 15.86 33.24 -27.14
N LEU A 602 16.91 33.90 -26.63
CA LEU A 602 16.76 34.92 -25.58
C LEU A 602 16.14 36.21 -26.11
N ASP A 646 21.96 21.81 -2.76
CA ASP A 646 23.23 21.39 -3.38
C ASP A 646 23.01 20.04 -4.08
N TRP A 647 23.78 19.77 -5.14
CA TRP A 647 23.67 18.53 -5.93
C TRP A 647 23.55 17.25 -5.11
N ASN A 648 24.27 17.15 -3.99
CA ASN A 648 24.19 15.95 -3.13
C ASN A 648 22.92 16.01 -2.26
N ASP A 649 22.00 15.07 -2.48
CA ASP A 649 20.72 15.04 -1.75
C ASP A 649 20.87 14.55 -0.31
N CYS A 650 22.07 14.11 0.09
CA CYS A 650 22.33 13.70 1.46
C CYS A 650 23.60 14.38 2.01
N LEU A 651 23.59 15.70 1.97
CA LEU A 651 24.67 16.51 2.53
C LEU A 651 24.07 17.71 3.27
N LYS A 652 23.16 17.40 4.20
CA LYS A 652 22.60 18.39 5.10
C LYS A 652 23.65 18.74 6.17
N ILE A 653 24.09 20.00 6.17
CA ILE A 653 24.97 20.55 7.21
C ILE A 653 24.34 21.83 7.78
N SER A 689 28.96 26.39 -0.91
CA SER A 689 29.20 25.22 -1.74
C SER A 689 30.29 25.51 -2.78
N VAL A 690 31.43 24.82 -2.63
CA VAL A 690 32.55 24.96 -3.56
C VAL A 690 32.23 24.32 -4.93
N MET A 691 31.36 23.30 -4.93
CA MET A 691 30.83 22.76 -6.17
C MET A 691 30.08 23.84 -6.95
N ASN A 692 29.17 24.53 -6.28
CA ASN A 692 28.37 25.59 -6.91
C ASN A 692 29.27 26.72 -7.46
N ALA A 693 30.41 26.96 -6.81
CA ALA A 693 31.40 27.91 -7.32
C ALA A 693 31.92 27.53 -8.71
N PHE A 694 32.14 26.23 -8.92
CA PHE A 694 32.58 25.73 -10.22
C PHE A 694 31.45 25.76 -11.26
N LEU A 695 30.20 25.59 -10.83
CA LEU A 695 29.05 25.68 -11.73
C LEU A 695 28.84 27.12 -12.19
N LEU A 696 28.81 28.04 -11.23
CA LEU A 696 28.71 29.48 -11.51
C LEU A 696 29.85 29.96 -12.39
N LYS A 697 31.08 29.49 -12.11
CA LYS A 697 32.24 29.91 -12.90
C LYS A 697 32.08 29.48 -14.36
N LEU A 698 31.65 28.23 -14.58
CA LEU A 698 31.36 27.75 -15.93
C LEU A 698 30.16 28.47 -16.54
N ALA A 699 29.14 28.73 -15.71
CA ALA A 699 27.96 29.48 -16.14
C ALA A 699 28.31 30.89 -16.61
N ILE A 700 29.19 31.56 -15.87
CA ILE A 700 29.69 32.89 -16.23
C ILE A 700 30.48 32.82 -17.53
N ASP A 701 31.45 31.90 -17.60
CA ASP A 701 32.29 31.74 -18.79
C ASP A 701 31.54 31.20 -20.02
N HIS A 702 30.43 30.47 -19.81
CA HIS A 702 29.58 30.03 -20.94
C HIS A 702 28.83 31.20 -21.54
N LEU A 703 28.14 31.97 -20.70
CA LEU A 703 27.38 33.16 -21.14
C LEU A 703 28.29 34.23 -21.77
N ALA A 704 29.56 34.25 -21.37
CA ALA A 704 30.58 35.07 -22.05
C ALA A 704 30.73 34.67 -23.50
N GLU A 705 30.78 33.37 -23.76
CA GLU A 705 30.83 32.86 -25.14
C GLU A 705 29.49 33.06 -25.87
N ILE A 706 28.38 32.93 -25.15
CA ILE A 706 27.03 33.16 -25.73
C ILE A 706 26.84 34.61 -26.17
N ALA A 707 27.24 35.55 -25.32
CA ALA A 707 27.09 36.98 -25.61
C ALA A 707 27.88 37.44 -26.84
N THR A 708 29.13 36.99 -26.96
CA THR A 708 29.97 37.32 -28.11
C THR A 708 29.34 36.90 -29.45
N LEU A 709 28.75 35.71 -29.47
CA LEU A 709 28.06 35.18 -30.66
C LEU A 709 26.73 35.91 -30.97
N ASP A 710 26.04 36.44 -29.95
CA ASP A 710 24.84 37.29 -30.12
C ASP A 710 25.06 38.46 -31.08
N GLN A 717 33.15 41.37 -23.17
CA GLN A 717 34.02 42.15 -22.28
C GLN A 717 33.46 42.28 -20.86
N GLN A 718 32.14 42.24 -20.70
CA GLN A 718 31.50 42.28 -19.37
C GLN A 718 31.84 41.05 -18.55
N MET A 719 31.64 39.88 -19.15
CA MET A 719 31.86 38.59 -18.48
C MET A 719 33.31 38.09 -18.55
N SER A 720 34.05 38.46 -19.61
CA SER A 720 35.49 38.14 -19.74
C SER A 720 36.32 38.57 -18.54
N GLU A 721 36.10 39.80 -18.09
CA GLU A 721 36.70 40.31 -16.86
C GLU A 721 36.15 39.59 -15.62
N LEU A 722 34.82 39.42 -15.58
CA LEU A 722 34.13 38.81 -14.42
C LEU A 722 34.64 37.41 -14.05
N SER A 723 34.91 36.58 -15.06
CA SER A 723 35.42 35.22 -14.83
C SER A 723 36.80 35.22 -14.17
N LYS A 724 37.64 36.20 -14.53
CA LYS A 724 38.96 36.38 -13.91
C LYS A 724 38.85 36.70 -12.41
N GLU A 725 37.84 37.48 -12.03
CA GLU A 725 37.54 37.75 -10.62
C GLU A 725 36.90 36.52 -9.95
N VAL A 726 35.91 35.93 -10.63
CA VAL A 726 35.17 34.76 -10.10
C VAL A 726 36.05 33.53 -9.87
N THR A 727 37.02 33.32 -10.77
CA THR A 727 38.01 32.24 -10.64
C THR A 727 38.89 32.46 -9.41
N ASP A 728 39.60 33.59 -9.39
CA ASP A 728 40.62 33.90 -8.36
C ASP A 728 40.06 34.03 -6.93
N ARG A 729 38.73 34.15 -6.80
CA ARG A 729 38.06 33.94 -5.52
C ARG A 729 38.22 32.49 -5.03
N ILE A 730 37.91 31.53 -5.90
CA ILE A 730 37.95 30.10 -5.54
C ILE A 730 39.37 29.58 -5.29
N GLN A 731 40.23 29.68 -6.30
CA GLN A 731 41.58 29.10 -6.26
C GLN A 731 42.44 29.57 -5.07
N LYS A 732 42.19 30.79 -4.58
CA LYS A 732 42.89 31.34 -3.41
C LYS A 732 42.39 30.77 -2.09
N HIS A 733 41.08 30.92 -1.85
CA HIS A 733 40.47 30.54 -0.56
C HIS A 733 39.99 29.08 -0.49
N ALA A 734 39.53 28.53 -1.61
CA ALA A 734 38.97 27.16 -1.66
C ALA A 734 40.00 26.03 -1.81
N TRP A 735 41.19 26.35 -2.33
CA TRP A 735 42.28 25.37 -2.52
C TRP A 735 42.96 25.10 -1.17
N LYS A 736 42.52 24.05 -0.49
CA LYS A 736 43.02 23.71 0.86
C LYS A 736 44.19 22.70 0.78
N GLU A 737 45.33 23.17 0.28
CA GLU A 737 46.60 22.43 0.19
C GLU A 737 46.58 21.25 -0.79
N ASN A 738 45.86 20.20 -0.45
CA ASN A 738 45.92 18.89 -1.10
C ASN A 738 44.78 18.62 -2.09
N PHE A 739 43.68 19.37 -1.99
CA PHE A 739 42.44 19.09 -2.72
C PHE A 739 41.48 20.27 -2.59
N PHE A 740 40.72 20.59 -3.63
CA PHE A 740 39.67 21.63 -3.52
C PHE A 740 38.61 21.22 -2.48
N ALA A 741 38.21 22.17 -1.63
CA ALA A 741 37.19 21.89 -0.61
C ALA A 741 35.82 21.67 -1.24
N ARG A 742 34.86 21.20 -0.44
CA ARG A 742 33.50 20.90 -0.90
C ARG A 742 32.51 21.92 -0.32
N VAL A 743 32.37 21.90 1.01
CA VAL A 743 31.57 22.87 1.75
C VAL A 743 32.57 23.71 2.53
N LEU A 744 32.57 25.02 2.24
CA LEU A 744 33.47 25.95 2.90
C LEU A 744 32.69 26.63 4.02
N ILE A 745 32.89 26.12 5.25
CA ILE A 745 32.23 26.63 6.45
C ILE A 745 32.83 28.00 6.85
N ASN A 746 31.99 29.03 6.83
CA ASN A 746 32.33 30.35 7.38
C ASN A 746 31.34 30.75 8.48
N ARG A 747 30.85 29.76 9.24
CA ARG A 747 29.74 29.95 10.19
C ARG A 747 30.13 29.90 11.67
N TYR A 748 30.99 28.95 12.07
CA TYR A 748 31.37 28.80 13.49
C TYR A 748 32.28 29.94 13.93
N TYR A 753 36.19 24.29 13.12
CA TYR A 753 35.93 23.62 11.86
C TYR A 753 35.95 24.61 10.69
N THR A 754 37.06 24.64 9.94
CA THR A 754 37.31 25.67 8.92
C THR A 754 36.67 25.34 7.56
N TYR A 755 36.61 24.06 7.21
CA TYR A 755 36.01 23.60 5.94
C TYR A 755 35.65 22.10 5.94
N LEU A 756 35.05 21.64 4.85
CA LEU A 756 34.84 20.22 4.58
C LEU A 756 35.45 19.90 3.23
N GLY A 757 36.20 18.79 3.15
CA GLY A 757 36.64 18.22 1.88
C GLY A 757 38.09 18.43 1.46
N ALA A 758 39.02 18.29 2.39
CA ALA A 758 40.47 18.42 2.10
C ALA A 758 41.35 17.80 3.21
N LYS A 759 42.67 18.04 3.13
CA LYS A 759 43.58 17.73 4.23
C LYS A 759 43.37 18.75 5.34
N GLY A 760 43.08 18.27 6.55
CA GLY A 760 42.92 19.13 7.73
C GLY A 760 41.53 19.67 8.01
N ASP A 761 40.51 19.08 7.39
CA ASP A 761 39.11 19.43 7.72
C ASP A 761 38.68 18.97 9.13
N LYS A 762 39.32 17.91 9.63
CA LYS A 762 39.03 17.31 10.94
C LYS A 762 37.60 16.74 11.01
N LEU A 763 37.21 16.01 9.96
CA LEU A 763 35.86 15.44 9.84
C LEU A 763 35.82 13.99 9.28
N SER A 764 36.95 13.26 9.35
CA SER A 764 37.03 11.91 8.81
C SER A 764 36.57 10.85 9.82
N ALA A 765 36.13 9.71 9.28
CA ALA A 765 35.78 8.51 10.05
C ALA A 765 36.59 7.35 9.51
N ASP A 766 37.91 7.58 9.44
CA ASP A 766 38.88 6.55 9.09
C ASP A 766 40.17 6.90 9.83
N PRO A 767 40.70 5.96 10.64
CA PRO A 767 42.02 6.20 11.23
C PRO A 767 43.12 6.40 10.19
N ASN A 768 43.06 5.66 9.09
CA ASN A 768 44.12 5.66 8.06
C ASN A 768 44.05 6.80 7.02
N ILE A 769 42.97 7.59 7.00
CA ILE A 769 42.80 8.69 6.03
C ILE A 769 42.68 10.04 6.76
N ASP A 770 43.44 11.03 6.31
CA ASP A 770 43.31 12.40 6.82
C ASP A 770 42.37 13.20 5.93
N GLY A 771 41.11 13.28 6.37
CA GLY A 771 40.10 14.13 5.74
C GLY A 771 39.08 13.43 4.86
N VAL A 772 38.06 14.18 4.48
CA VAL A 772 37.04 13.73 3.57
C VAL A 772 37.46 14.24 2.20
N TYR A 773 37.28 13.43 1.16
CA TYR A 773 37.62 13.83 -0.21
C TYR A 773 36.45 13.56 -1.14
N PHE A 774 35.82 14.64 -1.59
CA PHE A 774 34.66 14.55 -2.48
C PHE A 774 35.12 14.52 -3.95
N LEU A 775 34.67 13.50 -4.68
CA LEU A 775 35.04 13.32 -6.08
C LEU A 775 34.60 14.50 -6.94
N ASN A 776 33.38 14.98 -6.73
CA ASN A 776 32.86 16.12 -7.49
C ASN A 776 33.59 17.45 -7.28
N SER A 777 34.37 17.57 -6.20
CA SER A 777 35.25 18.72 -6.03
C SER A 777 36.38 18.68 -7.04
N PHE A 778 36.95 17.50 -7.28
CA PHE A 778 37.92 17.31 -8.36
C PHE A 778 37.25 17.57 -9.70
N ALA A 779 36.18 16.83 -9.98
CA ALA A 779 35.54 16.80 -11.29
C ALA A 779 35.21 18.20 -11.81
N TRP A 780 34.53 19.00 -10.99
CA TRP A 780 34.04 20.29 -11.44
C TRP A 780 35.09 21.40 -11.47
N SER A 781 36.18 21.24 -10.72
CA SER A 781 37.34 22.12 -10.83
C SER A 781 37.97 22.00 -12.23
N VAL A 782 37.94 20.78 -12.78
CA VAL A 782 38.47 20.54 -14.11
C VAL A 782 37.47 20.96 -15.20
N LEU A 783 36.18 20.65 -15.02
CA LEU A 783 35.15 20.97 -16.04
C LEU A 783 34.93 22.47 -16.26
N SER A 784 35.11 23.27 -15.22
CA SER A 784 35.01 24.73 -15.30
C SER A 784 36.33 25.42 -15.71
N ASP A 785 37.40 24.64 -15.90
CA ASP A 785 38.73 25.14 -16.27
C ASP A 785 39.35 26.05 -15.20
N VAL A 786 39.19 25.67 -13.94
CA VAL A 786 39.72 26.40 -12.79
C VAL A 786 41.07 25.80 -12.36
N ALA A 787 41.10 24.48 -12.18
CA ALA A 787 42.31 23.80 -11.66
C ALA A 787 43.48 23.88 -12.65
N THR A 788 44.63 24.31 -12.16
CA THR A 788 45.88 24.30 -12.93
C THR A 788 46.40 22.87 -13.07
N ASP A 789 47.33 22.65 -14.02
CA ASP A 789 47.93 21.32 -14.25
C ASP A 789 48.66 20.77 -13.01
N GLU A 790 49.23 21.65 -12.19
CA GLU A 790 49.83 21.28 -10.91
C GLU A 790 48.76 20.74 -9.96
N GLN A 791 47.63 21.43 -9.88
CA GLN A 791 46.51 21.02 -9.01
C GLN A 791 45.85 19.70 -9.48
N ILE A 792 45.71 19.50 -10.79
CA ILE A 792 45.13 18.27 -11.34
C ILE A 792 46.00 17.07 -10.99
N ALA A 793 47.30 17.18 -11.22
CA ALA A 793 48.24 16.09 -10.92
C ALA A 793 48.32 15.73 -9.43
N ILE A 794 48.06 16.72 -8.56
CA ILE A 794 47.98 16.49 -7.11
C ILE A 794 46.67 15.80 -6.70
N MET A 795 45.53 16.27 -7.23
CA MET A 795 44.24 15.64 -6.97
C MET A 795 44.11 14.21 -7.53
N VAL A 796 44.78 13.92 -8.64
CA VAL A 796 44.75 12.59 -9.25
C VAL A 796 45.46 11.56 -8.36
N ASP A 797 46.52 11.97 -7.69
CA ASP A 797 47.20 11.11 -6.70
C ASP A 797 46.30 10.88 -5.47
N VAL A 798 45.59 11.91 -5.03
CA VAL A 798 44.65 11.77 -3.91
C VAL A 798 43.53 10.79 -4.31
N ILE A 799 42.93 11.03 -5.48
CA ILE A 799 41.89 10.14 -6.02
C ILE A 799 42.28 8.66 -6.09
N LYS A 800 43.48 8.37 -6.59
CA LYS A 800 43.95 6.99 -6.70
C LYS A 800 44.22 6.28 -5.37
N LYS A 801 44.63 7.05 -4.34
CA LYS A 801 44.85 6.50 -3.01
C LYS A 801 43.56 6.04 -2.34
N HIS A 802 42.52 6.88 -2.39
CA HIS A 802 41.33 6.68 -1.58
C HIS A 802 40.06 6.48 -2.41
N LEU A 803 39.75 7.44 -3.27
CA LEU A 803 38.51 7.39 -4.06
C LEU A 803 38.45 6.31 -5.15
N LEU A 804 39.58 5.76 -5.57
CA LEU A 804 39.58 4.69 -6.58
C LEU A 804 39.52 3.32 -5.91
N THR A 805 38.46 2.56 -6.21
CA THR A 805 38.26 1.20 -5.69
C THR A 805 38.25 0.21 -6.87
N PRO A 806 38.27 -1.11 -6.58
CA PRO A 806 38.10 -2.16 -7.61
C PRO A 806 36.80 -2.06 -8.39
N TYR A 807 35.77 -1.54 -7.74
CA TYR A 807 34.45 -1.37 -8.33
C TYR A 807 34.19 0.05 -8.82
N GLY A 808 35.24 0.87 -8.98
CA GLY A 808 35.12 2.20 -9.56
C GLY A 808 35.45 3.33 -8.63
N LEU A 809 35.33 4.55 -9.14
CA LEU A 809 35.55 5.76 -8.35
C LEU A 809 34.40 6.00 -7.40
N ARG A 810 34.67 6.00 -6.10
CA ARG A 810 33.60 6.24 -5.15
C ARG A 810 33.40 7.72 -4.88
N LEU A 811 32.18 8.04 -4.45
CA LEU A 811 31.66 9.40 -4.37
C LEU A 811 32.38 10.25 -3.34
N VAL A 812 32.73 9.62 -2.23
CA VAL A 812 33.33 10.29 -1.08
C VAL A 812 33.99 9.26 -0.17
N THR A 813 35.04 9.66 0.53
CA THR A 813 35.72 8.80 1.51
C THR A 813 34.92 8.79 2.82
N PRO A 814 35.20 7.82 3.72
CA PRO A 814 34.48 7.81 5.01
C PRO A 814 34.62 9.10 5.82
N ALA A 815 33.56 9.45 6.54
CA ALA A 815 33.42 10.76 7.19
C ALA A 815 32.36 10.77 8.30
N ASP A 816 32.76 11.24 9.50
CA ASP A 816 31.85 11.39 10.63
C ASP A 816 31.16 12.74 10.59
N LEU A 817 30.06 12.81 9.85
CA LEU A 817 29.24 14.02 9.72
C LEU A 817 28.43 14.37 11.00
N ASN A 818 28.40 13.46 11.98
CA ASN A 818 27.71 13.70 13.26
C ASN A 818 28.29 14.88 14.03
N LYS A 819 29.60 15.10 13.93
CA LYS A 819 30.25 16.25 14.58
C LYS A 819 29.91 17.60 13.93
N ILE A 820 29.46 17.59 12.67
CA ILE A 820 29.02 18.79 11.95
C ILE A 820 27.49 18.83 11.88
N GLY A 827 23.87 8.32 9.81
CA GLY A 827 23.48 8.02 8.43
C GLY A 827 22.24 7.15 8.28
N HIS A 828 21.93 6.83 7.02
CA HIS A 828 20.83 5.96 6.65
C HIS A 828 21.25 4.60 6.12
N TYR A 829 22.38 4.53 5.41
CA TYR A 829 22.77 3.30 4.71
C TYR A 829 23.97 2.61 5.32
N PHE A 830 23.98 1.28 5.25
CA PHE A 830 25.17 0.49 5.54
C PHE A 830 26.31 0.95 4.62
N PHE A 831 27.54 0.64 4.98
CA PHE A 831 28.68 0.95 4.11
C PHE A 831 28.54 0.22 2.78
N GLY A 832 28.64 0.98 1.68
CA GLY A 832 28.54 0.43 0.33
C GLY A 832 27.32 0.89 -0.45
N ASP A 833 26.21 1.17 0.21
CA ASP A 833 24.98 1.57 -0.48
C ASP A 833 24.86 3.08 -0.55
N ARG A 834 24.58 3.57 -1.76
CA ARG A 834 24.19 4.96 -2.03
C ARG A 834 25.23 6.00 -1.62
N GLU A 835 25.05 6.63 -0.47
CA GLU A 835 25.84 7.81 -0.09
C GLU A 835 27.04 7.42 0.77
N ASN A 836 26.87 6.40 1.61
CA ASN A 836 27.93 5.86 2.45
C ASN A 836 28.90 5.00 1.62
N GLY A 837 29.69 5.66 0.78
CA GLY A 837 30.83 5.02 0.12
C GLY A 837 30.57 4.18 -1.11
N ALA A 838 29.43 4.39 -1.76
CA ALA A 838 29.11 3.65 -2.97
C ALA A 838 29.87 4.24 -4.14
N VAL A 839 29.98 3.46 -5.21
CA VAL A 839 30.39 3.98 -6.51
C VAL A 839 29.11 4.52 -7.15
N PHE A 840 28.86 5.81 -6.95
CA PHE A 840 27.69 6.47 -7.51
C PHE A 840 28.03 6.83 -8.95
N LYS A 841 27.35 6.20 -9.91
CA LYS A 841 27.80 6.20 -11.31
C LYS A 841 27.56 7.51 -12.07
N HIS A 842 26.55 8.27 -11.70
CA HIS A 842 26.37 9.62 -12.25
C HIS A 842 27.55 10.51 -11.88
N ALA A 843 27.90 10.52 -10.61
CA ALA A 843 29.05 11.29 -10.13
C ALA A 843 30.38 10.80 -10.69
N SER A 844 30.49 9.50 -10.93
CA SER A 844 31.75 8.91 -11.41
C SER A 844 31.91 9.16 -12.91
N MET A 845 30.81 9.18 -13.65
CA MET A 845 30.84 9.65 -15.04
C MET A 845 31.16 11.16 -15.17
N MET A 846 30.78 11.96 -14.19
CA MET A 846 31.20 13.36 -14.15
C MET A 846 32.71 13.47 -13.92
N ALA A 847 33.26 12.56 -13.11
CA ALA A 847 34.70 12.50 -12.90
C ALA A 847 35.41 12.08 -14.17
N VAL A 848 34.84 11.12 -14.90
CA VAL A 848 35.39 10.70 -16.18
C VAL A 848 35.36 11.84 -17.20
N ALA A 849 34.30 12.64 -17.20
CA ALA A 849 34.21 13.81 -18.07
C ALA A 849 35.38 14.76 -17.85
N ALA A 850 35.70 14.97 -16.57
CA ALA A 850 36.86 15.77 -16.16
C ALA A 850 38.19 15.13 -16.56
N LEU A 851 38.31 13.82 -16.33
CA LEU A 851 39.53 13.09 -16.70
C LEU A 851 39.82 13.14 -18.20
N ILE A 852 38.78 12.99 -19.02
CA ILE A 852 38.90 13.07 -20.48
C ILE A 852 39.27 14.49 -20.93
N LYS A 853 38.61 15.50 -20.36
CA LYS A 853 38.96 16.90 -20.59
C LYS A 853 40.43 17.16 -20.29
N ALA A 854 40.87 16.72 -19.11
CA ALA A 854 42.26 16.90 -18.69
C ALA A 854 43.25 16.12 -19.56
N ALA A 855 42.87 14.91 -19.98
CA ALA A 855 43.75 14.08 -20.82
C ALA A 855 43.99 14.67 -22.22
N LYS A 856 43.07 15.51 -22.69
CA LYS A 856 43.26 16.24 -23.94
C LYS A 856 44.17 17.47 -23.78
N LYS A 857 44.00 18.22 -22.69
CA LYS A 857 44.64 19.53 -22.49
C LYS A 857 46.04 19.51 -21.88
N VAL A 858 46.24 18.72 -20.81
CA VAL A 858 47.42 18.88 -19.93
C VAL A 858 48.77 18.68 -20.62
N LYS A 859 49.78 19.31 -20.03
CA LYS A 859 51.14 19.27 -20.59
C LYS A 859 51.76 17.90 -20.47
N ASP A 860 51.63 17.27 -19.30
CA ASP A 860 52.26 15.97 -19.01
C ASP A 860 51.53 14.83 -19.71
N ASN A 861 52.21 14.18 -20.66
CA ASN A 861 51.62 13.04 -21.37
C ASN A 861 51.48 11.82 -20.48
N GLU A 862 52.38 11.67 -19.51
CA GLU A 862 52.33 10.53 -18.57
C GLU A 862 51.13 10.61 -17.61
N LEU A 863 50.73 11.84 -17.26
CA LEU A 863 49.50 12.10 -16.52
C LEU A 863 48.31 11.81 -17.41
N ALA A 864 48.32 12.42 -18.60
CA ALA A 864 47.25 12.24 -19.60
C ALA A 864 46.92 10.77 -19.82
N LYS A 865 47.97 9.96 -20.01
CA LYS A 865 47.85 8.53 -20.14
C LYS A 865 47.09 7.93 -18.95
N GLU A 866 47.55 8.27 -17.74
CA GLU A 866 46.96 7.72 -16.51
C GLU A 866 45.51 8.14 -16.30
N MET A 867 45.18 9.37 -16.63
CA MET A 867 43.81 9.85 -16.52
C MET A 867 42.88 9.12 -17.51
N ALA A 868 43.38 8.82 -18.70
CA ALA A 868 42.62 8.04 -19.68
C ALA A 868 42.51 6.58 -19.26
N ARG A 869 43.56 6.09 -18.58
CA ARG A 869 43.54 4.75 -18.00
C ARG A 869 42.35 4.58 -17.05
N ILE A 870 42.14 5.56 -16.17
CA ILE A 870 41.06 5.56 -15.19
C ILE A 870 39.70 5.76 -15.87
N ALA A 871 39.64 6.67 -16.83
CA ALA A 871 38.40 6.92 -17.59
C ALA A 871 37.85 5.65 -18.23
N TYR A 872 38.71 4.93 -18.94
CA TYR A 872 38.29 3.69 -19.59
C TYR A 872 38.05 2.54 -18.61
N PHE A 873 38.73 2.56 -17.47
CA PHE A 873 38.49 1.59 -16.41
C PHE A 873 37.08 1.72 -15.83
N MET A 874 36.70 2.97 -15.57
CA MET A 874 35.41 3.31 -14.99
C MET A 874 34.27 3.15 -15.99
N ILE A 875 34.53 3.41 -17.28
CA ILE A 875 33.55 3.17 -18.35
C ILE A 875 33.17 1.69 -18.48
N ASP A 876 34.14 0.79 -18.35
CA ASP A 876 33.86 -0.65 -18.41
C ASP A 876 33.01 -1.15 -17.24
N LEU A 877 32.97 -0.41 -16.13
CA LEU A 877 32.08 -0.74 -15.01
C LEU A 877 30.66 -0.17 -15.11
N VAL A 878 30.42 0.65 -16.13
CA VAL A 878 29.16 1.34 -16.33
C VAL A 878 28.41 0.89 -17.59
N LEU A 879 29.12 0.52 -18.66
CA LEU A 879 28.49 0.06 -19.90
C LEU A 879 27.58 -1.11 -19.60
N PRO A 880 26.27 -0.96 -19.89
CA PRO A 880 25.31 -2.02 -19.51
C PRO A 880 25.59 -3.42 -20.04
N TYR A 881 26.05 -3.55 -21.29
CA TYR A 881 26.18 -4.87 -21.93
C TYR A 881 27.14 -5.81 -21.20
N LYS A 882 28.13 -5.24 -20.53
CA LYS A 882 29.13 -6.05 -19.81
C LYS A 882 28.56 -6.68 -18.53
N ASN A 883 27.39 -6.24 -18.09
CA ASN A 883 26.68 -6.87 -16.96
C ASN A 883 26.42 -8.35 -17.21
N LEU A 884 26.26 -8.75 -18.47
CA LEU A 884 26.08 -10.17 -18.81
C LEU A 884 27.33 -11.07 -18.66
N GLU A 885 28.52 -10.46 -18.56
CA GLU A 885 29.73 -11.16 -18.09
C GLU A 885 29.60 -11.19 -16.56
N ASN A 886 29.54 -12.39 -15.97
CA ASN A 886 29.38 -12.58 -14.52
C ASN A 886 28.14 -11.85 -13.94
N PRO A 887 26.93 -12.16 -14.46
CA PRO A 887 25.73 -11.41 -14.11
C PRO A 887 25.14 -11.68 -12.71
N PHE A 888 25.33 -12.85 -12.14
CA PHE A 888 24.84 -13.12 -10.79
C PHE A 888 25.69 -12.50 -9.68
N GLN A 889 26.86 -11.98 -10.03
CA GLN A 889 27.63 -11.08 -9.14
C GLN A 889 27.20 -9.64 -9.36
N VAL A 890 27.19 -9.24 -10.62
CA VAL A 890 27.11 -7.85 -11.05
C VAL A 890 25.67 -7.31 -11.13
N ALA A 891 24.73 -8.16 -11.53
CA ALA A 891 23.32 -7.76 -11.69
C ALA A 891 23.18 -6.50 -12.57
N GLY A 892 22.52 -5.46 -12.10
CA GLY A 892 22.22 -4.31 -12.94
C GLY A 892 21.15 -4.63 -13.95
N ASN A 893 21.39 -4.21 -15.18
CA ASN A 893 20.53 -4.52 -16.31
C ASN A 893 21.40 -4.42 -17.57
N PRO A 894 21.37 -5.43 -18.46
CA PRO A 894 22.29 -5.43 -19.59
C PRO A 894 21.99 -4.42 -20.69
N ARG A 895 20.81 -3.81 -20.70
CA ARG A 895 20.47 -2.80 -21.70
C ARG A 895 20.32 -1.38 -21.15
N ILE A 896 20.33 -1.21 -19.83
CA ILE A 896 19.93 0.06 -19.23
C ILE A 896 20.82 0.37 -18.03
N CYS A 897 21.41 1.57 -18.02
CA CYS A 897 22.27 2.04 -16.92
C CYS A 897 21.49 2.17 -15.61
N THR A 898 22.09 1.65 -14.53
CA THR A 898 21.52 1.68 -13.18
C THR A 898 22.29 2.67 -12.31
N GLN A 899 21.83 2.89 -11.08
CA GLN A 899 22.26 4.05 -10.29
C GLN A 899 23.66 3.99 -9.70
N TYR A 900 24.01 2.87 -9.07
CA TYR A 900 25.28 2.76 -8.33
C TYR A 900 25.75 1.31 -8.13
N ILE A 901 27.05 1.14 -7.90
CA ILE A 901 27.64 -0.16 -7.61
C ILE A 901 27.97 -0.24 -6.13
N ASN A 902 27.43 -1.26 -5.48
CA ASN A 902 27.69 -1.48 -4.06
C ASN A 902 29.12 -1.96 -3.92
N THR A 903 29.90 -1.29 -3.08
CA THR A 903 31.35 -1.54 -2.99
C THR A 903 31.75 -2.72 -2.10
N ASP A 904 30.79 -3.40 -1.48
CA ASP A 904 31.02 -4.71 -0.84
C ASP A 904 30.89 -5.86 -1.85
N THR A 905 29.79 -5.84 -2.61
CA THR A 905 29.43 -6.93 -3.51
C THR A 905 29.83 -6.71 -4.97
N GLY A 906 29.87 -5.45 -5.41
CA GLY A 906 29.97 -5.13 -6.83
C GLY A 906 28.64 -5.23 -7.57
N GLU A 907 27.53 -5.21 -6.84
CA GLU A 907 26.19 -5.38 -7.40
C GLU A 907 25.69 -4.04 -7.90
N ASN A 908 25.28 -3.96 -9.17
CA ASN A 908 24.70 -2.75 -9.73
C ASN A 908 23.26 -2.65 -9.24
N ILE A 909 22.95 -1.58 -8.52
CA ILE A 909 21.66 -1.40 -7.87
C ILE A 909 20.87 -0.35 -8.63
N GLY A 910 19.57 -0.55 -8.72
CA GLY A 910 18.69 0.41 -9.37
C GLY A 910 18.56 1.70 -8.57
N PRO A 911 17.80 2.65 -9.07
CA PRO A 911 16.88 2.49 -10.20
C PRO A 911 17.52 2.55 -11.58
N LEU A 912 16.71 2.21 -12.60
CA LEU A 912 17.11 2.26 -14.02
C LEU A 912 17.11 3.66 -14.61
N LEU A 913 16.61 4.64 -13.87
CA LEU A 913 16.70 6.03 -14.26
C LEU A 913 17.85 6.68 -13.53
N SER A 914 18.84 7.13 -14.30
CA SER A 914 20.11 7.60 -13.76
C SER A 914 20.80 8.57 -14.73
N GLY A 915 21.32 9.67 -14.19
CA GLY A 915 22.27 10.53 -14.92
C GLY A 915 23.50 9.81 -15.49
N THR A 916 23.81 8.63 -14.96
CA THR A 916 24.83 7.77 -15.53
C THR A 916 24.77 7.66 -17.06
N ALA A 917 23.59 7.41 -17.62
CA ALA A 917 23.45 7.21 -19.07
C ALA A 917 23.79 8.50 -19.84
N THR A 918 23.16 9.60 -19.45
CA THR A 918 23.45 10.92 -20.01
C THR A 918 24.93 11.21 -20.11
N TRP A 919 25.65 11.06 -19.01
CA TRP A 919 27.09 11.35 -18.96
C TRP A 919 27.95 10.25 -19.61
N LEU A 920 27.49 9.00 -19.54
CA LEU A 920 28.12 7.91 -20.29
C LEU A 920 28.07 8.24 -21.78
N ASN A 921 26.96 8.81 -22.23
CA ASN A 921 26.79 9.20 -23.62
C ASN A 921 27.72 10.35 -23.99
N LEU A 922 27.69 11.40 -23.17
CA LEU A 922 28.61 12.53 -23.33
C LEU A 922 30.08 12.09 -23.33
N ASN A 923 30.44 11.18 -22.43
CA ASN A 923 31.83 10.73 -22.27
C ASN A 923 32.37 9.91 -23.46
N LEU A 924 31.60 8.93 -23.93
CA LEU A 924 32.03 8.08 -25.04
C LEU A 924 32.27 8.89 -26.31
N ILE A 925 31.37 9.85 -26.56
CA ILE A 925 31.50 10.78 -27.68
C ILE A 925 32.74 11.67 -27.51
N SER A 926 32.98 12.17 -26.30
CA SER A 926 34.16 13.01 -26.03
C SER A 926 35.46 12.26 -26.18
N LEU A 927 35.47 10.99 -25.77
CA LEU A 927 36.61 10.10 -26.01
C LEU A 927 36.81 9.85 -27.50
N ALA A 928 35.71 9.73 -28.24
CA ALA A 928 35.76 9.55 -29.69
C ALA A 928 36.27 10.78 -30.46
N GLY A 929 36.35 11.92 -29.78
CA GLY A 929 37.05 13.11 -30.29
C GLY A 929 36.19 14.36 -30.36
N ILE A 930 34.87 14.18 -30.39
CA ILE A 930 33.94 15.28 -30.68
C ILE A 930 33.77 16.22 -29.49
N GLU A 931 33.75 17.52 -29.80
CA GLU A 931 33.65 18.60 -28.82
C GLU A 931 33.28 19.88 -29.58
N TYR A 932 32.02 20.31 -29.46
CA TYR A 932 31.53 21.44 -30.25
C TYR A 932 32.00 22.78 -29.71
N THR A 933 32.56 23.61 -30.60
CA THR A 933 33.14 24.91 -30.26
C THR A 933 32.70 25.99 -31.26
N ARG A 934 33.03 27.25 -30.93
CA ARG A 934 32.69 28.42 -31.77
C ARG A 934 32.93 28.22 -33.26
N ASP A 935 34.11 27.71 -33.61
CA ASP A 935 34.50 27.51 -35.01
C ASP A 935 33.98 26.20 -35.64
N GLY A 936 33.68 25.20 -34.81
CA GLY A 936 33.07 23.94 -35.28
C GLY A 936 33.29 22.80 -34.31
N ILE A 937 33.86 21.70 -34.82
CA ILE A 937 34.19 20.53 -34.00
C ILE A 937 35.67 20.60 -33.62
N SER A 938 35.98 20.59 -32.32
CA SER A 938 37.34 20.37 -31.86
C SER A 938 37.54 18.87 -31.80
N PHE A 939 38.36 18.33 -32.69
CA PHE A 939 38.57 16.89 -32.81
C PHE A 939 39.87 16.48 -32.11
N ASN A 940 39.75 15.72 -31.02
CA ASN A 940 40.90 15.28 -30.24
C ASN A 940 40.60 13.93 -29.56
N PRO A 941 40.72 12.83 -30.32
CA PRO A 941 40.32 11.52 -29.80
C PRO A 941 41.34 10.84 -28.87
N ILE A 942 40.84 10.33 -27.75
CA ILE A 942 41.63 9.52 -26.81
C ILE A 942 41.17 8.07 -26.91
N LEU A 943 41.79 7.31 -27.83
CA LEU A 943 41.49 5.88 -27.96
C LEU A 943 42.05 5.07 -26.81
N ARG A 944 41.54 3.85 -26.63
CA ARG A 944 42.12 2.88 -25.71
C ARG A 944 43.48 2.47 -26.22
N GLU A 945 44.37 2.09 -25.30
CA GLU A 945 45.71 1.62 -25.66
C GLU A 945 45.71 0.28 -26.43
N GLU A 946 44.61 -0.48 -26.33
CA GLU A 946 44.47 -1.76 -27.06
C GLU A 946 43.97 -1.54 -28.48
N GLU A 947 43.08 -0.55 -28.66
CA GLU A 947 42.48 -0.24 -29.96
C GLU A 947 43.52 0.29 -30.93
N THR A 948 43.51 -0.23 -32.17
CA THR A 948 44.30 0.33 -33.28
C THR A 948 43.45 1.05 -34.34
N GLN A 949 42.15 0.75 -34.39
CA GLN A 949 41.20 1.40 -35.28
C GLN A 949 40.00 1.93 -34.48
N LEU A 950 39.40 3.03 -34.92
CA LEU A 950 38.10 3.45 -34.42
C LEU A 950 37.36 4.27 -35.46
N ASN A 951 36.16 3.81 -35.82
CA ASN A 951 35.35 4.44 -36.88
C ASN A 951 33.94 4.75 -36.38
N PHE A 952 33.45 5.94 -36.71
CA PHE A 952 32.08 6.33 -36.38
C PHE A 952 31.51 7.36 -37.36
N THR A 953 30.22 7.25 -37.68
CA THR A 953 29.53 8.24 -38.50
C THR A 953 28.95 9.30 -37.56
N LEU A 954 28.95 10.55 -37.98
CA LEU A 954 28.36 11.64 -37.22
C LEU A 954 27.49 12.48 -38.14
N LYS A 955 26.33 12.91 -37.64
CA LYS A 955 25.46 13.81 -38.38
C LYS A 955 25.59 15.24 -37.86
N ALA A 956 25.35 16.19 -38.78
CA ALA A 956 25.20 17.60 -38.46
C ALA A 956 23.90 18.06 -39.09
N PRO A 957 23.40 19.25 -38.71
CA PRO A 957 22.10 19.72 -39.24
C PRO A 957 22.04 19.78 -40.79
N LYS A 958 23.11 20.27 -41.42
CA LYS A 958 23.15 20.46 -42.88
C LYS A 958 24.23 19.64 -43.61
N CYS A 959 24.75 18.57 -42.97
CA CYS A 959 25.79 17.72 -43.56
C CYS A 959 26.00 16.43 -42.76
N SER A 960 27.02 15.65 -43.13
CA SER A 960 27.42 14.46 -42.39
C SER A 960 28.95 14.32 -42.34
N TYR A 961 29.43 13.50 -41.41
CA TYR A 961 30.86 13.19 -41.29
C TYR A 961 31.09 11.68 -41.18
N LYS A 962 32.21 11.22 -41.76
CA LYS A 962 32.66 9.84 -41.65
C LYS A 962 34.06 9.82 -41.04
N PHE A 963 34.11 9.78 -39.71
CA PHE A 963 35.39 9.77 -38.97
C PHE A 963 36.05 8.39 -39.00
N SER A 964 37.38 8.38 -38.97
CA SER A 964 38.15 7.14 -38.99
C SER A 964 39.58 7.34 -38.50
N ILE A 965 39.89 6.75 -37.34
CA ILE A 965 41.15 6.97 -36.67
C ILE A 965 41.94 5.67 -36.64
N THR A 966 43.17 5.71 -37.14
CA THR A 966 44.10 4.58 -37.04
C THR A 966 45.27 5.01 -36.15
N LYS A 967 45.71 4.11 -35.28
CA LYS A 967 46.90 4.35 -34.45
C LYS A 967 47.62 3.03 -34.15
N PRO A 968 48.94 3.08 -33.87
CA PRO A 968 49.63 1.89 -33.35
C PRO A 968 49.26 1.61 -31.86
N VAL A 969 49.39 0.35 -31.43
CA VAL A 969 49.12 -0.02 -30.04
C VAL A 969 49.92 0.87 -29.09
N GLY A 970 49.24 1.30 -28.03
CA GLY A 970 49.80 2.25 -27.05
C GLY A 970 48.94 3.50 -26.91
N PHE A 971 49.32 4.35 -25.96
CA PHE A 971 48.61 5.60 -25.73
C PHE A 971 49.06 6.63 -26.76
N ALA A 972 48.10 7.37 -27.28
CA ALA A 972 48.35 8.40 -28.30
C ALA A 972 47.29 9.50 -28.20
N ARG A 973 47.78 10.74 -28.16
CA ARG A 973 46.93 11.94 -28.22
C ARG A 973 47.66 13.00 -29.04
N MET A 974 46.89 13.94 -29.57
CA MET A 974 47.43 14.98 -30.45
C MET A 974 48.40 15.94 -29.75
N GLU A 975 48.14 16.25 -28.48
CA GLU A 975 49.01 17.15 -27.71
C GLU A 975 50.45 16.64 -27.55
N SER A 976 50.65 15.32 -27.65
CA SER A 976 51.99 14.72 -27.56
C SER A 976 52.45 13.98 -28.83
N SER A 977 51.65 13.03 -29.31
CA SER A 977 52.02 12.20 -30.48
C SER A 977 51.95 12.98 -31.79
N GLU A 978 52.79 12.59 -32.76
CA GLU A 978 52.75 13.16 -34.11
C GLU A 978 51.59 12.52 -34.89
N TYR A 979 51.00 13.29 -35.80
CA TYR A 979 49.82 12.82 -36.55
C TYR A 979 49.58 13.58 -37.85
N GLU A 980 48.74 12.97 -38.70
CA GLU A 980 48.23 13.60 -39.93
C GLU A 980 46.71 13.60 -39.85
N LEU A 981 46.09 14.72 -40.20
CA LEU A 981 44.63 14.89 -40.11
C LEU A 981 44.10 15.37 -41.44
N PHE A 982 43.31 14.51 -42.11
CA PHE A 982 42.80 14.78 -43.46
C PHE A 982 41.29 14.96 -43.44
N VAL A 983 40.81 15.98 -44.15
CA VAL A 983 39.37 16.23 -44.34
C VAL A 983 39.09 16.32 -45.85
N ASP A 984 38.44 15.30 -46.40
CA ASP A 984 38.18 15.17 -47.85
C ASP A 984 39.45 15.37 -48.68
N GLY A 985 40.46 14.56 -48.34
CA GLY A 985 41.76 14.64 -48.97
C GLY A 985 42.68 15.64 -48.29
N GLN A 986 42.36 16.94 -48.44
CA GLN A 986 43.22 18.04 -47.96
C GLN A 986 43.54 17.95 -46.45
N LYS A 987 44.77 18.34 -46.11
CA LYS A 987 45.39 18.05 -44.81
C LYS A 987 45.53 19.32 -43.99
N ILE A 988 44.63 19.49 -43.02
CA ILE A 988 44.66 20.64 -42.10
C ILE A 988 45.51 20.36 -40.86
N ASP A 989 46.41 21.28 -40.52
CA ASP A 989 47.18 21.24 -39.27
C ASP A 989 46.35 21.75 -38.09
N ASN A 990 45.44 22.69 -38.37
CA ASN A 990 44.42 23.17 -37.43
C ASN A 990 43.53 21.99 -37.02
N THR A 991 43.38 21.81 -35.71
CA THR A 991 42.66 20.67 -35.14
C THR A 991 41.14 20.84 -35.21
N VAL A 992 40.68 22.07 -35.41
CA VAL A 992 39.27 22.38 -35.53
C VAL A 992 38.76 22.05 -36.94
N ILE A 993 37.64 21.32 -36.99
CA ILE A 993 36.94 20.97 -38.22
C ILE A 993 35.66 21.79 -38.27
N PRO A 994 35.44 22.59 -39.34
CA PRO A 994 34.26 23.47 -39.38
C PRO A 994 32.93 22.75 -39.64
N MET A 995 31.83 23.37 -39.22
CA MET A 995 30.49 22.82 -39.45
C MET A 995 30.05 23.11 -40.88
N TYR A 996 30.16 22.11 -41.75
CA TYR A 996 29.80 22.26 -43.17
C TYR A 996 28.29 22.30 -43.36
N THR A 997 27.84 23.03 -44.38
CA THR A 997 26.40 23.13 -44.72
C THR A 997 26.12 22.74 -46.18
N ASP A 998 26.92 21.81 -46.72
CA ASP A 998 26.89 21.43 -48.13
C ASP A 998 26.05 20.18 -48.45
N GLU A 999 25.48 19.56 -47.43
CA GLU A 999 24.62 18.37 -47.55
C GLU A 999 25.33 17.18 -48.20
N LYS A 1000 26.52 16.86 -47.70
CA LYS A 1000 27.34 15.77 -48.26
C LYS A 1000 28.23 15.15 -47.19
N GLU A 1001 28.43 13.83 -47.27
CA GLU A 1001 29.21 13.09 -46.28
C GLU A 1001 30.70 13.39 -46.41
N HIS A 1002 31.27 14.06 -45.41
CA HIS A 1002 32.70 14.40 -45.39
C HIS A 1002 33.49 13.28 -44.72
N ILE A 1003 34.66 12.99 -45.28
CA ILE A 1003 35.54 11.92 -44.78
C ILE A 1003 36.64 12.60 -43.97
N VAL A 1004 36.71 12.27 -42.69
CA VAL A 1004 37.78 12.73 -41.82
C VAL A 1004 38.65 11.54 -41.45
N THR A 1005 39.97 11.70 -41.61
CA THR A 1005 40.93 10.64 -41.33
C THR A 1005 42.04 11.13 -40.43
N LEU A 1006 42.35 10.37 -39.38
CA LEU A 1006 43.44 10.67 -38.47
C LEU A 1006 44.38 9.46 -38.39
N LYS A 1007 45.65 9.70 -38.71
CA LYS A 1007 46.69 8.68 -38.64
C LYS A 1007 47.71 9.14 -37.60
N PHE A 1008 47.77 8.44 -36.47
CA PHE A 1008 48.81 8.65 -35.46
C PHE A 1008 50.03 7.85 -35.88
N LYS A 1009 51.21 8.48 -35.83
CA LYS A 1009 52.45 7.86 -36.31
C LYS A 1009 52.88 6.66 -35.46
N MET B 26 -21.49 8.27 -30.38
CA MET B 26 -21.24 7.04 -31.20
C MET B 26 -21.11 5.78 -30.34
N ILE B 27 -20.33 5.87 -29.26
CA ILE B 27 -20.13 4.78 -28.29
C ILE B 27 -20.91 5.09 -27.00
N THR B 28 -21.68 4.11 -26.53
CA THR B 28 -22.52 4.23 -25.33
C THR B 28 -21.74 3.85 -24.06
N LYS B 29 -22.17 4.37 -22.91
CA LYS B 29 -21.58 4.06 -21.59
C LYS B 29 -22.66 3.75 -20.54
N VAL B 30 -22.79 2.47 -20.20
CA VAL B 30 -23.76 2.02 -19.19
C VAL B 30 -23.06 1.85 -17.84
N THR B 31 -23.37 2.71 -16.86
CA THR B 31 -22.81 2.56 -15.51
C THR B 31 -23.61 1.54 -14.71
N ALA B 32 -23.02 1.10 -13.59
CA ALA B 32 -23.64 0.11 -12.70
C ALA B 32 -24.94 0.62 -12.09
N ARG B 33 -24.95 1.90 -11.71
CA ARG B 33 -26.17 2.55 -11.21
C ARG B 33 -27.17 2.90 -12.32
N ASN B 34 -26.70 3.35 -13.49
CA ASN B 34 -27.59 3.60 -14.62
C ASN B 34 -28.25 2.38 -15.24
N ASN B 35 -27.65 1.21 -15.06
CA ASN B 35 -28.17 -0.04 -15.64
C ASN B 35 -29.60 -0.33 -15.14
N LYS B 36 -30.55 -0.32 -16.08
CA LYS B 36 -31.99 -0.40 -15.81
C LYS B 36 -32.36 -1.67 -15.03
N ILE B 37 -32.65 -2.80 -15.68
CA ILE B 37 -33.08 -4.01 -14.98
C ILE B 37 -31.86 -4.77 -14.41
N THR B 38 -32.07 -5.44 -13.28
CA THR B 38 -31.10 -6.39 -12.70
C THR B 38 -31.40 -7.81 -13.23
N PRO B 39 -30.48 -8.78 -13.01
CA PRO B 39 -30.78 -10.15 -13.47
C PRO B 39 -32.00 -10.78 -12.80
N VAL B 40 -32.18 -10.52 -11.50
CA VAL B 40 -33.29 -11.12 -10.75
C VAL B 40 -34.63 -10.50 -11.19
N GLU B 41 -34.62 -9.19 -11.46
CA GLU B 41 -35.78 -8.50 -12.04
C GLU B 41 -36.13 -9.00 -13.45
N LEU B 42 -35.12 -9.22 -14.28
CA LEU B 42 -35.32 -9.82 -15.61
C LEU B 42 -35.66 -11.32 -15.54
N LEU B 43 -35.31 -12.00 -14.45
CA LEU B 43 -35.74 -13.37 -14.21
C LEU B 43 -37.24 -13.41 -13.91
N ASN B 44 -37.70 -12.46 -13.10
CA ASN B 44 -39.13 -12.34 -12.77
C ASN B 44 -39.96 -11.88 -13.97
N GLN B 45 -39.44 -10.93 -14.74
CA GLN B 45 -40.06 -10.48 -16.01
C GLN B 45 -40.24 -11.62 -17.02
N LYS B 46 -39.39 -12.63 -16.97
CA LYS B 46 -39.41 -13.77 -17.91
C LYS B 46 -40.03 -15.05 -17.38
N PHE B 47 -39.86 -15.34 -16.08
CA PHE B 47 -40.34 -16.59 -15.48
C PHE B 47 -41.28 -16.39 -14.28
N GLY B 48 -41.77 -15.16 -14.07
CA GLY B 48 -42.63 -14.84 -12.93
C GLY B 48 -43.97 -15.55 -12.96
N ASN B 49 -44.65 -15.44 -14.11
CA ASN B 49 -45.94 -16.09 -14.33
C ASN B 49 -45.86 -17.60 -14.65
N LYS B 50 -44.75 -18.06 -15.23
CA LYS B 50 -44.61 -19.46 -15.66
C LYS B 50 -44.27 -20.42 -14.51
N ILE B 51 -43.14 -20.17 -13.83
CA ILE B 51 -42.71 -20.96 -12.68
C ILE B 51 -43.01 -20.21 -11.38
N ASN B 52 -42.84 -20.90 -10.24
CA ASN B 52 -42.88 -20.25 -8.93
C ASN B 52 -41.44 -19.97 -8.45
N LEU B 53 -41.13 -18.69 -8.26
CA LEU B 53 -39.76 -18.27 -7.92
C LEU B 53 -39.48 -18.09 -6.42
N GLY B 54 -40.51 -18.16 -5.58
CA GLY B 54 -40.34 -17.94 -4.14
C GLY B 54 -39.99 -16.50 -3.80
N ASN B 55 -39.75 -16.25 -2.52
CA ASN B 55 -39.42 -14.90 -2.05
C ASN B 55 -38.02 -14.44 -2.48
N PHE B 56 -37.09 -15.38 -2.67
CA PHE B 56 -35.72 -15.07 -3.07
C PHE B 56 -35.27 -15.96 -4.24
N ALA B 57 -34.38 -15.42 -5.07
CA ALA B 57 -33.82 -16.17 -6.20
C ALA B 57 -32.61 -15.42 -6.79
N ASP B 58 -31.48 -16.11 -6.92
CA ASP B 58 -30.30 -15.52 -7.57
C ASP B 58 -30.38 -15.74 -9.06
N ALA B 59 -29.77 -14.85 -9.82
CA ALA B 59 -29.62 -14.99 -11.28
C ALA B 59 -28.41 -14.23 -11.79
N VAL B 60 -27.98 -14.52 -13.02
CA VAL B 60 -26.85 -13.85 -13.66
C VAL B 60 -27.09 -13.71 -15.15
N PHE B 61 -26.56 -12.64 -15.73
CA PHE B 61 -26.66 -12.43 -17.17
C PHE B 61 -25.73 -13.37 -17.95
N THR B 62 -26.28 -14.01 -18.97
CA THR B 62 -25.53 -14.91 -19.84
C THR B 62 -24.72 -14.18 -20.93
N ASP B 63 -25.01 -12.90 -21.17
CA ASP B 63 -24.30 -12.13 -22.19
C ASP B 63 -23.95 -10.74 -21.68
N ALA B 64 -23.10 -10.04 -22.43
CA ALA B 64 -22.67 -8.69 -22.08
C ALA B 64 -23.70 -7.61 -22.46
N ALA B 65 -24.61 -7.93 -23.38
CA ALA B 65 -25.72 -7.03 -23.73
C ALA B 65 -26.86 -7.05 -22.68
N PHE B 66 -26.90 -8.08 -21.83
CA PHE B 66 -27.85 -8.21 -20.71
C PHE B 66 -29.28 -8.55 -21.14
N LYS B 67 -29.44 -9.20 -22.28
CA LYS B 67 -30.78 -9.52 -22.77
C LYS B 67 -31.35 -10.82 -22.18
N ASN B 68 -30.49 -11.71 -21.67
CA ASN B 68 -30.92 -13.01 -21.13
C ASN B 68 -30.26 -13.31 -19.79
N VAL B 69 -30.88 -14.22 -19.03
CA VAL B 69 -30.45 -14.56 -17.68
C VAL B 69 -30.45 -16.06 -17.43
N ALA B 70 -29.63 -16.49 -16.47
CA ALA B 70 -29.65 -17.84 -15.94
C ALA B 70 -29.87 -17.71 -14.45
N GLY B 71 -30.76 -18.52 -13.89
CA GLY B 71 -31.18 -18.36 -12.50
C GLY B 71 -31.55 -19.66 -11.80
N ILE B 72 -31.77 -19.54 -10.50
CA ILE B 72 -32.25 -20.64 -9.68
C ILE B 72 -33.40 -20.10 -8.85
N ALA B 73 -34.53 -20.80 -8.92
CA ALA B 73 -35.74 -20.36 -8.25
C ALA B 73 -35.69 -20.82 -6.80
N ASN B 74 -36.29 -20.01 -5.93
CA ASN B 74 -36.69 -20.43 -4.58
C ASN B 74 -35.55 -20.79 -3.64
N LEU B 75 -34.88 -19.76 -3.13
CA LEU B 75 -33.84 -19.91 -2.13
C LEU B 75 -34.37 -19.46 -0.78
N PRO B 76 -33.83 -20.00 0.33
CA PRO B 76 -34.23 -19.57 1.69
C PRO B 76 -33.79 -18.16 2.10
N MET B 77 -32.80 -17.60 1.40
CA MET B 77 -32.41 -16.19 1.57
C MET B 77 -31.65 -15.71 0.34
N LYS B 78 -31.40 -14.40 0.25
CA LYS B 78 -30.57 -13.89 -0.85
C LYS B 78 -29.18 -14.46 -0.63
N ALA B 79 -28.60 -14.97 -1.71
CA ALA B 79 -27.27 -15.57 -1.68
C ALA B 79 -26.73 -15.66 -3.10
N PRO B 80 -25.40 -15.65 -3.26
CA PRO B 80 -24.81 -15.65 -4.60
C PRO B 80 -24.65 -17.10 -5.10
N VAL B 81 -25.79 -17.77 -5.31
CA VAL B 81 -25.81 -19.22 -5.59
C VAL B 81 -25.32 -19.51 -7.00
N MET B 82 -25.70 -18.67 -7.96
CA MET B 82 -25.25 -18.84 -9.34
C MET B 82 -23.73 -18.76 -9.43
N GLN B 83 -23.14 -17.79 -8.73
CA GLN B 83 -21.67 -17.65 -8.62
C GLN B 83 -21.00 -18.97 -8.20
N VAL B 84 -21.48 -19.57 -7.13
CA VAL B 84 -20.91 -20.82 -6.60
C VAL B 84 -21.21 -22.00 -7.53
N LEU B 85 -22.37 -21.96 -8.19
CA LEU B 85 -22.72 -22.97 -9.20
C LEU B 85 -21.77 -22.97 -10.39
N MET B 86 -21.37 -21.79 -10.87
CA MET B 86 -20.46 -21.67 -12.04
C MET B 86 -19.05 -22.21 -11.79
N GLU B 87 -18.63 -22.28 -10.51
CA GLU B 87 -17.34 -22.89 -10.16
C GLU B 87 -17.27 -24.38 -10.50
N ASN B 88 -18.42 -25.06 -10.40
CA ASN B 88 -18.57 -26.45 -10.84
C ASN B 88 -18.54 -26.49 -12.38
N CYS B 89 -17.58 -27.23 -12.94
CA CYS B 89 -17.42 -27.33 -14.41
C CYS B 89 -18.63 -27.98 -15.09
N ILE B 90 -19.14 -29.05 -14.49
CA ILE B 90 -20.31 -29.78 -15.00
C ILE B 90 -21.47 -28.83 -15.34
N VAL B 91 -21.80 -27.95 -14.39
CA VAL B 91 -22.96 -27.05 -14.52
C VAL B 91 -22.69 -25.95 -15.56
N SER B 92 -21.44 -25.48 -15.63
CA SER B 92 -21.05 -24.48 -16.64
C SER B 92 -21.26 -25.00 -18.06
N LYS B 93 -20.73 -26.20 -18.32
CA LYS B 93 -20.87 -26.86 -19.63
C LYS B 93 -22.29 -27.35 -19.91
N TYR B 94 -23.06 -27.65 -18.85
CA TYR B 94 -24.49 -28.00 -19.00
C TYR B 94 -25.29 -26.86 -19.63
N LEU B 95 -25.06 -25.64 -19.15
CA LEU B 95 -25.73 -24.44 -19.66
C LEU B 95 -25.35 -24.03 -21.09
N LYS B 96 -24.24 -24.55 -21.61
CA LYS B 96 -23.75 -24.21 -22.96
C LYS B 96 -24.73 -24.51 -24.11
N GLN B 97 -25.58 -25.52 -23.93
CA GLN B 97 -26.60 -25.88 -24.92
C GLN B 97 -27.91 -25.06 -24.83
N PHE B 98 -28.01 -24.17 -23.84
CA PHE B 98 -29.17 -23.28 -23.66
C PHE B 98 -28.76 -21.81 -23.73
N VAL B 99 -27.82 -21.41 -22.87
CA VAL B 99 -27.22 -20.07 -22.90
C VAL B 99 -26.06 -20.05 -23.93
N PRO B 100 -25.68 -18.86 -24.44
CA PRO B 100 -26.25 -17.55 -24.10
C PRO B 100 -27.43 -17.08 -24.99
N ASP B 101 -27.87 -17.88 -25.94
CA ASP B 101 -28.90 -17.47 -26.91
C ASP B 101 -30.30 -17.27 -26.29
N ARG B 102 -30.64 -18.10 -25.30
CA ARG B 102 -31.95 -18.06 -24.62
C ARG B 102 -31.80 -18.06 -23.09
N SER B 103 -32.90 -17.73 -22.39
CA SER B 103 -32.95 -17.63 -20.91
C SER B 103 -33.47 -18.90 -20.25
N VAL B 104 -33.07 -19.09 -18.99
CA VAL B 104 -33.19 -20.38 -18.30
C VAL B 104 -33.37 -20.18 -16.78
N CYS B 105 -33.95 -21.18 -16.12
CA CYS B 105 -34.04 -21.20 -14.66
C CYS B 105 -34.21 -22.62 -14.08
N PHE B 106 -33.43 -22.93 -13.04
CA PHE B 106 -33.52 -24.24 -12.37
C PHE B 106 -34.68 -24.23 -11.36
N VAL B 107 -35.33 -25.38 -11.19
CA VAL B 107 -36.47 -25.52 -10.26
C VAL B 107 -36.46 -26.91 -9.60
N GLU B 108 -36.69 -26.94 -8.28
CA GLU B 108 -36.58 -28.16 -7.49
C GLU B 108 -37.95 -28.84 -7.29
N GLU B 109 -38.52 -29.35 -8.38
CA GLU B 109 -39.83 -30.03 -8.36
C GLU B 109 -39.68 -31.51 -7.99
N GLY B 110 -40.10 -31.87 -6.79
CA GLY B 110 -39.83 -33.19 -6.20
C GLY B 110 -38.46 -33.17 -5.54
N GLN B 111 -37.70 -34.24 -5.73
CA GLN B 111 -36.29 -34.29 -5.31
C GLN B 111 -35.30 -34.31 -6.50
N LYS B 112 -35.83 -34.23 -7.72
CA LYS B 112 -35.03 -34.12 -8.94
C LYS B 112 -35.08 -32.68 -9.46
N PHE B 113 -33.95 -32.13 -9.86
CA PHE B 113 -33.90 -30.77 -10.43
C PHE B 113 -34.30 -30.75 -11.91
N TYR B 114 -34.97 -29.67 -12.32
CA TYR B 114 -35.35 -29.45 -13.71
C TYR B 114 -34.83 -28.08 -14.17
N ILE B 115 -34.57 -27.98 -15.47
CA ILE B 115 -34.23 -26.72 -16.12
C ILE B 115 -35.46 -26.28 -16.93
N VAL B 116 -35.85 -25.02 -16.79
CA VAL B 116 -37.01 -24.47 -17.47
C VAL B 116 -36.51 -23.54 -18.57
N LEU B 117 -36.89 -23.83 -19.81
CA LEU B 117 -36.65 -22.91 -20.93
C LEU B 117 -37.83 -21.95 -21.00
N GLU B 118 -37.61 -20.79 -21.65
CA GLU B 118 -38.69 -19.82 -21.87
C GLU B 118 -39.72 -20.32 -22.91
N ASP B 119 -39.30 -21.23 -23.79
CA ASP B 119 -40.20 -21.97 -24.69
C ASP B 119 -40.73 -23.24 -24.01
N GLY B 120 -41.52 -23.05 -22.95
CA GLY B 120 -42.27 -24.12 -22.32
C GLY B 120 -41.50 -25.14 -21.49
N GLN B 121 -40.86 -26.08 -22.20
CA GLN B 121 -40.34 -27.35 -21.64
C GLN B 121 -39.70 -27.27 -20.26
N LYS B 122 -40.03 -28.23 -19.38
CA LYS B 122 -39.31 -28.46 -18.13
C LYS B 122 -38.50 -29.73 -18.27
N ILE B 123 -37.26 -29.60 -18.73
CA ILE B 123 -36.39 -30.76 -18.99
C ILE B 123 -35.72 -31.18 -17.68
N GLU B 124 -35.73 -32.49 -17.41
CA GLU B 124 -35.02 -33.07 -16.28
C GLU B 124 -33.52 -32.99 -16.58
N VAL B 125 -32.74 -32.40 -15.68
CA VAL B 125 -31.29 -32.26 -15.89
C VAL B 125 -30.58 -33.60 -15.67
N PRO B 126 -29.39 -33.80 -16.29
CA PRO B 126 -28.61 -35.04 -16.08
C PRO B 126 -28.17 -35.28 -14.63
N GLU B 127 -27.82 -36.53 -14.32
CA GLU B 127 -27.55 -36.96 -12.93
C GLU B 127 -26.35 -36.29 -12.28
N ASP B 128 -25.27 -36.10 -13.05
CA ASP B 128 -24.11 -35.34 -12.57
C ASP B 128 -24.43 -33.86 -12.31
N VAL B 129 -25.32 -33.28 -13.13
CA VAL B 129 -25.79 -31.91 -12.92
C VAL B 129 -26.77 -31.85 -11.73
N ASN B 130 -27.60 -32.89 -11.58
CA ASN B 130 -28.48 -33.04 -10.42
C ASN B 130 -27.69 -33.27 -9.12
N LYS B 131 -26.55 -33.97 -9.22
CA LYS B 131 -25.67 -34.22 -8.08
C LYS B 131 -25.14 -32.91 -7.48
N ALA B 132 -24.67 -32.02 -8.35
CA ALA B 132 -24.14 -30.71 -7.96
C ALA B 132 -25.21 -29.81 -7.35
N LEU B 133 -26.35 -29.68 -8.03
CA LEU B 133 -27.42 -28.77 -7.60
C LEU B 133 -27.98 -29.10 -6.21
N LYS B 134 -28.08 -30.38 -5.86
CA LYS B 134 -28.50 -30.79 -4.51
C LYS B 134 -27.41 -30.45 -3.47
N ALA B 135 -26.16 -30.69 -3.82
CA ALA B 135 -25.02 -30.39 -2.95
C ALA B 135 -24.83 -28.87 -2.75
N THR B 136 -25.00 -28.09 -3.81
CA THR B 136 -24.85 -26.63 -3.76
C THR B 136 -25.95 -25.97 -2.92
N VAL B 137 -27.21 -26.36 -3.13
CA VAL B 137 -28.34 -25.79 -2.39
C VAL B 137 -28.67 -26.62 -1.15
N SER B 138 -27.64 -27.10 -0.45
CA SER B 138 -27.81 -27.96 0.71
C SER B 138 -28.13 -27.11 1.94
N ASP B 139 -27.21 -26.20 2.27
CA ASP B 139 -27.30 -25.36 3.47
C ASP B 139 -27.10 -23.87 3.16
N VAL B 140 -27.84 -23.37 2.17
CA VAL B 140 -27.78 -21.95 1.79
C VAL B 140 -28.16 -21.03 2.96
N LYS B 141 -29.02 -21.49 3.87
CA LYS B 141 -29.38 -20.72 5.07
C LYS B 141 -28.20 -20.45 6.02
N HIS B 142 -27.12 -21.22 5.91
CA HIS B 142 -25.93 -21.09 6.76
C HIS B 142 -24.61 -20.70 6.05
N TRP B 143 -24.66 -20.36 4.76
CA TRP B 143 -23.44 -19.97 4.00
C TRP B 143 -22.58 -18.87 4.61
N ALA B 144 -23.21 -17.91 5.30
CA ALA B 144 -22.48 -16.83 5.99
C ALA B 144 -21.98 -17.25 7.38
N GLY B 145 -22.21 -18.50 7.76
CA GLY B 145 -21.79 -19.00 9.06
C GLY B 145 -22.93 -18.93 10.02
N TYR B 146 -22.61 -19.06 11.30
CA TYR B 146 -23.62 -19.02 12.36
C TYR B 146 -22.99 -18.71 13.70
N LEU B 147 -23.83 -18.27 14.63
CA LEU B 147 -23.37 -17.91 15.95
C LEU B 147 -23.65 -19.03 16.94
N THR B 148 -22.71 -19.26 17.84
CA THR B 148 -22.91 -20.18 18.94
C THR B 148 -23.76 -19.49 19.99
N GLU B 149 -24.12 -20.21 21.04
CA GLU B 149 -24.82 -19.62 22.19
C GLU B 149 -23.95 -18.63 22.96
N ASP B 150 -22.63 -18.77 22.84
CA ASP B 150 -21.67 -17.80 23.40
C ASP B 150 -21.40 -16.60 22.49
N GLY B 151 -22.01 -16.54 21.30
CA GLY B 151 -21.82 -15.44 20.37
C GLY B 151 -20.51 -15.50 19.63
N GLU B 152 -20.01 -16.71 19.42
CA GLU B 152 -18.83 -16.96 18.60
C GLU B 152 -19.32 -17.24 17.18
N HIS B 153 -18.62 -16.73 16.19
CA HIS B 153 -19.03 -16.87 14.79
C HIS B 153 -18.27 -18.02 14.17
N VAL B 154 -18.98 -19.10 13.88
CA VAL B 154 -18.43 -20.29 13.23
C VAL B 154 -18.56 -20.10 11.73
N ILE B 155 -17.43 -20.14 11.04
CA ILE B 155 -17.31 -19.76 9.62
C ILE B 155 -16.76 -20.94 8.83
N ASP B 156 -17.24 -21.09 7.60
CA ASP B 156 -16.79 -22.12 6.68
C ASP B 156 -15.86 -21.47 5.66
N LEU B 157 -14.62 -21.96 5.57
CA LEU B 157 -13.60 -21.30 4.72
C LEU B 157 -13.86 -21.41 3.22
N LEU B 158 -14.69 -22.36 2.81
CA LEU B 158 -15.09 -22.51 1.40
C LEU B 158 -16.15 -21.52 0.92
N LYS B 159 -17.03 -21.06 1.81
CA LYS B 159 -18.17 -20.24 1.38
C LYS B 159 -17.76 -18.77 1.17
N PRO B 160 -18.44 -18.06 0.27
CA PRO B 160 -18.07 -16.67 -0.02
C PRO B 160 -18.50 -15.69 1.07
N ALA B 161 -17.80 -14.55 1.14
CA ALA B 161 -18.05 -13.53 2.16
C ALA B 161 -19.12 -12.52 1.73
N PRO B 162 -20.02 -12.13 2.67
CA PRO B 162 -20.97 -11.03 2.35
C PRO B 162 -20.29 -9.70 2.11
N GLY B 163 -19.13 -9.49 2.73
CA GLY B 163 -18.34 -8.28 2.52
C GLY B 163 -16.98 -8.34 3.18
N PRO B 164 -16.15 -7.32 2.96
CA PRO B 164 -14.75 -7.32 3.45
C PRO B 164 -14.51 -7.33 4.97
N HIS B 165 -15.52 -6.98 5.77
CA HIS B 165 -15.42 -6.98 7.24
C HIS B 165 -16.17 -8.14 7.94
N PHE B 166 -16.90 -8.96 7.20
CA PHE B 166 -17.85 -9.91 7.80
C PHE B 166 -17.15 -11.05 8.52
N TYR B 167 -16.08 -11.57 7.93
CA TYR B 167 -15.30 -12.65 8.56
C TYR B 167 -14.04 -12.17 9.29
N VAL B 168 -14.08 -10.96 9.84
CA VAL B 168 -12.93 -10.37 10.52
C VAL B 168 -13.13 -10.40 12.05
N ASN B 169 -12.03 -10.61 12.77
CA ASN B 169 -12.00 -10.56 14.25
C ASN B 169 -10.89 -9.60 14.65
N LEU B 170 -11.10 -8.91 15.78
CA LEU B 170 -10.12 -7.95 16.31
C LEU B 170 -9.55 -8.48 17.62
N LEU B 171 -8.22 -8.52 17.72
CA LEU B 171 -7.53 -8.96 18.94
C LEU B 171 -6.82 -7.80 19.61
N ILE B 172 -6.69 -7.90 20.93
CA ILE B 172 -6.11 -6.84 21.74
C ILE B 172 -5.28 -7.42 22.87
N GLY B 173 -4.14 -6.78 23.17
CA GLY B 173 -3.31 -7.15 24.31
C GLY B 173 -3.90 -6.73 25.63
N ASN B 174 -3.02 -6.47 26.60
CA ASN B 174 -3.43 -6.06 27.94
C ASN B 174 -2.26 -5.40 28.64
N ARG B 175 -2.28 -4.06 28.73
CA ARG B 175 -1.23 -3.29 29.39
C ARG B 175 -1.71 -2.59 30.68
N LEU B 176 -2.77 -3.13 31.29
CA LEU B 176 -3.30 -2.57 32.52
C LEU B 176 -2.26 -2.75 33.63
N GLY B 177 -2.03 -1.70 34.41
CA GLY B 177 -1.02 -1.70 35.47
C GLY B 177 0.41 -1.68 34.96
N PHE B 178 0.60 -1.14 33.76
CA PHE B 178 1.93 -0.97 33.16
C PHE B 178 2.05 0.41 32.51
N LYS B 179 3.29 0.83 32.30
CA LYS B 179 3.58 2.19 31.83
C LYS B 179 2.84 2.51 30.53
N ARG B 180 2.09 3.62 30.52
CA ARG B 180 1.38 4.10 29.32
C ARG B 180 0.54 3.03 28.66
N THR B 181 -0.55 2.64 29.30
CA THR B 181 -1.47 1.62 28.79
C THR B 181 -2.01 2.01 27.42
N LEU B 182 -2.59 3.20 27.38
CA LEU B 182 -3.27 3.73 26.20
C LEU B 182 -2.39 3.72 24.96
N GLN B 183 -1.11 4.07 25.08
CA GLN B 183 -0.21 4.14 23.92
C GLN B 183 0.47 2.80 23.54
N THR B 184 0.73 1.93 24.50
CA THR B 184 1.53 0.71 24.27
C THR B 184 0.76 -0.60 24.03
N THR B 185 -0.56 -0.61 24.23
CA THR B 185 -1.34 -1.87 24.12
C THR B 185 -1.42 -2.39 22.69
N PRO B 186 -0.91 -3.63 22.45
CA PRO B 186 -0.83 -4.16 21.08
C PRO B 186 -2.16 -4.61 20.56
N LYS B 187 -2.23 -4.72 19.24
CA LYS B 187 -3.49 -4.84 18.50
C LYS B 187 -3.26 -5.59 17.20
N SER B 188 -4.23 -6.40 16.79
CA SER B 188 -4.09 -7.18 15.57
C SER B 188 -5.43 -7.56 14.98
N VAL B 189 -5.44 -7.80 13.69
CA VAL B 189 -6.65 -8.13 12.95
C VAL B 189 -6.42 -9.44 12.21
N VAL B 190 -7.42 -10.31 12.29
CA VAL B 190 -7.32 -11.70 11.90
C VAL B 190 -8.57 -12.01 11.13
N ASP B 191 -8.43 -12.42 9.88
CA ASP B 191 -9.57 -12.87 9.10
C ASP B 191 -9.73 -14.39 9.27
N ARG B 192 -10.66 -14.97 8.53
CA ARG B 192 -10.98 -16.40 8.66
C ARG B 192 -9.84 -17.37 8.30
N PHE B 193 -8.92 -16.94 7.44
CA PHE B 193 -7.71 -17.75 7.15
C PHE B 193 -6.51 -17.35 8.01
N GLY B 194 -6.74 -16.59 9.08
CA GLY B 194 -5.65 -16.05 9.88
C GLY B 194 -4.86 -14.93 9.22
N ARG B 195 -5.33 -14.42 8.08
CA ARG B 195 -4.59 -13.38 7.37
C ARG B 195 -4.77 -12.06 8.09
N GLY B 196 -3.76 -11.21 7.98
CA GLY B 196 -3.84 -9.82 8.48
C GLY B 196 -2.50 -9.31 8.98
N SER B 197 -2.58 -8.32 9.86
CA SER B 197 -1.41 -7.65 10.37
C SER B 197 -1.59 -7.36 11.86
N PHE B 198 -0.49 -7.00 12.50
CA PHE B 198 -0.38 -7.00 13.94
C PHE B 198 0.58 -5.88 14.34
N ARG B 199 0.14 -5.04 15.29
CA ARG B 199 0.83 -3.79 15.66
C ARG B 199 1.14 -3.64 17.13
N SER B 200 2.27 -2.98 17.42
CA SER B 200 2.57 -2.51 18.77
C SER B 200 2.14 -1.06 18.89
N HIS B 201 2.83 -0.27 19.73
CA HIS B 201 2.45 1.13 19.96
C HIS B 201 2.29 1.91 18.67
N ALA B 202 1.33 2.83 18.66
CA ALA B 202 1.09 3.78 17.56
C ALA B 202 0.85 3.02 16.25
N ALA B 203 1.58 3.37 15.18
CA ALA B 203 1.46 2.68 13.89
C ALA B 203 2.60 1.69 13.64
N THR B 204 3.36 1.33 14.69
CA THR B 204 4.51 0.45 14.54
C THR B 204 4.01 -0.94 14.12
N GLN B 205 4.51 -1.41 12.98
CA GLN B 205 4.12 -2.70 12.46
C GLN B 205 5.05 -3.81 12.98
N VAL B 206 4.46 -4.87 13.52
CA VAL B 206 5.21 -6.09 13.79
C VAL B 206 5.17 -6.94 12.53
N LEU B 207 3.98 -7.30 12.06
CA LEU B 207 3.83 -7.94 10.76
C LEU B 207 3.32 -6.95 9.71
N ALA B 208 3.73 -7.15 8.48
CA ALA B 208 3.53 -6.19 7.41
C ALA B 208 2.06 -5.92 7.11
N THR B 209 1.68 -4.65 7.13
CA THR B 209 0.39 -4.21 6.66
C THR B 209 0.54 -4.05 5.16
N ARG B 210 -0.57 -4.17 4.43
CA ARG B 210 -0.58 -4.03 2.97
C ARG B 210 -1.47 -2.85 2.61
N PHE B 211 -0.90 -1.92 1.84
CA PHE B 211 -1.61 -0.74 1.36
C PHE B 211 -1.82 -0.88 -0.14
N ASP B 212 -2.87 -1.64 -0.49
CA ASP B 212 -3.20 -1.93 -1.88
C ASP B 212 -4.66 -1.50 -2.20
N MET B 213 -5.21 -2.05 -3.29
CA MET B 213 -6.41 -1.54 -3.92
C MET B 213 -7.68 -2.12 -3.27
N ARG B 214 -7.56 -3.28 -2.63
CA ARG B 214 -8.70 -4.03 -2.11
C ARG B 214 -8.77 -3.94 -0.57
N GLN B 215 -9.99 -3.75 -0.04
CA GLN B 215 -10.24 -3.78 1.41
C GLN B 215 -9.88 -5.13 2.04
N GLU B 216 -10.15 -6.20 1.29
CA GLU B 216 -9.90 -7.56 1.73
C GLU B 216 -8.46 -7.85 2.21
N GLU B 217 -7.49 -7.12 1.65
CA GLU B 217 -6.08 -7.33 1.98
C GLU B 217 -5.55 -6.33 3.01
N ASN B 218 -5.62 -6.72 4.27
CA ASN B 218 -5.04 -5.92 5.35
C ASN B 218 -3.54 -6.19 5.48
N GLY B 219 -3.10 -7.44 5.33
CA GLY B 219 -1.69 -7.80 5.51
C GLY B 219 -1.02 -8.34 4.28
N PHE B 220 0.29 -8.51 4.38
CA PHE B 220 1.05 -9.31 3.41
C PHE B 220 0.51 -10.75 3.47
N PRO B 221 0.36 -11.41 2.32
CA PRO B 221 -0.38 -12.68 2.33
C PRO B 221 0.23 -13.78 3.18
N ALA B 222 1.55 -13.88 3.18
CA ALA B 222 2.28 -14.86 3.98
C ALA B 222 2.03 -14.78 5.50
N ASN B 223 1.73 -13.60 6.04
CA ASN B 223 1.56 -13.43 7.50
C ASN B 223 0.69 -14.54 8.11
N ARG B 224 1.27 -15.22 9.12
CA ARG B 224 0.59 -16.25 9.92
C ARG B 224 0.34 -17.60 9.24
N GLN B 225 0.78 -17.77 7.98
CA GLN B 225 0.50 -19.00 7.24
C GLN B 225 1.64 -19.98 7.35
N PHE B 226 1.36 -21.23 7.00
CA PHE B 226 2.37 -22.28 7.04
C PHE B 226 2.03 -23.46 6.13
N TYR B 227 3.05 -24.25 5.82
CA TYR B 227 2.94 -25.38 4.91
C TYR B 227 3.30 -26.63 5.71
N LEU B 228 2.83 -27.79 5.26
CA LEU B 228 3.26 -29.09 5.78
C LEU B 228 3.67 -29.97 4.61
N TYR B 229 4.77 -30.71 4.78
CA TYR B 229 5.32 -31.57 3.74
C TYR B 229 5.45 -32.99 4.26
N GLU B 230 5.26 -33.96 3.37
CA GLU B 230 5.41 -35.38 3.69
C GLU B 230 6.23 -36.05 2.59
N ASP B 231 7.46 -36.47 2.95
CA ASP B 231 8.32 -37.28 2.09
C ASP B 231 8.62 -36.61 0.74
N GLY B 232 8.83 -35.28 0.77
CA GLY B 232 9.18 -34.51 -0.42
C GLY B 232 8.08 -33.63 -1.00
N LYS B 233 6.83 -34.08 -0.91
CA LYS B 233 5.68 -33.36 -1.48
C LYS B 233 5.10 -32.35 -0.49
N GLN B 234 4.46 -31.29 -0.99
CA GLN B 234 3.62 -30.39 -0.18
C GLN B 234 2.22 -30.99 -0.07
N ILE B 235 1.71 -31.07 1.16
CA ILE B 235 0.39 -31.64 1.43
C ILE B 235 -0.59 -30.67 2.08
N PHE B 236 -0.17 -29.43 2.32
CA PHE B 236 -1.01 -28.49 3.06
C PHE B 236 -0.54 -27.04 2.89
N TYR B 237 -1.50 -26.11 2.85
CA TYR B 237 -1.19 -24.69 3.02
C TYR B 237 -2.35 -24.03 3.70
N SER B 238 -2.08 -23.38 4.83
CA SER B 238 -3.12 -22.88 5.72
C SER B 238 -4.06 -21.88 5.07
N ALA B 239 -3.65 -21.24 3.97
CA ALA B 239 -4.51 -20.31 3.22
C ALA B 239 -5.06 -20.89 1.91
N LEU B 240 -4.98 -22.20 1.71
CA LEU B 240 -5.49 -22.83 0.51
C LEU B 240 -6.32 -24.06 0.85
N ILE B 241 -7.63 -23.95 0.68
CA ILE B 241 -8.50 -25.12 0.70
C ILE B 241 -8.41 -25.83 -0.65
N ASP B 242 -7.91 -27.06 -0.63
CA ASP B 242 -7.72 -27.89 -1.83
C ASP B 242 -8.52 -29.19 -1.69
N ASP B 243 -8.42 -30.08 -2.69
CA ASP B 243 -9.10 -31.38 -2.65
C ASP B 243 -8.78 -32.23 -1.41
N ASN B 244 -7.55 -32.14 -0.91
CA ASN B 244 -7.12 -32.84 0.31
C ASN B 244 -7.82 -32.39 1.60
N ILE B 245 -8.36 -31.17 1.64
CA ILE B 245 -9.09 -30.68 2.82
C ILE B 245 -10.56 -31.08 2.75
N VAL B 246 -11.04 -31.71 3.82
CA VAL B 246 -12.41 -32.22 3.93
C VAL B 246 -13.28 -31.27 4.75
N GLU B 247 -12.86 -31.01 5.98
CA GLU B 247 -13.48 -30.01 6.86
C GLU B 247 -12.49 -28.87 6.98
N ALA B 248 -13.01 -27.64 7.06
CA ALA B 248 -12.19 -26.45 7.26
C ALA B 248 -13.06 -25.30 7.76
N THR B 249 -13.02 -25.07 9.07
CA THR B 249 -13.90 -24.13 9.74
C THR B 249 -13.06 -23.11 10.54
N CYS B 250 -13.62 -21.94 10.79
CA CYS B 250 -12.97 -20.92 11.62
C CYS B 250 -13.95 -20.40 12.64
N LYS B 251 -13.51 -20.26 13.89
CA LYS B 251 -14.37 -19.78 14.97
C LYS B 251 -13.80 -18.51 15.59
N HIS B 252 -14.39 -17.38 15.24
CA HIS B 252 -13.99 -16.08 15.80
C HIS B 252 -14.72 -15.88 17.13
N SER B 253 -13.98 -15.50 18.17
CA SER B 253 -14.47 -15.42 19.54
C SER B 253 -13.89 -14.18 20.22
N CYS B 254 -14.21 -13.97 21.49
CA CYS B 254 -13.70 -12.80 22.24
C CYS B 254 -12.19 -12.90 22.51
N ASN B 255 -11.43 -12.27 21.61
CA ASN B 255 -9.98 -12.07 21.73
C ASN B 255 -9.14 -13.31 21.41
N ARG B 256 -9.72 -14.26 20.69
CA ARG B 256 -8.95 -15.31 20.03
C ARG B 256 -9.69 -15.81 18.81
N THR B 257 -8.95 -16.47 17.93
CA THR B 257 -9.49 -17.06 16.71
C THR B 257 -8.94 -18.47 16.67
N VAL B 258 -9.80 -19.43 16.34
CA VAL B 258 -9.40 -20.82 16.18
C VAL B 258 -9.84 -21.31 14.82
N ILE B 259 -8.90 -21.88 14.06
CA ILE B 259 -9.18 -22.38 12.73
C ILE B 259 -8.80 -23.86 12.75
N LYS B 260 -9.75 -24.72 12.39
CA LYS B 260 -9.57 -26.18 12.38
C LYS B 260 -9.59 -26.69 10.94
N TYR B 261 -8.87 -27.77 10.68
CA TYR B 261 -8.90 -28.46 9.39
C TYR B 261 -8.95 -29.97 9.63
N LYS B 262 -9.43 -30.70 8.62
CA LYS B 262 -9.33 -32.16 8.57
C LYS B 262 -8.93 -32.53 7.15
N THR B 263 -7.80 -33.23 6.99
CA THR B 263 -7.34 -33.69 5.67
C THR B 263 -7.89 -35.07 5.30
N ALA B 264 -7.81 -35.43 4.02
CA ALA B 264 -8.19 -36.77 3.55
C ALA B 264 -7.19 -37.81 4.06
N CYS B 265 -5.90 -37.45 4.06
CA CYS B 265 -4.83 -38.26 4.64
C CYS B 265 -4.93 -38.45 6.18
N ASN B 266 -5.86 -37.75 6.83
CA ASN B 266 -6.34 -38.02 8.20
C ASN B 266 -5.52 -37.27 9.27
N LEU B 267 -5.27 -35.98 9.03
CA LEU B 267 -4.64 -35.07 10.00
C LEU B 267 -5.65 -34.05 10.49
N GLU B 268 -5.62 -33.75 11.79
CA GLU B 268 -6.53 -32.80 12.39
C GLU B 268 -5.73 -31.58 12.86
N ILE B 269 -5.72 -30.54 12.03
CA ILE B 269 -4.87 -29.36 12.23
C ILE B 269 -5.68 -28.23 12.88
N THR B 270 -5.11 -27.63 13.92
CA THR B 270 -5.78 -26.59 14.71
C THR B 270 -4.84 -25.44 15.00
N ARG B 271 -5.20 -24.27 14.48
CA ARG B 271 -4.46 -23.05 14.68
C ARG B 271 -5.24 -22.22 15.69
N THR B 272 -4.54 -21.67 16.67
CA THR B 272 -5.14 -20.79 17.67
C THR B 272 -4.31 -19.53 17.70
N ILE B 273 -4.94 -18.38 17.44
CA ILE B 273 -4.24 -17.11 17.44
C ILE B 273 -4.76 -16.23 18.56
N PHE B 274 -3.84 -15.64 19.31
CA PHE B 274 -4.16 -14.64 20.32
C PHE B 274 -2.92 -13.83 20.70
N LEU B 275 -3.12 -12.68 21.29
CA LEU B 275 -2.02 -11.83 21.74
C LEU B 275 -1.74 -12.09 23.21
N VAL B 276 -0.46 -12.13 23.57
CA VAL B 276 -0.04 -12.42 24.94
C VAL B 276 -0.32 -11.22 25.86
N PRO B 277 -0.94 -11.45 27.04
CA PRO B 277 -1.08 -10.37 28.01
C PRO B 277 0.27 -10.10 28.66
N HIS B 278 0.47 -8.87 29.13
CA HIS B 278 1.81 -8.43 29.52
C HIS B 278 2.18 -8.97 30.89
N LYS B 279 3.42 -9.46 30.99
CA LYS B 279 4.01 -9.87 32.25
C LYS B 279 5.26 -9.02 32.48
N LYS B 280 5.88 -9.16 33.66
CA LYS B 280 7.13 -8.46 33.98
C LYS B 280 8.25 -8.92 33.06
N GLY B 281 8.90 -7.97 32.39
CA GLY B 281 10.08 -8.26 31.56
C GLY B 281 9.82 -8.90 30.20
N PHE B 282 8.57 -8.84 29.73
CA PHE B 282 8.18 -9.36 28.41
C PHE B 282 8.43 -8.30 27.33
N PRO B 283 8.46 -8.72 26.05
CA PRO B 283 8.46 -7.74 24.98
C PRO B 283 7.18 -6.91 24.98
N LEU B 284 7.25 -5.69 24.46
CA LEU B 284 6.08 -4.79 24.40
C LEU B 284 4.90 -5.37 23.64
N ALA B 285 5.18 -6.10 22.55
CA ALA B 285 4.13 -6.72 21.74
C ALA B 285 4.54 -8.14 21.36
N THR B 286 3.69 -9.13 21.65
CA THR B 286 3.95 -10.55 21.31
C THR B 286 2.65 -11.26 20.90
N GLU B 287 2.63 -11.87 19.72
CA GLU B 287 1.49 -12.64 19.21
C GLU B 287 1.84 -14.12 19.15
N LEU B 288 0.92 -14.95 19.61
CA LEU B 288 1.15 -16.38 19.77
C LEU B 288 0.22 -17.16 18.83
N GLN B 289 0.76 -18.06 18.01
CA GLN B 289 -0.06 -18.99 17.24
C GLN B 289 0.34 -20.42 17.61
N ARG B 290 -0.59 -21.15 18.19
CA ARG B 290 -0.38 -22.55 18.54
C ARG B 290 -1.00 -23.42 17.45
N ILE B 291 -0.17 -24.27 16.85
CA ILE B 291 -0.60 -25.20 15.81
C ILE B 291 -0.50 -26.61 16.41
N GLU B 292 -1.66 -27.22 16.66
CA GLU B 292 -1.76 -28.64 17.02
C GLU B 292 -1.90 -29.46 15.74
N ILE B 293 -1.27 -30.63 15.70
CA ILE B 293 -1.40 -31.55 14.55
C ILE B 293 -1.54 -32.97 15.09
N LYS B 294 -2.74 -33.53 15.03
CA LYS B 294 -3.03 -34.90 15.48
C LYS B 294 -3.07 -35.84 14.29
N ASN B 295 -2.38 -36.98 14.41
CA ASN B 295 -2.40 -38.04 13.41
C ASN B 295 -3.49 -39.06 13.76
N ALA B 296 -4.65 -38.91 13.11
CA ALA B 296 -5.80 -39.80 13.35
C ALA B 296 -5.69 -41.19 12.71
N SER B 297 -4.74 -41.38 11.77
CA SER B 297 -4.59 -42.67 11.07
C SER B 297 -3.90 -43.74 11.92
N ASP B 298 -3.84 -44.96 11.37
CA ASP B 298 -3.24 -46.11 12.04
C ASP B 298 -1.70 -46.09 12.10
N LYS B 299 -1.06 -45.54 11.06
CA LYS B 299 0.41 -45.48 10.97
C LYS B 299 0.98 -44.10 11.30
N ALA B 300 2.23 -44.07 11.75
CA ALA B 300 2.93 -42.81 12.08
C ALA B 300 3.44 -42.13 10.82
N ARG B 301 3.60 -40.79 10.89
CA ARG B 301 3.97 -39.96 9.74
C ARG B 301 5.14 -39.04 10.03
N ASN B 302 6.05 -38.94 9.05
CA ASN B 302 7.19 -38.04 9.12
C ASN B 302 6.89 -36.79 8.29
N LEU B 303 6.68 -35.67 8.98
CA LEU B 303 6.30 -34.40 8.35
C LEU B 303 7.31 -33.31 8.67
N SER B 304 7.12 -32.18 8.01
CA SER B 304 7.85 -30.96 8.35
C SER B 304 6.97 -29.74 8.13
N ILE B 305 7.13 -28.73 8.99
CA ILE B 305 6.40 -27.47 8.93
C ILE B 305 7.33 -26.36 8.45
N THR B 306 6.79 -25.48 7.61
CA THR B 306 7.44 -24.23 7.21
C THR B 306 6.50 -23.08 7.55
N TYR B 307 6.88 -22.25 8.52
CA TYR B 307 6.06 -21.15 8.99
C TYR B 307 6.59 -19.85 8.40
N THR B 308 5.71 -19.09 7.74
CA THR B 308 6.09 -17.89 6.96
C THR B 308 5.46 -16.61 7.48
N GLY B 309 5.99 -15.50 7.00
CA GLY B 309 5.51 -14.18 7.41
C GLY B 309 6.45 -13.09 6.95
N MET B 310 5.92 -11.86 6.93
CA MET B 310 6.67 -10.68 6.51
C MET B 310 6.63 -9.68 7.65
N PHE B 311 7.80 -9.28 8.14
CA PHE B 311 7.87 -8.20 9.11
C PHE B 311 7.48 -6.88 8.47
N GLY B 312 6.97 -5.98 9.30
CA GLY B 312 6.64 -4.64 8.87
C GLY B 312 7.88 -3.77 8.82
N THR B 313 7.91 -2.84 7.86
CA THR B 313 9.02 -1.90 7.76
C THR B 313 8.90 -0.80 8.82
N GLY B 314 10.04 -0.29 9.25
CA GLY B 314 10.10 0.90 10.09
C GLY B 314 9.81 2.14 9.26
N ALA B 315 10.37 2.19 8.05
CA ALA B 315 10.18 3.29 7.12
C ALA B 315 8.89 3.09 6.35
N VAL B 316 7.76 3.38 6.99
CA VAL B 316 6.44 3.15 6.37
C VAL B 316 6.17 4.13 5.23
N HIS B 317 6.51 5.41 5.42
CA HIS B 317 6.33 6.43 4.38
C HIS B 317 7.05 6.05 3.10
N ALA B 318 8.27 5.52 3.22
CA ALA B 318 9.12 5.17 2.07
C ALA B 318 8.53 4.09 1.14
N ILE B 319 7.62 3.26 1.65
CA ILE B 319 6.91 2.28 0.82
C ILE B 319 6.33 2.94 -0.44
N PHE B 320 5.89 4.20 -0.31
CA PHE B 320 5.37 4.98 -1.42
C PHE B 320 6.45 5.84 -2.09
N GLU B 321 7.19 6.63 -1.31
CA GLU B 321 8.19 7.54 -1.88
C GLU B 321 9.45 6.83 -2.44
N ASP B 322 9.89 5.74 -1.79
CA ASP B 322 11.16 5.08 -2.13
C ASP B 322 11.28 3.63 -1.58
N VAL B 323 10.68 2.68 -2.29
CA VAL B 323 10.71 1.27 -1.89
C VAL B 323 12.12 0.69 -1.79
N THR B 324 13.03 1.18 -2.63
CA THR B 324 14.42 0.70 -2.59
C THR B 324 15.13 1.14 -1.32
N TYR B 325 14.73 2.28 -0.76
CA TYR B 325 15.24 2.74 0.54
C TYR B 325 14.83 1.74 1.64
N THR B 326 13.54 1.40 1.70
CA THR B 326 13.07 0.45 2.70
C THR B 326 13.86 -0.87 2.68
N ASN B 327 14.32 -1.29 1.51
CA ASN B 327 15.08 -2.53 1.38
C ASN B 327 16.54 -2.40 1.83
N VAL B 328 17.24 -1.34 1.40
CA VAL B 328 18.67 -1.23 1.72
C VAL B 328 18.99 -0.82 3.16
N ILE B 329 18.05 -0.18 3.85
CA ILE B 329 18.30 0.25 5.24
C ILE B 329 18.34 -0.90 6.26
N MET B 330 17.86 -2.08 5.90
CA MET B 330 17.84 -3.22 6.81
C MET B 330 18.44 -4.49 6.21
N GLN B 331 18.62 -5.49 7.06
CA GLN B 331 19.15 -6.80 6.69
C GLN B 331 18.62 -7.85 7.65
N SER B 332 18.61 -9.11 7.22
CA SER B 332 18.18 -10.18 8.09
C SER B 332 19.27 -10.53 9.10
N ALA B 333 18.83 -11.03 10.25
CA ALA B 333 19.72 -11.53 11.30
C ALA B 333 19.13 -12.80 11.91
N ALA B 334 20.00 -13.73 12.30
CA ALA B 334 19.59 -14.99 12.95
C ALA B 334 19.81 -14.92 14.46
N LEU B 335 18.97 -15.64 15.21
CA LEU B 335 19.04 -15.66 16.67
C LEU B 335 19.46 -17.03 17.16
N TYR B 336 20.34 -17.07 18.17
CA TYR B 336 20.85 -18.31 18.74
C TYR B 336 20.81 -18.28 20.26
N ASN B 337 20.39 -19.39 20.88
CA ASN B 337 20.38 -19.52 22.34
C ASN B 337 21.78 -19.89 22.92
N ASP B 338 21.83 -20.01 24.25
CA ASP B 338 23.03 -20.43 25.01
C ASP B 338 23.79 -21.64 24.41
N LYS B 339 23.04 -22.65 23.97
CA LYS B 339 23.59 -23.91 23.45
C LYS B 339 23.96 -23.92 21.94
N GLY B 340 24.00 -22.75 21.31
CA GLY B 340 24.37 -22.62 19.88
C GLY B 340 23.32 -23.14 18.91
N GLU B 341 22.06 -23.09 19.33
CA GLU B 341 20.94 -23.62 18.56
C GLU B 341 20.15 -22.47 17.97
N PHE B 342 19.87 -22.54 16.67
CA PHE B 342 19.05 -21.53 15.99
C PHE B 342 17.64 -21.57 16.55
N ILE B 343 17.11 -20.40 16.91
CA ILE B 343 15.74 -20.27 17.38
C ILE B 343 14.83 -19.44 16.45
N GLY B 344 15.38 -18.42 15.78
CA GLY B 344 14.57 -17.59 14.88
C GLY B 344 15.27 -16.41 14.22
N ILE B 345 14.46 -15.51 13.65
CA ILE B 345 14.94 -14.44 12.78
C ILE B 345 14.55 -13.07 13.30
N THR B 346 15.39 -12.07 13.06
CA THR B 346 15.09 -10.65 13.36
C THR B 346 15.60 -9.76 12.22
N PRO B 347 14.85 -8.68 11.89
CA PRO B 347 15.35 -7.67 10.94
C PRO B 347 16.19 -6.62 11.65
N ASP B 348 17.37 -6.32 11.08
CA ASP B 348 18.35 -5.44 11.71
C ASP B 348 18.49 -4.15 10.88
N TYR B 349 18.25 -3.00 11.49
CA TYR B 349 18.26 -1.72 10.78
C TYR B 349 19.54 -0.95 11.03
N TYR B 350 19.99 -0.19 10.02
CA TYR B 350 21.12 0.74 10.15
C TYR B 350 20.77 2.11 10.76
N PRO B 351 19.66 2.77 10.31
CA PRO B 351 19.37 4.10 10.86
C PRO B 351 18.94 4.07 12.31
N GLU B 352 19.45 4.98 13.13
CA GLU B 352 19.15 5.00 14.57
C GLU B 352 17.66 5.11 14.85
N GLU B 353 16.96 5.91 14.04
CA GLU B 353 15.51 6.07 14.19
C GLU B 353 14.70 4.79 13.99
N PHE B 354 15.18 3.83 13.20
CA PHE B 354 14.51 2.50 13.07
C PHE B 354 15.12 1.41 13.97
N LYS B 355 16.08 1.78 14.81
CA LYS B 355 16.65 0.84 15.78
C LYS B 355 15.91 0.87 17.12
N GLN B 356 15.02 1.85 17.29
CA GLN B 356 14.28 2.02 18.55
C GLN B 356 13.20 0.98 18.77
N ASP B 357 12.86 0.20 17.74
CA ASP B 357 12.05 -1.01 17.88
C ASP B 357 12.81 -2.19 17.30
N THR B 358 12.69 -3.37 17.92
CA THR B 358 13.40 -4.58 17.44
C THR B 358 12.43 -5.77 17.40
N ARG B 359 12.27 -6.35 16.21
CA ARG B 359 11.27 -7.40 15.98
C ARG B 359 11.89 -8.79 16.10
N PHE B 360 11.02 -9.80 16.19
CA PHE B 360 11.45 -11.20 16.18
C PHE B 360 10.35 -12.16 15.75
N VAL B 361 10.75 -13.37 15.37
CA VAL B 361 9.86 -14.51 15.28
C VAL B 361 10.62 -15.75 15.76
N THR B 362 9.96 -16.58 16.56
CA THR B 362 10.56 -17.81 17.10
C THR B 362 9.57 -18.95 16.89
N MET B 363 10.08 -20.18 16.95
CA MET B 363 9.24 -21.36 16.86
C MET B 363 9.73 -22.38 17.87
N ILE B 364 8.80 -23.16 18.42
CA ILE B 364 9.13 -24.25 19.34
C ILE B 364 8.29 -25.45 18.96
N VAL B 365 8.92 -26.54 18.53
CA VAL B 365 8.20 -27.78 18.19
C VAL B 365 8.20 -28.72 19.38
N ARG B 366 7.01 -29.04 19.86
CA ARG B 366 6.80 -29.97 20.99
C ARG B 366 6.35 -31.31 20.45
N ASN B 367 6.91 -32.38 21.02
CA ASN B 367 6.61 -33.74 20.60
C ASN B 367 6.56 -34.61 21.85
N GLY B 368 5.52 -34.38 22.66
CA GLY B 368 5.39 -34.99 23.97
C GLY B 368 6.31 -34.33 24.99
N ASP B 369 7.36 -35.06 25.38
CA ASP B 369 8.37 -34.56 26.31
C ASP B 369 9.39 -33.63 25.65
N GLU B 370 9.77 -33.94 24.41
CA GLU B 370 10.86 -33.22 23.73
C GLU B 370 10.41 -31.91 23.06
N LYS B 371 10.78 -30.76 23.66
CA LYS B 371 10.71 -29.47 22.96
C LYS B 371 11.92 -29.34 22.04
N SER B 372 11.74 -28.67 20.91
CA SER B 372 12.82 -28.45 19.95
C SER B 372 12.61 -27.16 19.16
N PHE B 373 13.62 -26.81 18.37
CA PHE B 373 13.65 -25.55 17.64
C PHE B 373 13.71 -25.84 16.13
N PRO B 374 13.53 -24.80 15.29
CA PRO B 374 13.55 -25.07 13.85
C PRO B 374 14.96 -25.33 13.31
N GLN B 375 15.07 -26.26 12.36
CA GLN B 375 16.37 -26.72 11.86
C GLN B 375 16.83 -26.02 10.60
N SER B 376 15.93 -25.30 9.93
CA SER B 376 16.29 -24.58 8.72
C SER B 376 15.56 -23.23 8.65
N PHE B 377 15.97 -22.36 7.72
CA PHE B 377 15.28 -21.10 7.48
C PHE B 377 15.57 -20.49 6.12
N CYS B 378 14.71 -19.57 5.70
CA CYS B 378 14.88 -18.79 4.47
C CYS B 378 14.42 -17.38 4.74
N THR B 379 15.08 -16.37 4.15
CA THR B 379 14.69 -14.96 4.31
C THR B 379 14.72 -14.14 3.01
N ASP B 380 14.49 -14.80 1.88
CA ASP B 380 14.32 -14.11 0.60
C ASP B 380 13.10 -14.68 -0.09
N TYR B 381 12.04 -13.88 -0.15
CA TYR B 381 10.81 -14.26 -0.82
C TYR B 381 11.09 -14.89 -2.19
N ASN B 382 11.97 -14.28 -2.99
CA ASN B 382 12.27 -14.79 -4.33
C ASN B 382 12.82 -16.20 -4.32
N ASP B 383 13.75 -16.47 -3.40
CA ASP B 383 14.36 -17.79 -3.25
C ASP B 383 13.34 -18.83 -2.76
N PHE B 384 12.51 -18.44 -1.80
CA PHE B 384 11.49 -19.32 -1.23
C PHE B 384 10.39 -19.70 -2.25
N VAL B 385 9.88 -18.74 -3.00
CA VAL B 385 8.84 -19.01 -4.00
C VAL B 385 9.45 -19.60 -5.26
N GLY B 386 10.47 -18.93 -5.79
CA GLY B 386 11.19 -19.41 -6.98
C GLY B 386 10.28 -19.47 -8.18
N THR B 387 10.38 -20.55 -8.94
CA THR B 387 9.52 -20.84 -10.10
C THR B 387 8.02 -20.84 -9.80
N GLY B 388 7.64 -21.21 -8.57
CA GLY B 388 6.23 -21.39 -8.21
C GLY B 388 5.51 -20.12 -7.78
N THR B 389 4.51 -20.29 -6.92
CA THR B 389 3.73 -19.19 -6.34
C THR B 389 3.78 -19.31 -4.83
N LEU B 390 3.16 -18.38 -4.13
CA LEU B 390 3.09 -18.43 -2.67
C LEU B 390 2.28 -19.63 -2.15
N GLU B 391 1.29 -20.06 -2.92
CA GLU B 391 0.47 -21.21 -2.54
C GLU B 391 1.22 -22.54 -2.77
N HIS B 392 2.09 -22.56 -3.79
CA HIS B 392 2.94 -23.73 -4.07
C HIS B 392 4.37 -23.26 -4.37
N PRO B 393 5.13 -22.90 -3.32
CA PRO B 393 6.52 -22.49 -3.52
C PRO B 393 7.38 -23.59 -4.13
N ALA B 394 8.38 -23.20 -4.90
CA ALA B 394 9.33 -24.14 -5.48
C ALA B 394 10.41 -24.54 -4.47
N GLY B 395 10.86 -23.60 -3.65
CA GLY B 395 11.90 -23.85 -2.65
C GLY B 395 11.37 -23.91 -1.23
N GLY B 396 10.31 -24.71 -1.04
CA GLY B 396 9.59 -24.77 0.24
C GLY B 396 10.03 -25.86 1.19
N CYS B 397 10.39 -27.02 0.64
CA CYS B 397 10.82 -28.16 1.45
C CYS B 397 12.25 -27.94 1.96
N ASN B 398 13.17 -27.64 1.04
CA ASN B 398 14.56 -27.35 1.38
C ASN B 398 14.80 -25.83 1.41
N LEU B 399 14.98 -25.30 2.62
CA LEU B 399 15.30 -23.90 2.82
C LEU B 399 16.82 -23.70 2.84
N ASN B 400 17.28 -22.59 2.27
CA ASN B 400 18.70 -22.38 1.98
C ASN B 400 19.54 -21.74 3.09
N ASN B 401 18.93 -21.37 4.21
CA ASN B 401 19.65 -20.83 5.37
C ASN B 401 20.56 -19.63 5.10
N LYS B 402 20.17 -18.80 4.15
CA LYS B 402 20.91 -17.58 3.80
C LYS B 402 20.25 -16.38 4.47
N LEU B 403 21.04 -15.61 5.21
CA LEU B 403 20.61 -14.31 5.69
C LEU B 403 20.70 -13.31 4.56
N ASN B 404 19.59 -12.64 4.28
CA ASN B 404 19.52 -11.63 3.24
C ASN B 404 20.23 -10.36 3.73
N ARG B 405 21.05 -9.75 2.87
CA ARG B 405 21.65 -8.44 3.14
C ARG B 405 20.65 -7.29 3.00
N LYS B 406 19.55 -7.51 2.27
CA LYS B 406 18.52 -6.51 2.06
C LYS B 406 17.21 -6.93 2.72
N GLY B 407 16.34 -5.94 2.90
CA GLY B 407 14.92 -6.20 3.12
C GLY B 407 14.24 -6.64 1.81
N PRO B 408 12.94 -6.86 1.83
CA PRO B 408 12.10 -6.74 3.01
C PRO B 408 12.25 -7.93 3.98
N GLY B 409 11.65 -7.77 5.16
CA GLY B 409 11.78 -8.76 6.24
C GLY B 409 10.89 -9.99 6.11
N PHE B 410 11.08 -10.72 5.02
CA PHE B 410 10.41 -11.99 4.82
C PHE B 410 11.14 -13.05 5.63
N PHE B 411 10.39 -14.02 6.15
CA PHE B 411 11.00 -15.16 6.82
C PHE B 411 10.24 -16.44 6.57
N ALA B 412 10.97 -17.55 6.68
CA ALA B 412 10.40 -18.90 6.65
C ALA B 412 11.20 -19.71 7.68
N LEU B 413 10.50 -20.37 8.61
CA LEU B 413 11.15 -21.19 9.63
C LEU B 413 10.72 -22.62 9.42
N GLY B 414 11.70 -23.50 9.29
CA GLY B 414 11.47 -24.90 8.96
C GLY B 414 11.87 -25.84 10.08
N ALA B 415 11.07 -26.88 10.27
CA ALA B 415 11.37 -27.93 11.25
C ALA B 415 10.72 -29.24 10.83
N PRO B 416 11.46 -30.36 10.98
CA PRO B 416 10.84 -31.67 10.81
C PRO B 416 10.28 -32.20 12.14
N PHE B 417 9.37 -33.16 12.05
CA PHE B 417 8.89 -33.87 13.22
C PHE B 417 8.14 -35.14 12.82
N THR B 418 8.22 -36.18 13.65
CA THR B 418 7.37 -37.36 13.51
C THR B 418 6.18 -37.22 14.45
N VAL B 419 5.02 -37.73 14.03
CA VAL B 419 3.83 -37.74 14.87
C VAL B 419 3.26 -39.16 14.87
N GLU B 420 3.40 -39.84 16.01
CA GLU B 420 2.97 -41.23 16.17
C GLU B 420 1.44 -41.33 16.10
N PRO B 421 0.90 -42.53 15.79
CA PRO B 421 -0.53 -42.64 15.50
C PRO B 421 -1.40 -42.44 16.74
N GLY B 422 -2.18 -41.36 16.75
CA GLY B 422 -2.96 -40.95 17.92
C GLY B 422 -2.37 -39.74 18.63
N LYS B 423 -1.03 -39.64 18.68
CA LYS B 423 -0.36 -38.53 19.35
C LYS B 423 -0.51 -37.21 18.57
N THR B 424 -0.25 -36.11 19.26
CA THR B 424 -0.33 -34.76 18.69
C THR B 424 1.00 -34.03 18.82
N VAL B 425 1.40 -33.36 17.74
CA VAL B 425 2.56 -32.45 17.75
C VAL B 425 2.05 -31.01 17.87
N ILE B 426 2.63 -30.27 18.82
CA ILE B 426 2.27 -28.90 19.07
C ILE B 426 3.43 -28.00 18.62
N ILE B 427 3.14 -27.04 17.74
CA ILE B 427 4.10 -26.02 17.31
C ILE B 427 3.58 -24.66 17.77
N ASP B 428 4.40 -23.94 18.55
CA ASP B 428 4.07 -22.61 19.05
C ASP B 428 5.01 -21.60 18.43
N THR B 429 4.43 -20.55 17.83
CA THR B 429 5.21 -19.44 17.29
C THR B 429 5.11 -18.24 18.23
N PHE B 430 6.15 -17.41 18.22
CA PHE B 430 6.17 -16.18 19.00
C PHE B 430 6.70 -15.04 18.12
N THR B 431 5.79 -14.35 17.43
CA THR B 431 6.12 -13.17 16.65
C THR B 431 5.93 -11.97 17.55
N GLY B 432 6.80 -10.98 17.47
CA GLY B 432 6.69 -9.84 18.39
C GLY B 432 7.73 -8.74 18.28
N LEU B 433 7.74 -7.86 19.26
CA LEU B 433 8.47 -6.59 19.21
C LEU B 433 8.81 -6.08 20.59
N SER B 434 10.05 -5.61 20.76
CA SER B 434 10.46 -4.83 21.94
C SER B 434 10.75 -3.41 21.47
N SER B 435 10.83 -2.48 22.42
CA SER B 435 10.81 -1.06 22.07
C SER B 435 11.38 -0.16 23.16
N SER B 436 11.93 0.97 22.72
CA SER B 436 12.46 1.99 23.60
C SER B 436 11.36 2.75 24.37
N LYS B 437 10.12 2.68 23.88
CA LYS B 437 8.99 3.34 24.56
C LYS B 437 8.66 2.74 25.92
N ASP B 438 9.04 1.50 26.17
CA ASP B 438 8.96 0.90 27.52
C ASP B 438 10.29 1.03 28.29
N ASN B 439 11.40 0.77 27.61
CA ASN B 439 12.73 0.64 28.26
C ASN B 439 13.65 1.86 28.04
N GLU B 440 14.10 2.45 29.15
CA GLU B 440 15.13 3.50 29.12
C GLU B 440 16.45 2.92 28.62
N ASN B 441 17.22 3.75 27.91
CA ASN B 441 18.52 3.37 27.33
C ASN B 441 18.40 2.10 26.46
N TYR B 442 17.66 2.21 25.35
CA TYR B 442 17.33 1.05 24.54
C TYR B 442 18.47 0.60 23.62
N SER B 443 18.49 -0.70 23.34
CA SER B 443 19.29 -1.28 22.26
C SER B 443 18.69 -2.63 21.89
N ASP B 444 19.27 -3.27 20.88
CA ASP B 444 18.85 -4.64 20.51
C ASP B 444 19.09 -5.68 21.62
N ALA B 445 20.04 -5.38 22.51
CA ALA B 445 20.30 -6.20 23.71
C ALA B 445 19.08 -6.31 24.64
N VAL B 446 18.26 -5.27 24.67
CA VAL B 446 17.06 -5.23 25.51
C VAL B 446 16.02 -6.23 24.99
N MET B 447 15.84 -6.27 23.67
CA MET B 447 14.94 -7.24 23.04
C MET B 447 15.40 -8.67 23.33
N LEU B 448 16.72 -8.88 23.31
CA LEU B 448 17.30 -10.21 23.54
C LEU B 448 17.08 -10.72 24.97
N ARG B 449 17.13 -9.82 25.96
CA ARG B 449 16.78 -10.16 27.34
C ARG B 449 15.31 -10.56 27.42
N GLU B 450 14.45 -9.72 26.85
CA GLU B 450 13.00 -9.90 26.93
C GLU B 450 12.48 -11.12 26.19
N LEU B 451 13.08 -11.45 25.05
CA LEU B 451 12.74 -12.68 24.33
C LEU B 451 13.06 -13.93 25.16
N ASP B 452 14.17 -13.88 25.92
CA ASP B 452 14.53 -15.00 26.80
C ASP B 452 13.49 -15.19 27.88
N ASN B 453 13.11 -14.10 28.55
CA ASN B 453 12.03 -14.12 29.54
C ASN B 453 10.79 -14.80 28.97
N LEU B 454 10.39 -14.39 27.77
CA LEU B 454 9.21 -14.95 27.09
C LEU B 454 9.34 -16.44 26.88
N LEU B 455 10.46 -16.87 26.28
CA LEU B 455 10.67 -18.30 25.98
C LEU B 455 10.84 -19.17 27.23
N ARG B 456 11.35 -18.58 28.31
CA ARG B 456 11.36 -19.24 29.63
C ARG B 456 9.93 -19.46 30.16
N TYR B 457 9.13 -18.39 30.12
CA TYR B 457 7.75 -18.44 30.62
C TYR B 457 6.88 -19.48 29.92
N PHE B 458 7.05 -19.64 28.61
CA PHE B 458 6.30 -20.64 27.84
C PHE B 458 7.12 -21.91 27.53
N GLU B 459 8.04 -22.29 28.43
CA GLU B 459 8.85 -23.50 28.25
C GLU B 459 7.97 -24.74 28.29
N LYS B 460 7.12 -24.84 29.33
CA LYS B 460 6.19 -25.95 29.49
C LYS B 460 5.00 -25.81 28.52
N SER B 461 4.53 -26.95 28.00
CA SER B 461 3.45 -26.98 27.01
C SER B 461 2.11 -26.46 27.54
N GLU B 462 1.77 -26.84 28.77
CA GLU B 462 0.54 -26.38 29.42
C GLU B 462 0.46 -24.85 29.55
N SER B 463 1.59 -24.19 29.72
CA SER B 463 1.69 -22.72 29.86
C SER B 463 0.80 -21.91 28.90
N VAL B 464 0.79 -22.32 27.62
CA VAL B 464 0.07 -21.60 26.55
C VAL B 464 -1.46 -21.75 26.71
N GLU B 465 -1.92 -22.96 27.00
CA GLU B 465 -3.34 -23.20 27.26
C GLU B 465 -3.84 -22.49 28.52
N GLU B 466 -2.93 -22.27 29.49
CA GLU B 466 -3.24 -21.53 30.72
C GLU B 466 -3.37 -20.04 30.47
N THR B 467 -2.43 -19.47 29.71
CA THR B 467 -2.49 -18.04 29.36
C THR B 467 -3.71 -17.70 28.49
N LEU B 468 -4.12 -18.65 27.65
CA LEU B 468 -5.36 -18.53 26.87
C LEU B 468 -6.57 -18.44 27.77
N ASN B 469 -6.70 -19.39 28.69
CA ASN B 469 -7.79 -19.38 29.66
C ASN B 469 -7.72 -18.18 30.59
N GLU B 470 -6.53 -17.64 30.82
CA GLU B 470 -6.37 -16.35 31.52
C GLU B 470 -7.07 -15.23 30.74
N ILE B 471 -6.83 -15.17 29.43
CA ILE B 471 -7.48 -14.19 28.56
C ILE B 471 -8.99 -14.39 28.53
N ILE B 472 -9.43 -15.63 28.30
CA ILE B 472 -10.87 -15.94 28.20
C ILE B 472 -11.61 -15.51 29.45
N ASN B 473 -11.01 -15.78 30.60
CA ASN B 473 -11.60 -15.44 31.89
C ASN B 473 -11.61 -13.93 32.14
N PHE B 474 -10.56 -13.23 31.72
CA PHE B 474 -10.53 -11.77 31.91
C PHE B 474 -11.75 -11.08 31.33
N HIS B 475 -12.14 -11.48 30.12
CA HIS B 475 -13.26 -10.89 29.39
C HIS B 475 -14.63 -11.36 29.89
N GLU B 476 -14.76 -12.66 30.15
CA GLU B 476 -15.99 -13.20 30.76
C GLU B 476 -16.28 -12.47 32.05
N ASN B 477 -15.24 -12.17 32.81
CA ASN B 477 -15.39 -11.47 34.09
C ASN B 477 -15.51 -9.95 33.95
N TYR B 478 -14.90 -9.37 32.90
CA TYR B 478 -15.07 -7.94 32.55
C TYR B 478 -16.50 -7.61 32.17
N GLY B 479 -17.15 -8.52 31.44
CA GLY B 479 -18.54 -8.35 31.01
C GLY B 479 -19.62 -8.39 32.08
N LYS B 480 -19.28 -8.88 33.28
CA LYS B 480 -20.28 -9.13 34.34
C LYS B 480 -20.89 -7.85 34.95
N TYR B 481 -20.36 -6.68 34.61
CA TYR B 481 -20.97 -5.40 35.00
C TYR B 481 -22.47 -5.30 34.67
N PHE B 482 -22.83 -5.74 33.47
CA PHE B 482 -24.22 -5.75 33.01
C PHE B 482 -24.44 -7.00 32.18
N GLN B 483 -25.41 -7.83 32.56
CA GLN B 483 -25.69 -9.08 31.87
C GLN B 483 -27.19 -9.20 31.68
N PHE B 484 -27.66 -9.16 30.44
CA PHE B 484 -29.05 -9.46 30.12
C PHE B 484 -29.29 -10.97 30.22
N ASN B 485 -30.36 -11.39 30.89
CA ASN B 485 -30.82 -12.78 30.86
C ASN B 485 -32.21 -12.81 30.21
N THR B 486 -32.26 -12.43 28.92
CA THR B 486 -33.48 -12.52 28.12
C THR B 486 -33.62 -13.93 27.54
N GLY B 487 -34.72 -14.17 26.84
CA GLY B 487 -34.93 -15.42 26.10
C GLY B 487 -33.96 -15.58 24.94
N ASN B 488 -33.82 -14.53 24.14
CA ASN B 488 -32.96 -14.57 22.95
C ASN B 488 -31.48 -14.70 23.33
N LYS B 489 -30.94 -15.91 23.20
CA LYS B 489 -29.53 -16.18 23.51
C LYS B 489 -28.56 -15.35 22.65
N LEU B 490 -28.89 -15.15 21.38
CA LEU B 490 -28.05 -14.36 20.45
C LEU B 490 -27.94 -12.86 20.81
N PHE B 491 -29.02 -12.30 21.33
CA PHE B 491 -28.97 -10.93 21.84
C PHE B 491 -28.05 -10.86 23.04
N ASP B 492 -28.32 -11.73 24.02
CA ASP B 492 -27.59 -11.78 25.29
C ASP B 492 -26.09 -11.86 25.11
N SER B 493 -25.62 -12.87 24.38
CA SER B 493 -24.20 -13.03 24.11
C SER B 493 -23.62 -11.85 23.32
N GLY B 494 -24.40 -11.37 22.36
CA GLY B 494 -24.04 -10.20 21.56
C GLY B 494 -23.77 -8.97 22.40
N PHE B 495 -24.61 -8.74 23.40
CA PHE B 495 -24.43 -7.59 24.29
C PHE B 495 -23.45 -7.88 25.41
N ASN B 496 -23.58 -9.06 26.03
CA ASN B 496 -22.83 -9.40 27.26
C ASN B 496 -21.35 -9.68 26.99
N ARG B 497 -21.04 -10.32 25.86
CA ARG B 497 -19.67 -10.65 25.48
C ARG B 497 -19.16 -9.74 24.37
N ASN B 498 -19.88 -9.72 23.25
CA ASN B 498 -19.38 -9.13 22.00
C ASN B 498 -19.31 -7.62 22.06
N LEU B 499 -20.41 -6.98 22.43
CA LEU B 499 -20.46 -5.53 22.44
C LEU B 499 -19.51 -4.99 23.50
N ALA B 500 -19.58 -5.57 24.71
CA ALA B 500 -18.65 -5.26 25.80
C ALA B 500 -17.20 -5.20 25.34
N PHE B 501 -16.80 -6.20 24.56
CA PHE B 501 -15.44 -6.30 24.03
C PHE B 501 -15.12 -5.17 23.06
N GLN B 502 -16.03 -4.93 22.12
CA GLN B 502 -15.81 -3.87 21.12
C GLN B 502 -15.63 -2.51 21.78
N VAL B 503 -16.39 -2.28 22.83
CA VAL B 503 -16.32 -1.04 23.57
C VAL B 503 -14.99 -0.96 24.33
N LEU B 504 -14.49 -2.09 24.82
CA LEU B 504 -13.13 -2.18 25.39
C LEU B 504 -12.10 -1.86 24.31
N TYR B 505 -12.16 -2.60 23.21
CA TYR B 505 -11.26 -2.42 22.07
C TYR B 505 -11.17 -0.97 21.60
N GLN B 506 -12.30 -0.27 21.57
CA GLN B 506 -12.33 1.13 21.12
C GLN B 506 -11.86 2.14 22.16
N THR B 507 -11.80 1.76 23.42
CA THR B 507 -11.23 2.63 24.45
C THR B 507 -9.73 2.80 24.17
N PHE B 508 -9.05 1.70 23.90
CA PHE B 508 -7.61 1.73 23.63
C PHE B 508 -7.27 2.21 22.22
N MET B 509 -7.94 1.65 21.21
CA MET B 509 -7.59 1.90 19.79
C MET B 509 -8.29 3.07 19.12
N SER B 510 -9.32 3.64 19.75
CA SER B 510 -10.12 4.67 19.10
C SER B 510 -10.55 4.17 17.71
N ARG B 511 -10.15 4.86 16.62
CA ARG B 511 -10.51 4.51 15.26
C ARG B 511 -9.22 4.31 14.45
N SER B 512 -8.20 3.76 15.10
CA SER B 512 -6.82 3.77 14.55
C SER B 512 -6.47 2.51 13.75
N PHE B 513 -6.95 1.35 14.18
CA PHE B 513 -6.53 0.07 13.59
C PHE B 513 -7.63 -0.99 13.51
N GLY B 514 -8.07 -1.26 12.28
CA GLY B 514 -8.94 -2.39 11.99
C GLY B 514 -8.57 -2.95 10.63
N GLN B 515 -9.54 -3.57 9.97
CA GLN B 515 -9.32 -4.22 8.66
C GLN B 515 -8.91 -3.23 7.59
N THR B 516 -9.74 -2.19 7.40
CA THR B 516 -9.51 -1.15 6.39
C THR B 516 -8.93 0.14 6.97
N GLN B 517 -8.87 0.24 8.30
CA GLN B 517 -8.40 1.45 8.97
C GLN B 517 -6.93 1.20 9.33
N LYS B 518 -6.03 1.58 8.41
CA LYS B 518 -4.61 1.23 8.48
C LYS B 518 -3.63 2.39 8.52
N GLY B 519 -4.00 3.51 7.92
CA GLY B 519 -3.13 4.69 7.87
C GLY B 519 -3.16 5.47 9.16
N TYR B 520 -2.25 6.42 9.30
CA TYR B 520 -2.03 7.09 10.58
C TYR B 520 -3.25 7.93 10.99
N ARG B 521 -4.00 7.35 11.94
CA ARG B 521 -4.99 8.07 12.70
C ARG B 521 -4.60 7.87 14.15
N GLU B 522 -4.29 8.97 14.84
CA GLU B 522 -3.91 8.93 16.27
C GLU B 522 -5.13 8.64 17.17
N ILE B 523 -5.02 8.98 18.45
CA ILE B 523 -6.14 8.88 19.38
C ILE B 523 -6.83 10.24 19.34
N GLY B 524 -8.12 10.25 19.00
CA GLY B 524 -8.86 11.49 18.81
C GLY B 524 -9.47 11.94 20.11
N PHE B 525 -9.42 13.24 20.37
CA PHE B 525 -9.94 13.81 21.61
C PHE B 525 -11.42 13.45 21.85
N ARG B 526 -12.22 13.51 20.80
CA ARG B 526 -13.66 13.22 20.89
C ARG B 526 -13.99 11.74 21.07
N GLU B 527 -13.03 10.84 20.84
CA GLU B 527 -13.18 9.42 21.19
C GLU B 527 -12.97 9.13 22.70
N ILE B 528 -12.92 10.19 23.52
CA ILE B 528 -13.26 10.08 24.93
C ILE B 528 -14.67 9.51 25.12
N GLN B 529 -15.57 9.77 24.15
CA GLN B 529 -16.90 9.16 24.12
C GLN B 529 -16.89 7.66 24.43
N ASP B 530 -15.89 6.94 23.89
CA ASP B 530 -15.74 5.50 24.14
C ASP B 530 -15.64 5.17 25.64
N LEU B 531 -14.99 6.06 26.40
CA LEU B 531 -14.85 5.91 27.85
C LEU B 531 -16.20 5.93 28.56
N PHE B 532 -17.13 6.76 28.09
CA PHE B 532 -18.47 6.89 28.70
C PHE B 532 -19.13 5.53 28.98
N ALA B 533 -18.90 4.56 28.10
CA ALA B 533 -19.46 3.22 28.26
C ALA B 533 -18.52 2.25 28.98
N SER B 534 -17.23 2.27 28.63
CA SER B 534 -16.27 1.31 29.22
C SER B 534 -15.94 1.57 30.69
N MET B 535 -16.06 2.83 31.11
CA MET B 535 -15.82 3.30 32.48
C MET B 535 -16.47 2.46 33.57
N TYR B 536 -17.76 2.17 33.41
CA TYR B 536 -18.50 1.39 34.40
C TYR B 536 -18.04 -0.08 34.44
N TYR B 537 -17.56 -0.59 33.30
CA TYR B 537 -17.00 -1.95 33.22
C TYR B 537 -15.63 -2.02 33.92
N PHE B 538 -14.80 -1.00 33.74
CA PHE B 538 -13.45 -0.97 34.32
C PHE B 538 -13.49 -0.87 35.82
N ILE B 539 -14.26 0.10 36.31
CA ILE B 539 -14.41 0.33 37.75
C ILE B 539 -14.84 -0.96 38.45
N ASN B 540 -15.79 -1.67 37.86
CA ASN B 540 -16.33 -2.91 38.45
C ASN B 540 -15.45 -4.16 38.32
N ILE B 541 -14.24 -4.06 37.75
CA ILE B 541 -13.19 -5.08 37.96
C ILE B 541 -11.96 -4.46 38.66
N GLY B 542 -12.22 -3.42 39.45
CA GLY B 542 -11.19 -2.81 40.26
C GLY B 542 -10.12 -2.03 39.53
N TYR B 543 -10.46 -1.53 38.34
CA TYR B 543 -9.56 -0.65 37.59
C TYR B 543 -10.09 0.78 37.55
N GLN B 544 -10.57 1.27 38.70
CA GLN B 544 -10.94 2.68 38.85
C GLN B 544 -9.68 3.56 38.71
N ASP B 545 -8.52 3.00 39.05
CA ASP B 545 -7.23 3.65 38.84
C ASP B 545 -7.00 3.97 37.36
N PHE B 546 -7.10 2.93 36.52
CA PHE B 546 -6.95 3.10 35.07
C PHE B 546 -7.92 4.12 34.47
N VAL B 547 -9.17 4.11 34.92
CA VAL B 547 -10.17 5.08 34.47
C VAL B 547 -9.76 6.52 34.83
N LYS B 548 -9.17 6.71 36.01
CA LYS B 548 -8.59 8.01 36.38
C LYS B 548 -7.42 8.37 35.46
N GLU B 549 -6.51 7.40 35.25
CA GLU B 549 -5.34 7.59 34.37
C GLU B 549 -5.75 8.11 32.98
N LEU B 550 -6.76 7.48 32.38
CA LEU B 550 -7.28 7.91 31.08
C LEU B 550 -7.81 9.33 31.14
N LEU B 551 -8.70 9.60 32.09
CA LEU B 551 -9.29 10.94 32.26
C LEU B 551 -8.23 12.03 32.22
N PHE B 552 -7.16 11.86 33.01
CA PHE B 552 -6.09 12.86 33.11
C PHE B 552 -5.31 13.02 31.80
N GLU B 553 -5.04 11.90 31.11
CA GLU B 553 -4.31 11.95 29.84
C GLU B 553 -5.08 12.76 28.79
N TRP B 554 -6.40 12.57 28.74
CA TRP B 554 -7.26 13.42 27.90
C TRP B 554 -7.30 14.85 28.45
N THR B 555 -7.49 14.99 29.76
CA THR B 555 -7.57 16.31 30.42
C THR B 555 -6.32 17.15 30.22
N ALA B 556 -5.16 16.48 30.15
CA ALA B 556 -3.87 17.14 29.94
C ALA B 556 -3.86 18.10 28.75
N ASN B 557 -4.57 17.72 27.69
CA ASN B 557 -4.57 18.44 26.41
C ASN B 557 -5.45 19.72 26.41
N VAL B 558 -6.09 20.04 27.54
CA VAL B 558 -6.76 21.33 27.74
C VAL B 558 -5.72 22.41 28.12
N TYR B 559 -6.01 23.67 27.74
CA TYR B 559 -5.14 24.83 27.98
C TYR B 559 -5.65 25.64 29.18
N LYS B 560 -4.87 26.64 29.61
CA LYS B 560 -5.28 27.57 30.70
C LYS B 560 -6.58 28.33 30.42
N MET B 561 -6.91 28.51 29.13
CA MET B 561 -8.11 29.22 28.65
C MET B 561 -9.41 28.41 28.80
N GLY B 562 -9.43 27.20 28.24
CA GLY B 562 -10.64 26.36 28.15
C GLY B 562 -10.74 25.52 26.88
N TYR B 563 -10.15 26.04 25.78
CA TYR B 563 -9.90 25.25 24.56
C TYR B 563 -8.84 24.18 24.77
N ALA B 564 -8.79 23.24 23.85
CA ALA B 564 -7.94 22.05 23.97
C ALA B 564 -7.44 21.55 22.61
N ASN B 565 -6.51 20.59 22.65
CA ASN B 565 -5.93 19.96 21.44
C ASN B 565 -6.99 19.13 20.75
N HIS B 566 -6.79 18.85 19.46
CA HIS B 566 -7.74 18.01 18.70
C HIS B 566 -7.34 16.51 18.70
N ASN B 567 -6.03 16.23 18.70
CA ASN B 567 -5.59 14.83 18.70
C ASN B 567 -4.29 14.63 19.43
N PHE B 568 -3.87 13.36 19.55
CA PHE B 568 -2.65 12.99 20.27
C PHE B 568 -2.27 11.53 20.11
N TYR B 569 -1.01 11.24 20.39
CA TYR B 569 -0.58 9.89 20.74
C TYR B 569 0.47 9.98 21.85
N TRP B 570 1.70 10.40 21.51
CA TRP B 570 2.74 10.67 22.51
C TRP B 570 2.71 12.14 22.92
N VAL B 571 2.62 13.02 21.93
CA VAL B 571 2.33 14.46 22.17
C VAL B 571 1.02 14.86 21.49
N GLY B 572 0.35 15.87 22.06
CA GLY B 572 -0.91 16.43 21.51
C GLY B 572 -0.70 17.68 20.66
N LYS B 573 -1.61 17.90 19.71
CA LYS B 573 -1.43 18.85 18.60
C LYS B 573 -2.72 19.58 18.21
N GLN B 574 -2.55 20.67 17.46
CA GLN B 574 -3.66 21.40 16.80
C GLN B 574 -4.67 21.99 17.80
N PRO B 575 -4.22 22.90 18.68
CA PRO B 575 -5.02 23.41 19.82
C PRO B 575 -6.10 24.44 19.46
N GLY B 576 -7.35 24.13 19.82
CA GLY B 576 -8.51 24.93 19.42
C GLY B 576 -8.86 24.87 17.93
N LEU B 577 -8.38 23.85 17.21
CA LEU B 577 -8.59 23.76 15.76
C LEU B 577 -10.06 23.46 15.46
N TYR B 578 -10.53 22.30 15.93
CA TYR B 578 -11.95 21.94 15.89
C TYR B 578 -12.65 22.37 17.20
N SER B 579 -13.85 22.93 17.05
CA SER B 579 -14.51 23.63 18.15
C SER B 579 -15.15 22.72 19.20
N ASP B 580 -15.52 21.49 18.83
CA ASP B 580 -16.25 20.60 19.74
C ASP B 580 -15.38 19.96 20.83
N ASP B 581 -14.17 19.56 20.45
CA ASP B 581 -13.34 18.61 21.23
C ASP B 581 -13.35 18.83 22.75
N SER B 582 -12.90 20.00 23.19
CA SER B 582 -12.87 20.36 24.62
C SER B 582 -14.13 19.96 25.37
N LEU B 583 -15.29 20.35 24.85
CA LEU B 583 -16.59 20.19 25.55
C LEU B 583 -16.97 18.77 26.00
N TRP B 584 -16.50 17.75 25.28
CA TRP B 584 -16.82 16.35 25.61
C TRP B 584 -16.22 15.91 26.95
N LEU B 585 -15.05 16.44 27.30
CA LEU B 585 -14.34 16.06 28.52
C LEU B 585 -15.22 16.14 29.79
N LEU B 586 -16.03 17.18 29.88
CA LEU B 586 -16.96 17.36 31.03
C LEU B 586 -17.92 16.17 31.23
N GLN B 587 -18.41 15.60 30.12
CA GLN B 587 -19.30 14.42 30.19
C GLN B 587 -18.61 13.18 30.76
N ALA B 588 -17.29 13.06 30.55
CA ALA B 588 -16.51 11.98 31.13
C ALA B 588 -16.40 12.15 32.63
N TYR B 589 -15.94 13.32 33.05
CA TYR B 589 -15.80 13.65 34.47
C TYR B 589 -17.13 13.52 35.20
N TYR B 590 -18.19 14.08 34.62
CA TYR B 590 -19.52 13.99 35.21
C TYR B 590 -19.94 12.54 35.46
N ARG B 591 -19.83 11.70 34.44
CA ARG B 591 -20.19 10.28 34.54
C ARG B 591 -19.36 9.54 35.59
N TYR B 592 -18.04 9.78 35.58
CA TYR B 592 -17.15 9.16 36.56
C TYR B 592 -17.48 9.59 37.98
N ILE B 593 -17.54 10.91 38.18
CA ILE B 593 -17.77 11.47 39.52
C ILE B 593 -19.07 10.93 40.12
N ILE B 594 -20.16 11.01 39.34
CA ILE B 594 -21.49 10.57 39.81
C ILE B 594 -21.52 9.09 40.20
N TYR B 595 -20.84 8.24 39.44
CA TYR B 595 -20.83 6.80 39.72
C TYR B 595 -20.04 6.44 40.98
N THR B 596 -18.90 7.12 41.18
CA THR B 596 -17.95 6.80 42.26
C THR B 596 -18.01 7.75 43.46
N LYS B 597 -18.69 8.88 43.31
CA LYS B 597 -18.75 9.95 44.32
C LYS B 597 -17.33 10.45 44.68
N ASP B 598 -16.48 10.54 43.65
CA ASP B 598 -15.05 10.72 43.82
C ASP B 598 -14.62 12.14 43.42
N THR B 599 -14.95 13.08 44.29
CA THR B 599 -14.57 14.49 44.14
C THR B 599 -13.08 14.74 44.39
N SER B 600 -12.38 13.76 44.98
CA SER B 600 -10.92 13.84 45.16
C SER B 600 -10.14 14.05 43.85
N VAL B 601 -10.71 13.61 42.74
CA VAL B 601 -10.17 13.93 41.42
C VAL B 601 -10.31 15.43 41.12
N LEU B 602 -11.42 16.03 41.53
CA LEU B 602 -11.67 17.46 41.34
C LEU B 602 -10.57 18.41 41.89
N ASN B 603 -9.80 17.96 42.89
CA ASN B 603 -8.74 18.79 43.51
C ASN B 603 -7.31 18.31 43.23
N GLU B 604 -7.06 17.77 42.02
CA GLU B 604 -5.74 17.26 41.64
C GLU B 604 -5.10 18.06 40.49
N GLU B 605 -3.78 18.25 40.56
CA GLU B 605 -3.02 19.06 39.60
C GLU B 605 -2.60 18.22 38.40
N VAL B 606 -2.84 18.74 37.19
CA VAL B 606 -2.67 18.00 35.93
C VAL B 606 -1.84 18.82 34.91
N PRO B 607 -0.92 18.17 34.16
CA PRO B 607 -0.07 18.93 33.21
C PRO B 607 -0.82 19.57 32.04
N VAL B 608 -0.79 20.91 31.99
CA VAL B 608 -1.36 21.68 30.87
C VAL B 608 -0.58 21.51 29.56
N ALA B 609 -1.25 21.83 28.45
CA ALA B 609 -0.62 21.80 27.11
C ALA B 609 -0.11 23.17 26.66
N ASP B 610 -0.29 24.19 27.49
CA ASP B 610 0.03 25.58 27.15
C ASP B 610 1.55 25.79 27.19
N GLY B 611 2.12 25.82 28.40
CA GLY B 611 3.54 26.11 28.56
C GLY B 611 4.11 25.69 29.90
N ASN B 612 5.44 25.79 30.00
CA ASN B 612 6.19 25.40 31.19
C ASN B 612 5.89 23.94 31.59
N ASN B 613 6.23 23.60 32.83
CA ASN B 613 5.80 22.34 33.44
C ASN B 613 4.73 22.69 34.48
N GLU B 614 3.67 23.35 34.02
CA GLU B 614 2.66 23.96 34.89
C GLU B 614 1.49 23.00 35.16
N LYS B 615 1.01 23.03 36.41
CA LYS B 615 -0.20 22.31 36.83
C LYS B 615 -1.36 23.29 37.09
N ARG B 616 -2.57 22.78 36.96
CA ARG B 616 -3.77 23.46 37.42
C ARG B 616 -4.73 22.38 37.89
N ALA B 617 -5.53 22.72 38.90
CA ALA B 617 -6.47 21.76 39.50
C ALA B 617 -7.58 21.38 38.53
N VAL B 618 -8.11 20.16 38.71
CA VAL B 618 -9.23 19.69 37.91
C VAL B 618 -10.39 20.67 38.03
N ARG B 619 -10.67 21.13 39.26
CA ARG B 619 -11.72 22.12 39.54
C ARG B 619 -11.66 23.35 38.62
N GLU B 620 -10.45 23.87 38.38
CA GLU B 620 -10.26 25.03 37.51
C GLU B 620 -10.15 24.64 36.01
N THR B 621 -9.60 23.45 35.72
CA THR B 621 -9.58 22.92 34.36
C THR B 621 -10.98 22.67 33.78
N LEU B 622 -11.93 22.33 34.65
CA LEU B 622 -13.34 22.18 34.31
C LEU B 622 -14.10 23.52 34.35
N LYS B 623 -13.68 24.43 35.25
CA LYS B 623 -14.24 25.79 35.31
C LYS B 623 -13.87 26.64 34.07
N ALA B 624 -12.63 26.47 33.58
CA ALA B 624 -12.13 27.20 32.41
C ALA B 624 -12.82 26.78 31.11
N ILE B 625 -13.06 25.48 30.96
CA ILE B 625 -13.71 24.91 29.78
C ILE B 625 -15.11 25.49 29.54
N ILE B 626 -15.89 25.58 30.61
CA ILE B 626 -17.21 26.22 30.58
C ILE B 626 -17.11 27.74 30.38
N GLN B 627 -16.13 28.39 31.02
CA GLN B 627 -15.92 29.84 30.90
C GLN B 627 -15.52 30.28 29.48
N TYR B 628 -14.79 29.41 28.77
CA TYR B 628 -14.37 29.67 27.39
C TYR B 628 -15.55 29.64 26.41
N SER B 629 -16.26 28.52 26.38
CA SER B 629 -17.39 28.35 25.47
C SER B 629 -18.62 29.20 25.81
N ALA B 630 -18.72 29.72 27.04
CA ALA B 630 -19.83 30.59 27.48
C ALA B 630 -19.53 32.10 27.40
N CYS B 631 -18.34 32.50 27.86
CA CYS B 631 -17.96 33.91 27.90
C CYS B 631 -17.03 34.29 26.74
N ILE B 632 -15.90 33.59 26.62
CA ILE B 632 -14.83 33.98 25.69
C ILE B 632 -15.23 33.80 24.22
N SER B 633 -15.30 32.56 23.76
CA SER B 633 -15.41 32.24 22.34
C SER B 633 -16.87 32.09 21.92
N VAL B 634 -17.63 33.18 22.06
CA VAL B 634 -19.04 33.24 21.66
C VAL B 634 -19.29 34.33 20.61
N GLY B 635 -20.47 34.27 19.99
CA GLY B 635 -20.84 35.15 18.87
C GLY B 635 -21.84 36.21 19.23
N ASP B 636 -22.74 36.51 18.29
CA ASP B 636 -23.70 37.60 18.46
C ASP B 636 -24.76 37.24 19.49
N HIS B 637 -25.47 36.14 19.24
CA HIS B 637 -26.60 35.71 20.07
C HIS B 637 -26.22 34.76 21.24
N GLY B 638 -25.05 34.98 21.85
CA GLY B 638 -24.65 34.26 23.06
C GLY B 638 -24.00 32.88 22.90
N LEU B 639 -24.34 32.15 21.83
CA LEU B 639 -23.91 30.76 21.66
C LEU B 639 -22.43 30.61 21.27
N PRO B 640 -21.83 29.43 21.50
CA PRO B 640 -20.39 29.22 21.19
C PRO B 640 -20.07 29.31 19.71
N LEU B 641 -18.84 29.74 19.40
CA LEU B 641 -18.36 29.81 18.02
C LEU B 641 -17.98 28.41 17.49
N LEU B 642 -17.82 28.35 16.17
CA LEU B 642 -17.51 27.11 15.43
C LEU B 642 -16.04 26.99 14.98
N ASP B 643 -15.33 28.13 14.92
CA ASP B 643 -13.91 28.18 14.51
C ASP B 643 -13.72 27.53 13.12
N LEU B 644 -13.00 26.40 13.01
CA LEU B 644 -12.86 25.71 11.72
C LEU B 644 -14.10 24.86 11.49
N ALA B 645 -14.33 23.92 12.41
CA ALA B 645 -15.41 22.93 12.29
C ALA B 645 -15.79 22.37 13.66
N ASP B 646 -16.76 21.47 13.67
CA ASP B 646 -17.20 20.79 14.88
C ASP B 646 -17.29 19.28 14.63
N TRP B 647 -18.14 18.59 15.39
CA TRP B 647 -18.31 17.14 15.28
C TRP B 647 -18.38 16.58 13.86
N ASN B 648 -19.04 17.28 12.94
CA ASN B 648 -19.15 16.82 11.55
C ASN B 648 -17.84 17.08 10.78
N ASP B 649 -17.18 16.00 10.37
CA ASP B 649 -15.90 16.08 9.67
C ASP B 649 -16.03 16.51 8.20
N CYS B 650 -17.26 16.67 7.71
CA CYS B 650 -17.50 17.14 6.35
C CYS B 650 -18.52 18.29 6.33
N LEU B 651 -18.21 19.33 7.09
CA LEU B 651 -19.05 20.53 7.13
C LEU B 651 -18.18 21.79 7.12
N LYS B 652 -17.23 21.83 6.20
CA LYS B 652 -16.28 22.93 6.10
C LYS B 652 -16.97 24.13 5.44
N ILE B 653 -17.03 25.25 6.15
CA ILE B 653 -17.82 26.43 5.74
C ILE B 653 -17.03 27.74 5.92
N ALA B 654 -16.78 28.11 7.18
CA ALA B 654 -16.30 29.47 7.52
C ALA B 654 -14.98 29.87 6.82
N SER B 655 -14.87 31.14 6.46
CA SER B 655 -13.67 31.71 5.85
C SER B 655 -12.87 32.45 6.92
N ASN B 656 -11.58 32.10 7.06
CA ASN B 656 -10.69 32.66 8.08
C ASN B 656 -11.10 32.24 9.48
N SER B 657 -10.61 31.07 9.91
CA SER B 657 -10.87 30.51 11.24
C SER B 657 -9.64 30.67 12.14
N ILE B 658 -9.79 31.39 13.25
CA ILE B 658 -8.71 31.62 14.20
C ILE B 658 -8.46 30.36 15.04
N ASP B 659 -7.18 30.09 15.29
CA ASP B 659 -6.74 28.92 16.08
C ASP B 659 -6.81 29.28 17.58
N GLY B 660 -6.70 28.26 18.44
CA GLY B 660 -6.80 28.42 19.90
C GLY B 660 -5.80 29.39 20.52
N ALA B 661 -4.55 29.33 20.05
CA ALA B 661 -3.48 30.24 20.49
C ALA B 661 -3.25 31.44 19.56
N THR B 662 -3.94 31.49 18.42
CA THR B 662 -4.12 32.74 17.67
C THR B 662 -5.04 33.63 18.50
N LYS B 663 -6.13 33.05 19.02
CA LYS B 663 -7.08 33.75 19.90
C LYS B 663 -6.48 34.12 21.28
N GLU B 664 -5.54 33.32 21.80
CA GLU B 664 -4.78 33.67 23.02
C GLU B 664 -3.71 34.78 22.83
N LYS B 665 -3.41 35.10 21.57
CA LYS B 665 -2.62 36.28 21.18
C LYS B 665 -3.49 37.45 20.68
N LEU B 666 -4.66 37.14 20.10
CA LEU B 666 -5.61 38.15 19.61
C LEU B 666 -6.71 38.54 20.62
N TYR B 667 -6.85 37.78 21.72
CA TYR B 667 -7.65 38.22 22.88
C TYR B 667 -6.86 39.24 23.70
N TYR B 668 -5.54 39.04 23.82
CA TYR B 668 -4.63 40.03 24.40
C TYR B 668 -4.56 41.34 23.61
N GLU B 669 -4.72 41.28 22.28
CA GLU B 669 -4.73 42.46 21.41
C GLU B 669 -5.94 43.38 21.62
N GLN B 670 -7.13 42.82 21.79
CA GLN B 670 -8.35 43.63 22.01
C GLN B 670 -8.38 44.30 23.40
N LEU B 671 -7.99 43.55 24.44
CA LEU B 671 -8.02 44.07 25.82
C LEU B 671 -7.04 45.23 26.04
N LYS B 672 -5.94 45.24 25.28
CA LYS B 672 -5.01 46.39 25.22
C LYS B 672 -5.33 47.27 24.01
N TYR B 678 -9.58 36.65 31.37
CA TYR B 678 -10.87 36.21 31.91
C TYR B 678 -12.00 37.16 31.51
N GLY B 679 -13.22 36.62 31.44
CA GLY B 679 -14.44 37.41 31.29
C GLY B 679 -14.89 37.71 29.87
N ASP B 680 -14.50 38.88 29.36
CA ASP B 680 -15.07 39.46 28.14
C ASP B 680 -14.90 38.60 26.87
N ARG B 681 -15.84 38.78 25.95
CA ARG B 681 -15.91 37.97 24.73
C ARG B 681 -14.91 38.39 23.64
N PHE B 682 -14.63 37.46 22.73
CA PHE B 682 -13.66 37.63 21.63
C PHE B 682 -14.28 38.30 20.40
N MET B 683 -13.56 39.29 19.87
CA MET B 683 -14.07 40.16 18.80
C MET B 683 -14.16 39.48 17.44
N SER B 684 -15.34 38.94 17.13
CA SER B 684 -15.61 38.31 15.83
C SER B 684 -17.10 38.12 15.57
N ASP B 685 -17.43 37.92 14.29
CA ASP B 685 -18.79 37.63 13.85
C ASP B 685 -18.87 36.27 13.13
N TYR B 686 -18.20 35.26 13.68
CA TYR B 686 -18.12 33.93 13.07
C TYR B 686 -19.43 33.14 13.25
N SER B 687 -19.59 32.08 12.45
CA SER B 687 -20.80 31.22 12.50
C SER B 687 -20.80 30.37 13.77
N GLU B 688 -21.87 30.47 14.57
CA GLU B 688 -21.97 29.82 15.88
C GLU B 688 -22.54 28.40 15.72
N SER B 689 -21.77 27.38 16.13
CA SER B 689 -22.25 25.99 16.10
C SER B 689 -23.33 25.79 17.17
N VAL B 690 -24.55 25.52 16.72
CA VAL B 690 -25.68 25.30 17.62
C VAL B 690 -25.57 23.94 18.32
N MET B 691 -24.90 22.98 17.70
CA MET B 691 -24.56 21.72 18.37
C MET B 691 -23.67 22.00 19.59
N ASN B 692 -22.62 22.78 19.38
CA ASN B 692 -21.68 23.12 20.46
C ASN B 692 -22.39 23.86 21.60
N ALA B 693 -23.42 24.62 21.28
CA ALA B 693 -24.27 25.28 22.29
C ALA B 693 -24.94 24.28 23.23
N PHE B 694 -25.40 23.17 22.67
CA PHE B 694 -26.00 22.09 23.47
C PHE B 694 -24.95 21.32 24.29
N LEU B 695 -23.73 21.20 23.76
CA LEU B 695 -22.64 20.55 24.51
C LEU B 695 -22.21 21.42 25.69
N LEU B 696 -21.95 22.70 25.42
CA LEU B 696 -21.61 23.67 26.47
C LEU B 696 -22.71 23.78 27.52
N LYS B 697 -23.98 23.78 27.09
CA LYS B 697 -25.10 23.87 28.02
C LYS B 697 -25.11 22.66 28.97
N LEU B 698 -24.92 21.46 28.41
CA LEU B 698 -24.81 20.25 29.24
C LEU B 698 -23.53 20.26 30.08
N ALA B 699 -22.44 20.77 29.51
CA ALA B 699 -21.17 20.90 30.24
C ALA B 699 -21.31 21.85 31.45
N ILE B 700 -22.02 22.96 31.26
CA ILE B 700 -22.29 23.90 32.35
C ILE B 700 -23.18 23.25 33.40
N ASP B 701 -24.29 22.66 32.97
CA ASP B 701 -25.23 21.99 33.88
C ASP B 701 -24.67 20.72 34.55
N HIS B 702 -23.70 20.06 33.92
CA HIS B 702 -23.02 18.90 34.54
C HIS B 702 -22.13 19.37 35.71
N LEU B 703 -21.25 20.34 35.42
CA LEU B 703 -20.35 20.91 36.43
C LEU B 703 -21.10 21.57 37.59
N ALA B 704 -22.31 22.05 37.33
CA ALA B 704 -23.22 22.53 38.37
C ALA B 704 -23.56 21.40 39.35
N GLU B 705 -23.85 20.22 38.82
CA GLU B 705 -24.10 19.04 39.66
C GLU B 705 -22.81 18.55 40.35
N ILE B 706 -21.67 18.65 39.65
CA ILE B 706 -20.38 18.25 40.21
C ILE B 706 -19.97 19.13 41.39
N ALA B 707 -20.14 20.45 41.24
CA ALA B 707 -19.76 21.42 42.27
C ALA B 707 -20.55 21.24 43.58
N THR B 708 -21.86 21.03 43.46
CA THR B 708 -22.72 20.82 44.63
C THR B 708 -22.28 19.60 45.47
N LEU B 709 -21.91 18.52 44.79
CA LEU B 709 -21.44 17.30 45.44
C LEU B 709 -20.03 17.45 46.03
N ASP B 710 -19.27 18.37 45.43
CA ASP B 710 -17.97 18.83 45.95
C ASP B 710 -18.13 19.84 47.12
N ASN B 711 -19.02 19.51 48.07
CA ASN B 711 -19.50 20.41 49.14
C ASN B 711 -19.37 21.91 48.81
N ASP B 712 -20.06 22.37 47.76
CA ASP B 712 -19.90 23.78 47.33
C ASP B 712 -21.22 24.49 46.98
N THR B 713 -21.69 25.34 47.89
CA THR B 713 -22.88 26.17 47.67
C THR B 713 -22.65 27.37 46.72
N GLN B 714 -21.39 27.82 46.60
CA GLN B 714 -21.04 29.03 45.81
C GLN B 714 -20.88 28.72 44.32
N LEU B 715 -20.05 27.73 44.01
CA LEU B 715 -19.83 27.26 42.62
C LEU B 715 -21.07 26.61 42.00
N ALA B 716 -21.92 26.01 42.84
CA ALA B 716 -23.24 25.53 42.42
C ALA B 716 -24.16 26.70 42.10
N GLN B 717 -24.14 27.72 42.96
CA GLN B 717 -24.85 28.98 42.70
C GLN B 717 -24.28 29.77 41.52
N GLN B 718 -22.98 29.60 41.23
CA GLN B 718 -22.33 30.20 40.07
C GLN B 718 -22.93 29.67 38.75
N MET B 719 -23.01 28.35 38.64
CA MET B 719 -23.50 27.67 37.42
C MET B 719 -25.02 27.55 37.34
N SER B 720 -25.71 27.43 38.48
CA SER B 720 -27.18 27.36 38.53
C SER B 720 -27.86 28.54 37.83
N GLU B 721 -27.36 29.74 38.11
CA GLU B 721 -27.79 30.96 37.40
C GLU B 721 -27.35 30.93 35.94
N LEU B 722 -26.08 30.56 35.70
CA LEU B 722 -25.48 30.57 34.37
C LEU B 722 -26.23 29.75 33.33
N SER B 723 -26.70 28.56 33.72
CA SER B 723 -27.46 27.69 32.81
C SER B 723 -28.79 28.32 32.37
N LYS B 724 -29.43 29.07 33.28
CA LYS B 724 -30.66 29.80 32.97
C LYS B 724 -30.44 30.87 31.90
N GLU B 725 -29.28 31.53 31.94
CA GLU B 725 -28.87 32.48 30.90
C GLU B 725 -28.45 31.75 29.61
N VAL B 726 -27.63 30.70 29.77
CA VAL B 726 -27.10 29.92 28.63
C VAL B 726 -28.20 29.22 27.82
N THR B 727 -29.22 28.72 28.52
CA THR B 727 -30.40 28.10 27.88
C THR B 727 -31.16 29.13 27.04
N ASP B 728 -31.63 30.19 27.70
CA ASP B 728 -32.51 31.21 27.10
C ASP B 728 -31.87 32.00 25.94
N ARG B 729 -30.54 31.94 25.83
CA ARG B 729 -29.83 32.36 24.62
C ARG B 729 -30.22 31.49 23.41
N ILE B 730 -30.15 30.16 23.59
CA ILE B 730 -30.39 29.22 22.49
C ILE B 730 -31.85 29.18 22.04
N GLN B 731 -32.75 28.83 22.96
CA GLN B 731 -34.16 28.62 22.65
C GLN B 731 -34.86 29.83 21.99
N LYS B 732 -34.38 31.05 22.28
CA LYS B 732 -34.92 32.27 21.65
C LYS B 732 -34.41 32.47 20.22
N HIS B 733 -33.10 32.52 20.05
CA HIS B 733 -32.46 32.86 18.78
C HIS B 733 -32.20 31.67 17.85
N ALA B 734 -31.90 30.50 18.43
CA ALA B 734 -31.58 29.28 17.65
C ALA B 734 -32.80 28.48 17.16
N TRP B 735 -33.94 28.64 17.83
CA TRP B 735 -35.17 27.94 17.46
C TRP B 735 -35.82 28.62 16.24
N LYS B 736 -35.52 28.09 15.06
CA LYS B 736 -36.01 28.64 13.79
C LYS B 736 -37.33 27.99 13.33
N GLU B 737 -38.40 28.28 14.07
CA GLU B 737 -39.79 27.86 13.75
C GLU B 737 -40.04 26.36 13.88
N ASN B 738 -39.49 25.57 12.95
CA ASN B 738 -39.82 24.14 12.85
C ASN B 738 -38.76 23.19 13.40
N PHE B 739 -37.56 23.68 13.66
CA PHE B 739 -36.41 22.84 14.03
C PHE B 739 -35.26 23.69 14.56
N PHE B 740 -34.52 23.21 15.56
CA PHE B 740 -33.30 23.92 16.02
C PHE B 740 -32.25 24.01 14.89
N ALA B 741 -31.64 25.18 14.74
CA ALA B 741 -30.61 25.38 13.72
C ALA B 741 -29.35 24.58 14.04
N ARG B 742 -28.45 24.50 13.07
CA ARG B 742 -27.19 23.75 13.18
C ARG B 742 -26.00 24.72 13.25
N VAL B 743 -25.78 25.46 12.16
CA VAL B 743 -24.80 26.54 12.12
C VAL B 743 -25.59 27.84 12.05
N LEU B 744 -25.41 28.72 13.03
CA LEU B 744 -26.02 30.05 13.00
C LEU B 744 -25.00 31.04 12.40
N ILE B 745 -25.11 31.28 11.09
CA ILE B 745 -24.26 32.22 10.37
C ILE B 745 -24.60 33.68 10.74
N ASN B 746 -23.65 34.37 11.35
CA ASN B 746 -23.80 35.78 11.74
C ASN B 746 -22.68 36.63 11.14
N ARG B 747 -22.25 36.28 9.92
CA ARG B 747 -21.04 36.87 9.30
C ARG B 747 -21.28 37.83 8.12
N TYR B 748 -22.24 37.50 7.25
CA TYR B 748 -22.56 38.34 6.07
C TYR B 748 -23.18 39.68 6.49
N LYS B 749 -22.62 40.79 5.99
CA LYS B 749 -23.13 42.12 6.33
C LYS B 749 -24.58 42.30 5.86
N ASP B 750 -24.79 42.14 4.55
CA ASP B 750 -26.12 42.31 3.90
C ASP B 750 -27.28 41.52 4.53
N GLY B 751 -26.98 40.36 5.14
CA GLY B 751 -27.96 39.59 5.90
C GLY B 751 -28.81 38.64 5.06
N SER B 752 -28.21 38.06 4.02
CA SER B 752 -28.90 37.09 3.18
C SER B 752 -29.10 35.80 3.94
N TYR B 753 -27.99 35.20 4.37
CA TYR B 753 -27.99 33.89 5.05
C TYR B 753 -27.99 34.09 6.57
N THR B 754 -29.15 33.90 7.20
CA THR B 754 -29.31 34.03 8.64
C THR B 754 -28.90 32.76 9.41
N TYR B 755 -29.12 31.57 8.83
CA TYR B 755 -28.75 30.31 9.48
C TYR B 755 -28.64 29.11 8.52
N LEU B 756 -28.20 27.98 9.08
CA LEU B 756 -28.27 26.67 8.43
C LEU B 756 -29.02 25.72 9.38
N GLY B 757 -29.94 24.92 8.83
CA GLY B 757 -30.55 23.80 9.54
C GLY B 757 -31.96 23.98 10.07
N ALA B 758 -32.85 24.57 9.28
CA ALA B 758 -34.26 24.75 9.66
C ALA B 758 -35.17 25.07 8.46
N LYS B 759 -36.43 25.45 8.72
CA LYS B 759 -37.30 26.03 7.69
C LYS B 759 -36.83 27.44 7.39
N GLY B 760 -36.54 27.71 6.11
CA GLY B 760 -36.16 29.05 5.64
C GLY B 760 -34.68 29.39 5.65
N ASP B 761 -33.81 28.38 5.79
CA ASP B 761 -32.36 28.59 5.65
C ASP B 761 -31.92 28.95 4.22
N LYS B 762 -32.72 28.52 3.23
CA LYS B 762 -32.45 28.75 1.80
C LYS B 762 -31.17 28.05 1.34
N LEU B 763 -30.99 26.79 1.74
CA LEU B 763 -29.78 26.01 1.44
C LEU B 763 -30.05 24.53 1.08
N SER B 764 -31.26 24.20 0.63
CA SER B 764 -31.62 22.82 0.28
C SER B 764 -31.28 22.47 -1.17
N ALA B 765 -31.07 21.18 -1.41
CA ALA B 765 -30.88 20.62 -2.76
C ALA B 765 -31.92 19.54 -2.95
N ASP B 766 -33.17 19.91 -2.70
CA ASP B 766 -34.33 19.07 -2.96
C ASP B 766 -35.49 20.01 -3.30
N PRO B 767 -36.12 19.83 -4.47
CA PRO B 767 -37.33 20.60 -4.75
C PRO B 767 -38.45 20.37 -3.72
N ASN B 768 -38.59 19.13 -3.26
CA ASN B 768 -39.70 18.74 -2.38
C ASN B 768 -39.51 19.02 -0.88
N ILE B 769 -38.30 19.43 -0.46
CA ILE B 769 -38.01 19.72 0.96
C ILE B 769 -37.61 21.19 1.14
N ASP B 770 -38.21 21.87 2.12
CA ASP B 770 -37.80 23.23 2.49
C ASP B 770 -36.79 23.19 3.62
N GLY B 771 -35.51 23.26 3.25
CA GLY B 771 -34.40 23.38 4.20
C GLY B 771 -33.60 22.13 4.46
N VAL B 772 -32.49 22.33 5.18
CA VAL B 772 -31.63 21.26 5.61
C VAL B 772 -32.05 20.95 7.03
N TYR B 773 -32.09 19.66 7.39
CA TYR B 773 -32.44 19.24 8.76
C TYR B 773 -31.41 18.27 9.30
N PHE B 774 -30.62 18.75 10.26
CA PHE B 774 -29.55 17.96 10.86
C PHE B 774 -30.08 17.17 12.05
N LEU B 775 -29.87 15.85 12.03
CA LEU B 775 -30.37 14.97 13.10
C LEU B 775 -29.77 15.33 14.45
N ASN B 776 -28.48 15.63 14.48
CA ASN B 776 -27.80 15.99 15.74
C ASN B 776 -28.27 17.31 16.36
N SER B 777 -28.93 18.16 15.59
CA SER B 777 -29.59 19.35 16.16
C SER B 777 -30.77 18.94 17.02
N PHE B 778 -31.56 17.96 16.56
CA PHE B 778 -32.60 17.36 17.39
C PHE B 778 -31.99 16.68 18.62
N ALA B 779 -31.08 15.74 18.35
CA ALA B 779 -30.55 14.86 19.38
C ALA B 779 -30.00 15.62 20.59
N TRP B 780 -29.15 16.60 20.33
CA TRP B 780 -28.46 17.30 21.42
C TRP B 780 -29.30 18.36 22.13
N SER B 781 -30.35 18.84 21.48
CA SER B 781 -31.34 19.70 22.13
C SER B 781 -32.06 18.92 23.23
N VAL B 782 -32.28 17.64 23.00
CA VAL B 782 -32.94 16.77 23.98
C VAL B 782 -31.94 16.31 25.06
N LEU B 783 -30.72 15.94 24.68
CA LEU B 783 -29.71 15.43 25.63
C LEU B 783 -29.23 16.46 26.66
N SER B 784 -29.21 17.74 26.27
CA SER B 784 -28.88 18.85 27.16
C SER B 784 -30.06 19.41 27.96
N ASP B 785 -31.27 18.86 27.73
CA ASP B 785 -32.51 19.31 28.38
C ASP B 785 -32.88 20.77 28.05
N VAL B 786 -32.70 21.13 26.78
CA VAL B 786 -33.03 22.47 26.29
C VAL B 786 -34.44 22.47 25.66
N ALA B 787 -34.70 21.53 24.77
CA ALA B 787 -35.97 21.48 24.04
C ALA B 787 -37.16 21.20 24.95
N THR B 788 -38.20 22.04 24.86
CA THR B 788 -39.47 21.81 25.54
C THR B 788 -40.25 20.68 24.85
N ASP B 789 -41.25 20.15 25.55
CA ASP B 789 -42.10 19.05 25.02
C ASP B 789 -42.83 19.43 23.73
N GLU B 790 -43.18 20.71 23.58
CA GLU B 790 -43.76 21.24 22.35
C GLU B 790 -42.74 21.16 21.21
N GLN B 791 -41.50 21.55 21.49
CA GLN B 791 -40.43 21.51 20.50
C GLN B 791 -40.03 20.08 20.07
N ILE B 792 -40.02 19.15 21.02
CA ILE B 792 -39.69 17.74 20.74
C ILE B 792 -40.74 17.12 19.82
N ALA B 793 -42.02 17.33 20.13
CA ALA B 793 -43.12 16.80 19.32
C ALA B 793 -43.15 17.37 17.90
N ILE B 794 -42.67 18.60 17.73
CA ILE B 794 -42.55 19.24 16.41
C ILE B 794 -41.35 18.69 15.62
N MET B 795 -40.20 18.55 16.27
CA MET B 795 -39.01 17.95 15.61
C MET B 795 -39.17 16.48 15.24
N VAL B 796 -39.95 15.73 16.03
CA VAL B 796 -40.18 14.30 15.77
C VAL B 796 -40.99 14.11 14.48
N ASP B 797 -41.93 15.02 14.22
CA ASP B 797 -42.68 15.00 12.96
C ASP B 797 -41.79 15.37 11.77
N VAL B 798 -40.88 16.32 11.97
CA VAL B 798 -39.91 16.68 10.92
C VAL B 798 -39.01 15.48 10.62
N ILE B 799 -38.44 14.89 11.67
CA ILE B 799 -37.61 13.68 11.57
C ILE B 799 -38.27 12.52 10.80
N LYS B 800 -39.53 12.23 11.09
CA LYS B 800 -40.25 11.13 10.43
C LYS B 800 -40.54 11.39 8.94
N LYS B 801 -40.74 12.65 8.57
CA LYS B 801 -40.96 13.03 7.17
C LYS B 801 -39.72 12.82 6.29
N HIS B 802 -38.56 13.25 6.78
CA HIS B 802 -37.37 13.36 5.95
C HIS B 802 -36.22 12.49 6.45
N LEU B 803 -35.80 12.71 7.69
CA LEU B 803 -34.65 11.98 8.24
C LEU B 803 -34.86 10.48 8.49
N LEU B 804 -36.09 10.01 8.58
CA LEU B 804 -36.37 8.60 8.79
C LEU B 804 -36.54 7.86 7.46
N THR B 805 -35.67 6.86 7.22
CA THR B 805 -35.71 6.01 6.03
C THR B 805 -35.99 4.56 6.45
N PRO B 806 -36.26 3.65 5.47
CA PRO B 806 -36.38 2.21 5.73
C PRO B 806 -35.17 1.58 6.40
N TYR B 807 -33.99 2.14 6.09
CA TYR B 807 -32.71 1.68 6.63
C TYR B 807 -32.22 2.50 7.81
N GLY B 808 -33.09 3.29 8.43
CA GLY B 808 -32.76 4.03 9.64
C GLY B 808 -32.76 5.54 9.50
N LEU B 809 -32.40 6.22 10.57
CA LEU B 809 -32.33 7.68 10.62
C LEU B 809 -31.09 8.17 9.89
N ARG B 810 -31.27 8.97 8.84
CA ARG B 810 -30.11 9.55 8.15
C ARG B 810 -29.63 10.83 8.80
N LEU B 811 -28.35 11.13 8.57
CA LEU B 811 -27.62 12.18 9.27
C LEU B 811 -28.13 13.59 8.98
N VAL B 812 -28.51 13.80 7.72
CA VAL B 812 -28.89 15.12 7.22
C VAL B 812 -29.67 14.96 5.91
N THR B 813 -30.59 15.89 5.64
CA THR B 813 -31.34 15.89 4.37
C THR B 813 -30.48 16.52 3.26
N PRO B 814 -30.87 16.32 1.98
CA PRO B 814 -30.08 16.93 0.88
C PRO B 814 -29.91 18.44 0.99
N ALA B 815 -28.76 18.94 0.53
CA ALA B 815 -28.36 20.34 0.77
C ALA B 815 -27.25 20.83 -0.18
N ASP B 816 -27.52 21.93 -0.86
CA ASP B 816 -26.52 22.64 -1.69
C ASP B 816 -25.85 23.68 -0.80
N LEU B 817 -24.79 23.25 -0.11
CA LEU B 817 -24.05 24.11 0.83
C LEU B 817 -23.20 25.21 0.15
N ASN B 818 -23.06 25.14 -1.17
CA ASN B 818 -22.26 26.13 -1.94
C ASN B 818 -22.92 27.50 -1.89
N THR B 824 -15.90 26.55 -3.77
CA THR B 824 -17.08 25.84 -4.26
C THR B 824 -16.84 24.33 -4.28
N ALA B 825 -16.94 23.71 -3.10
CA ALA B 825 -16.81 22.26 -2.97
C ALA B 825 -18.14 21.54 -3.27
N THR B 826 -18.11 20.61 -4.22
CA THR B 826 -19.21 19.66 -4.50
C THR B 826 -18.90 18.28 -3.89
N GLY B 827 -19.74 17.27 -4.13
CA GLY B 827 -19.66 16.00 -3.41
C GLY B 827 -18.53 15.07 -3.80
N HIS B 828 -18.24 14.13 -2.90
CA HIS B 828 -17.29 13.03 -3.14
C HIS B 828 -17.95 11.67 -3.29
N TYR B 829 -19.09 11.44 -2.63
CA TYR B 829 -19.75 10.15 -2.64
C TYR B 829 -21.06 10.18 -3.43
N PHE B 830 -21.35 9.06 -4.07
CA PHE B 830 -22.67 8.82 -4.66
C PHE B 830 -23.70 8.91 -3.55
N PHE B 831 -24.98 9.09 -3.91
CA PHE B 831 -26.05 9.10 -2.92
C PHE B 831 -26.11 7.76 -2.20
N GLY B 832 -26.11 7.81 -0.88
CA GLY B 832 -26.17 6.61 -0.03
C GLY B 832 -24.92 6.34 0.81
N ASP B 833 -23.74 6.71 0.31
CA ASP B 833 -22.50 6.43 1.02
C ASP B 833 -22.09 7.61 1.89
N ARG B 834 -21.78 7.32 3.15
CA ARG B 834 -21.14 8.23 4.10
C ARG B 834 -21.93 9.51 4.37
N GLU B 835 -21.56 10.61 3.73
CA GLU B 835 -22.09 11.93 4.08
C GLU B 835 -23.30 12.31 3.24
N ASN B 836 -23.29 11.89 1.97
CA ASN B 836 -24.41 12.09 1.05
C ASN B 836 -25.55 11.10 1.36
N GLY B 837 -26.23 11.33 2.49
CA GLY B 837 -27.52 10.70 2.79
C GLY B 837 -27.50 9.30 3.37
N ALA B 838 -26.37 8.90 3.94
CA ALA B 838 -26.25 7.59 4.54
C ALA B 838 -26.90 7.59 5.92
N VAL B 839 -27.21 6.39 6.40
CA VAL B 839 -27.59 6.18 7.78
C VAL B 839 -26.28 6.04 8.56
N PHE B 840 -25.80 7.15 9.10
CA PHE B 840 -24.56 7.15 9.88
C PHE B 840 -24.91 6.72 11.31
N LYS B 841 -24.43 5.54 11.70
CA LYS B 841 -24.96 4.85 12.89
C LYS B 841 -24.52 5.42 14.24
N HIS B 842 -23.35 6.06 14.30
CA HIS B 842 -22.94 6.79 15.51
C HIS B 842 -23.90 7.94 15.77
N ALA B 843 -24.18 8.74 14.74
CA ALA B 843 -25.13 9.84 14.86
C ALA B 843 -26.56 9.37 15.14
N SER B 844 -26.93 8.22 14.59
CA SER B 844 -28.30 7.72 14.73
C SER B 844 -28.51 7.10 16.12
N MET B 845 -27.47 6.50 16.68
CA MET B 845 -27.50 6.08 18.10
C MET B 845 -27.55 7.27 19.07
N MET B 846 -26.96 8.41 18.70
CA MET B 846 -27.10 9.62 19.49
C MET B 846 -28.55 10.13 19.45
N ALA B 847 -29.20 9.97 18.31
CA ALA B 847 -30.61 10.32 18.17
C ALA B 847 -31.47 9.39 19.02
N VAL B 848 -31.14 8.10 19.04
CA VAL B 848 -31.84 7.14 19.89
C VAL B 848 -31.67 7.46 21.38
N ALA B 849 -30.48 7.92 21.77
CA ALA B 849 -30.23 8.33 23.15
C ALA B 849 -31.18 9.45 23.57
N ALA B 850 -31.38 10.40 22.65
CA ALA B 850 -32.34 11.50 22.83
C ALA B 850 -33.78 11.01 22.85
N LEU B 851 -34.13 10.10 21.94
CA LEU B 851 -35.48 9.53 21.89
C LEU B 851 -35.87 8.79 23.17
N ILE B 852 -34.93 8.02 23.71
CA ILE B 852 -35.13 7.28 24.97
C ILE B 852 -35.25 8.24 26.16
N LYS B 853 -34.39 9.25 26.22
CA LYS B 853 -34.48 10.32 27.22
C LYS B 853 -35.87 10.98 27.19
N ALA B 854 -36.31 11.36 26.00
CA ALA B 854 -37.60 12.02 25.84
C ALA B 854 -38.78 11.09 26.16
N ALA B 855 -38.66 9.81 25.80
CA ALA B 855 -39.73 8.83 26.07
C ALA B 855 -39.94 8.55 27.56
N LYS B 856 -38.91 8.78 28.38
CA LYS B 856 -39.05 8.69 29.83
C LYS B 856 -39.70 9.94 30.44
N LYS B 857 -39.33 11.13 29.96
CA LYS B 857 -39.70 12.41 30.58
C LYS B 857 -41.05 13.00 30.13
N VAL B 858 -41.32 13.00 28.83
CA VAL B 858 -42.39 13.85 28.26
C VAL B 858 -43.80 13.55 28.77
N LYS B 859 -44.66 14.56 28.70
CA LYS B 859 -46.02 14.48 29.22
C LYS B 859 -46.87 13.57 28.36
N ASP B 860 -46.78 13.71 27.03
CA ASP B 860 -47.62 12.95 26.10
C ASP B 860 -47.15 11.50 26.00
N ASN B 861 -48.00 10.57 26.43
CA ASN B 861 -47.68 9.14 26.35
C ASN B 861 -47.71 8.62 24.92
N GLU B 862 -48.56 9.22 24.08
CA GLU B 862 -48.65 8.83 22.66
C GLU B 862 -47.40 9.21 21.86
N LEU B 863 -46.77 10.32 22.24
CA LEU B 863 -45.47 10.72 21.71
C LEU B 863 -44.41 9.76 22.23
N ALA B 864 -44.37 9.57 23.55
CA ALA B 864 -43.43 8.67 24.22
C ALA B 864 -43.40 7.31 23.56
N LYS B 865 -44.58 6.76 23.31
CA LYS B 865 -44.74 5.50 22.60
C LYS B 865 -44.03 5.54 21.25
N GLU B 866 -44.33 6.58 20.47
CA GLU B 866 -43.78 6.71 19.11
C GLU B 866 -42.27 6.90 19.10
N MET B 867 -41.73 7.65 20.06
CA MET B 867 -40.29 7.84 20.17
C MET B 867 -39.58 6.53 20.53
N ALA B 868 -40.20 5.70 21.37
CA ALA B 868 -39.66 4.38 21.69
C ALA B 868 -39.80 3.42 20.51
N ARG B 869 -40.86 3.61 19.74
CA ARG B 869 -41.06 2.85 18.51
C ARG B 869 -39.87 3.03 17.55
N ILE B 870 -39.43 4.28 17.39
CA ILE B 870 -38.31 4.63 16.50
C ILE B 870 -36.98 4.16 17.10
N ALA B 871 -36.81 4.34 18.41
CA ALA B 871 -35.60 3.88 19.10
C ALA B 871 -35.34 2.39 18.89
N TYR B 872 -36.35 1.57 19.12
CA TYR B 872 -36.22 0.12 18.93
C TYR B 872 -36.14 -0.29 17.46
N PHE B 873 -36.73 0.51 16.57
CA PHE B 873 -36.61 0.28 15.12
C PHE B 873 -35.17 0.46 14.64
N MET B 874 -34.54 1.53 15.12
CA MET B 874 -33.17 1.88 14.75
C MET B 874 -32.15 0.98 15.43
N ILE B 875 -32.44 0.52 16.65
CA ILE B 875 -31.59 -0.46 17.35
C ILE B 875 -31.51 -1.81 16.61
N ASP B 876 -32.62 -2.27 16.05
CA ASP B 876 -32.61 -3.52 15.28
C ASP B 876 -31.82 -3.42 13.98
N LEU B 877 -31.56 -2.21 13.49
CA LEU B 877 -30.69 -2.01 12.34
C LEU B 877 -29.19 -1.88 12.66
N VAL B 878 -28.86 -1.86 13.95
CA VAL B 878 -27.50 -1.64 14.43
C VAL B 878 -26.93 -2.86 15.19
N LEU B 879 -27.76 -3.62 15.90
CA LEU B 879 -27.32 -4.81 16.65
C LEU B 879 -26.62 -5.75 15.69
N PRO B 880 -25.33 -6.05 15.93
CA PRO B 880 -24.58 -6.88 14.98
C PRO B 880 -25.15 -8.27 14.67
N TYR B 881 -25.70 -8.96 15.67
CA TYR B 881 -26.14 -10.36 15.48
C TYR B 881 -27.21 -10.54 14.41
N LYS B 882 -28.03 -9.51 14.21
CA LYS B 882 -29.11 -9.57 13.22
C LYS B 882 -28.60 -9.49 11.78
N ASN B 883 -27.32 -9.12 11.60
CA ASN B 883 -26.67 -9.17 10.28
C ASN B 883 -26.73 -10.55 9.66
N LEU B 884 -26.74 -11.60 10.48
CA LEU B 884 -26.87 -12.98 9.96
C LEU B 884 -28.25 -13.37 9.43
N GLU B 885 -29.29 -12.59 9.75
CA GLU B 885 -30.57 -12.66 9.02
C GLU B 885 -30.35 -11.88 7.72
N ASN B 886 -30.48 -12.55 6.58
CA ASN B 886 -30.25 -11.94 5.25
C ASN B 886 -28.86 -11.26 5.09
N PRO B 887 -27.77 -12.03 5.31
CA PRO B 887 -26.43 -11.46 5.38
C PRO B 887 -25.80 -11.01 4.06
N PHE B 888 -26.15 -11.63 2.94
CA PHE B 888 -25.59 -11.19 1.66
C PHE B 888 -26.22 -9.90 1.11
N GLN B 889 -27.32 -9.45 1.71
CA GLN B 889 -27.88 -8.12 1.49
C GLN B 889 -27.24 -7.13 2.46
N VAL B 890 -27.25 -7.50 3.74
CA VAL B 890 -26.93 -6.62 4.85
C VAL B 890 -25.41 -6.48 5.12
N ALA B 891 -24.66 -7.56 4.93
CA ALA B 891 -23.22 -7.60 5.21
C ALA B 891 -22.91 -7.09 6.62
N GLY B 892 -22.04 -6.10 6.78
CA GLY B 892 -21.59 -5.70 8.10
C GLY B 892 -20.65 -6.73 8.70
N ASN B 893 -20.89 -7.04 9.98
CA ASN B 893 -20.18 -8.09 10.67
C ASN B 893 -21.10 -8.54 11.83
N PRO B 894 -21.32 -9.84 12.01
CA PRO B 894 -22.29 -10.30 13.00
C PRO B 894 -21.87 -10.13 14.47
N ARG B 895 -20.60 -9.88 14.75
CA ARG B 895 -20.13 -9.68 16.13
C ARG B 895 -19.66 -8.25 16.43
N ILE B 896 -19.56 -7.38 15.42
CA ILE B 896 -18.89 -6.09 15.59
C ILE B 896 -19.64 -4.99 14.82
N CYS B 897 -19.99 -3.91 15.51
CA CYS B 897 -20.68 -2.76 14.91
C CYS B 897 -19.84 -2.06 13.85
N THR B 898 -20.46 -1.76 12.70
CA THR B 898 -19.82 -1.10 11.57
C THR B 898 -20.32 0.35 11.43
N GLN B 899 -19.75 1.12 10.49
CA GLN B 899 -19.88 2.59 10.52
C GLN B 899 -21.23 3.13 10.06
N TYR B 900 -21.75 2.64 8.93
CA TYR B 900 -22.95 3.21 8.32
C TYR B 900 -23.68 2.24 7.39
N ILE B 901 -24.97 2.48 7.17
CA ILE B 901 -25.80 1.69 6.26
C ILE B 901 -26.05 2.49 5.00
N ASN B 902 -25.69 1.91 3.86
CA ASN B 902 -25.92 2.53 2.57
C ASN B 902 -27.40 2.49 2.28
N THR B 903 -27.99 3.65 1.99
CA THR B 903 -29.45 3.78 1.87
C THR B 903 -30.02 3.38 0.50
N ASP B 904 -29.18 2.97 -0.45
CA ASP B 904 -29.64 2.28 -1.67
C ASP B 904 -29.77 0.77 -1.45
N THR B 905 -28.75 0.16 -0.87
CA THR B 905 -28.66 -1.30 -0.73
C THR B 905 -29.10 -1.83 0.64
N GLY B 906 -28.90 -1.03 1.68
CA GLY B 906 -29.00 -1.52 3.05
C GLY B 906 -27.76 -2.27 3.53
N GLU B 907 -26.63 -2.05 2.86
CA GLU B 907 -25.38 -2.74 3.15
C GLU B 907 -24.66 -2.03 4.27
N ASN B 908 -24.32 -2.75 5.34
CA ASN B 908 -23.54 -2.17 6.44
C ASN B 908 -22.09 -2.08 6.01
N ILE B 909 -21.54 -0.87 5.97
CA ILE B 909 -20.21 -0.62 5.45
C ILE B 909 -19.28 -0.34 6.62
N GLY B 910 -18.04 -0.82 6.49
CA GLY B 910 -17.03 -0.59 7.51
C GLY B 910 -16.61 0.87 7.56
N PRO B 911 -15.71 1.23 8.47
CA PRO B 911 -14.92 0.30 9.27
C PRO B 911 -15.63 -0.29 10.49
N LEU B 912 -14.98 -1.29 11.10
CA LEU B 912 -15.44 -1.96 12.32
C LEU B 912 -15.21 -1.13 13.59
N LEU B 913 -14.47 -0.03 13.48
CA LEU B 913 -14.31 0.89 14.60
C LEU B 913 -15.26 2.06 14.42
N SER B 914 -16.20 2.19 15.37
CA SER B 914 -17.32 3.11 15.26
C SER B 914 -17.87 3.48 16.65
N GLY B 915 -18.14 4.77 16.85
CA GLY B 915 -18.95 5.23 17.98
C GLY B 915 -20.32 4.57 18.13
N THR B 916 -20.83 3.97 17.05
CA THR B 916 -22.03 3.14 17.10
C THR B 916 -22.09 2.21 18.30
N ALA B 917 -21.01 1.46 18.56
CA ALA B 917 -21.00 0.46 19.63
C ALA B 917 -21.14 1.11 21.01
N THR B 918 -20.29 2.11 21.27
CA THR B 918 -20.35 2.91 22.49
C THR B 918 -21.76 3.35 22.84
N TRP B 919 -22.43 3.98 21.88
CA TRP B 919 -23.77 4.52 22.09
C TRP B 919 -24.86 3.44 22.06
N LEU B 920 -24.66 2.39 21.26
CA LEU B 920 -25.54 1.22 21.31
C LEU B 920 -25.52 0.62 22.72
N ASN B 921 -24.34 0.61 23.35
CA ASN B 921 -24.19 0.10 24.70
C ASN B 921 -24.91 1.00 25.71
N LEU B 922 -24.63 2.31 25.64
CA LEU B 922 -25.32 3.29 26.47
C LEU B 922 -26.85 3.24 26.31
N ASN B 923 -27.31 3.08 25.07
CA ASN B 923 -28.74 3.06 24.76
C ASN B 923 -29.50 1.84 25.32
N LEU B 924 -28.98 0.65 25.10
CA LEU B 924 -29.63 -0.58 25.57
C LEU B 924 -29.78 -0.61 27.09
N ILE B 925 -28.73 -0.15 27.77
CA ILE B 925 -28.76 -0.01 29.22
C ILE B 925 -29.80 1.02 29.67
N SER B 926 -29.87 2.16 28.97
CA SER B 926 -30.84 3.21 29.30
C SER B 926 -32.28 2.76 29.06
N LEU B 927 -32.49 1.99 27.99
CA LEU B 927 -33.78 1.33 27.75
C LEU B 927 -34.11 0.34 28.85
N ALA B 928 -33.11 -0.39 29.32
CA ALA B 928 -33.30 -1.35 30.43
C ALA B 928 -33.63 -0.70 31.77
N GLY B 929 -33.45 0.62 31.87
CA GLY B 929 -33.95 1.42 33.00
C GLY B 929 -32.89 2.22 33.72
N ILE B 930 -31.63 1.83 33.57
CA ILE B 930 -30.54 2.35 34.40
C ILE B 930 -30.12 3.74 33.95
N GLU B 931 -29.88 4.61 34.93
CA GLU B 931 -29.53 6.01 34.71
C GLU B 931 -28.98 6.56 36.04
N TYR B 932 -27.66 6.74 36.12
CA TYR B 932 -27.02 7.09 37.38
C TYR B 932 -27.19 8.57 37.71
N THR B 933 -27.63 8.84 38.95
CA THR B 933 -27.94 10.20 39.43
C THR B 933 -27.38 10.42 40.82
N ARG B 934 -27.45 11.67 41.30
CA ARG B 934 -26.96 12.10 42.63
C ARG B 934 -27.31 11.14 43.75
N ASP B 935 -28.58 10.74 43.82
CA ASP B 935 -29.07 9.86 44.89
C ASP B 935 -28.84 8.36 44.63
N GLY B 936 -28.69 7.97 43.37
CA GLY B 936 -28.34 6.59 43.01
C GLY B 936 -28.72 6.25 41.58
N ILE B 937 -29.48 5.17 41.40
CA ILE B 937 -29.99 4.75 40.09
C ILE B 937 -31.42 5.29 39.91
N SER B 938 -31.64 6.08 38.86
CA SER B 938 -33.01 6.41 38.43
C SER B 938 -33.47 5.26 37.55
N PHE B 939 -34.43 4.49 38.04
CA PHE B 939 -34.93 3.30 37.33
C PHE B 939 -36.23 3.63 36.58
N ASN B 940 -36.17 3.61 35.25
CA ASN B 940 -37.33 3.93 34.41
C ASN B 940 -37.23 3.16 33.08
N PRO B 941 -37.61 1.87 33.08
CA PRO B 941 -37.42 1.05 31.88
C PRO B 941 -38.48 1.23 30.78
N ILE B 942 -38.01 1.34 29.54
CA ILE B 942 -38.87 1.36 28.35
C ILE B 942 -38.69 0.05 27.60
N LEU B 943 -39.50 -0.95 27.96
CA LEU B 943 -39.49 -2.24 27.25
C LEU B 943 -40.12 -2.13 25.86
N ARG B 944 -39.83 -3.12 25.00
CA ARG B 944 -40.53 -3.27 23.72
C ARG B 944 -41.97 -3.63 23.98
N GLU B 945 -42.85 -3.22 23.06
CA GLU B 945 -44.28 -3.54 23.14
C GLU B 945 -44.59 -5.05 23.00
N GLU B 946 -43.65 -5.82 22.43
CA GLU B 946 -43.80 -7.28 22.28
C GLU B 946 -43.40 -8.00 23.56
N GLU B 947 -42.35 -7.50 24.22
CA GLU B 947 -41.81 -8.11 25.45
C GLU B 947 -42.80 -8.03 26.59
N THR B 948 -42.96 -9.14 27.32
CA THR B 948 -43.67 -9.18 28.60
C THR B 948 -42.77 -9.35 29.82
N GLN B 949 -41.54 -9.83 29.61
CA GLN B 949 -40.55 -10.07 30.67
C GLN B 949 -39.22 -9.42 30.28
N LEU B 950 -38.44 -8.98 31.26
CA LEU B 950 -37.06 -8.53 31.02
C LEU B 950 -36.23 -8.61 32.29
N ASN B 951 -35.15 -9.38 32.27
CA ASN B 951 -34.30 -9.61 33.44
C ASN B 951 -32.84 -9.32 33.14
N PHE B 952 -32.15 -8.65 34.06
CA PHE B 952 -30.71 -8.40 33.94
C PHE B 952 -30.03 -8.23 35.29
N THR B 953 -28.81 -8.74 35.42
CA THR B 953 -27.99 -8.52 36.63
C THR B 953 -27.17 -7.25 36.42
N LEU B 954 -26.97 -6.49 37.48
CA LEU B 954 -26.12 -5.31 37.44
C LEU B 954 -25.16 -5.33 38.62
N LYS B 955 -23.92 -4.92 38.38
CA LYS B 955 -22.93 -4.78 39.45
C LYS B 955 -22.75 -3.31 39.82
N ALA B 956 -22.40 -3.10 41.09
CA ALA B 956 -21.98 -1.81 41.62
C ALA B 956 -20.65 -2.02 42.34
N PRO B 957 -19.93 -0.92 42.65
CA PRO B 957 -18.64 -1.06 43.32
C PRO B 957 -18.66 -1.89 44.63
N LYS B 958 -19.67 -1.67 45.47
CA LYS B 958 -19.76 -2.34 46.78
C LYS B 958 -21.02 -3.22 46.95
N CYS B 959 -21.67 -3.62 45.86
CA CYS B 959 -22.89 -4.44 45.92
C CYS B 959 -23.28 -5.00 44.54
N SER B 960 -24.46 -5.64 44.48
CA SER B 960 -25.03 -6.11 43.23
C SER B 960 -26.55 -5.90 43.19
N TYR B 961 -27.11 -5.96 41.98
CA TYR B 961 -28.57 -5.85 41.77
C TYR B 961 -29.08 -6.97 40.86
N LYS B 962 -30.30 -7.44 41.13
CA LYS B 962 -30.97 -8.40 40.27
C LYS B 962 -32.33 -7.82 39.84
N PHE B 963 -32.31 -7.10 38.71
CA PHE B 963 -33.51 -6.47 38.17
C PHE B 963 -34.41 -7.48 37.44
N SER B 964 -35.71 -7.22 37.47
CA SER B 964 -36.69 -8.10 36.85
C SER B 964 -38.05 -7.41 36.63
N ILE B 965 -38.38 -7.19 35.37
CA ILE B 965 -39.54 -6.38 34.99
C ILE B 965 -40.56 -7.26 34.27
N THR B 966 -41.79 -7.28 34.77
CA THR B 966 -42.90 -7.94 34.09
C THR B 966 -43.92 -6.88 33.67
N LYS B 967 -44.47 -7.03 32.48
CA LYS B 967 -45.52 -6.13 31.98
C LYS B 967 -46.45 -6.88 31.03
N PRO B 968 -47.72 -6.42 30.90
CA PRO B 968 -48.58 -6.94 29.81
C PRO B 968 -48.16 -6.41 28.42
N VAL B 969 -48.49 -7.15 27.37
CA VAL B 969 -48.20 -6.72 25.99
C VAL B 969 -48.76 -5.31 25.77
N GLY B 970 -47.95 -4.47 25.10
CA GLY B 970 -48.25 -3.06 24.88
C GLY B 970 -47.16 -2.15 25.40
N PHE B 971 -47.30 -0.86 25.12
CA PHE B 971 -46.37 0.15 25.60
C PHE B 971 -46.69 0.47 27.05
N ALA B 972 -45.64 0.60 27.85
CA ALA B 972 -45.75 0.88 29.28
C ALA B 972 -44.51 1.63 29.77
N ARG B 973 -44.76 2.74 30.46
CA ARG B 973 -43.71 3.50 31.15
C ARG B 973 -44.29 4.02 32.46
N MET B 974 -43.41 4.33 33.41
CA MET B 974 -43.81 4.76 34.75
C MET B 974 -44.55 6.10 34.76
N GLU B 975 -44.14 7.03 33.89
CA GLU B 975 -44.77 8.35 33.79
C GLU B 975 -46.27 8.29 33.42
N SER B 976 -46.72 7.22 32.78
CA SER B 976 -48.13 7.03 32.41
C SER B 976 -48.80 5.81 33.05
N SER B 977 -48.23 4.62 32.87
CA SER B 977 -48.82 3.37 33.39
C SER B 977 -48.69 3.23 34.92
N GLU B 978 -49.66 2.54 35.53
CA GLU B 978 -49.61 2.23 36.96
C GLU B 978 -48.66 1.05 37.19
N TYR B 979 -48.01 1.01 38.35
CA TYR B 979 -46.99 0.00 38.65
C TYR B 979 -46.70 -0.18 40.14
N GLU B 980 -46.05 -1.30 40.46
CA GLU B 980 -45.51 -1.57 41.80
C GLU B 980 -44.00 -1.80 41.65
N LEU B 981 -43.22 -1.23 42.56
CA LEU B 981 -41.75 -1.32 42.53
C LEU B 981 -41.23 -1.84 43.86
N PHE B 982 -40.67 -3.05 43.85
CA PHE B 982 -40.22 -3.73 45.06
C PHE B 982 -38.69 -3.84 45.12
N VAL B 983 -38.12 -3.54 46.28
CA VAL B 983 -36.67 -3.66 46.54
C VAL B 983 -36.47 -4.53 47.77
N ASP B 984 -35.99 -5.76 47.58
CA ASP B 984 -35.82 -6.77 48.66
C ASP B 984 -37.11 -6.95 49.46
N GLY B 985 -38.19 -7.25 48.74
CA GLY B 985 -39.51 -7.40 49.33
C GLY B 985 -40.26 -6.07 49.42
N GLN B 986 -39.80 -5.19 50.31
CA GLN B 986 -40.50 -3.93 50.61
C GLN B 986 -40.72 -3.03 49.37
N LYS B 987 -41.85 -2.33 49.35
CA LYS B 987 -42.33 -1.60 48.19
C LYS B 987 -42.15 -0.08 48.32
N ILE B 988 -41.12 0.44 47.64
CA ILE B 988 -40.77 1.86 47.66
C ILE B 988 -41.47 2.63 46.52
N ASP B 989 -42.11 3.75 46.88
CA ASP B 989 -42.81 4.61 45.91
C ASP B 989 -41.83 5.53 45.17
N ASN B 990 -40.74 5.90 45.86
CA ASN B 990 -39.61 6.62 45.24
C ASN B 990 -39.00 5.76 44.13
N THR B 991 -38.88 6.34 42.94
CA THR B 991 -38.38 5.63 41.75
C THR B 991 -36.85 5.50 41.76
N VAL B 992 -36.19 6.33 42.55
CA VAL B 992 -34.73 6.29 42.69
C VAL B 992 -34.35 5.16 43.65
N ILE B 993 -33.38 4.35 43.22
CA ILE B 993 -32.84 3.26 44.01
C ILE B 993 -31.43 3.66 44.42
N PRO B 994 -31.12 3.67 45.75
CA PRO B 994 -29.80 4.13 46.20
C PRO B 994 -28.65 3.15 45.91
N MET B 995 -27.43 3.68 45.86
CA MET B 995 -26.23 2.85 45.67
C MET B 995 -25.86 2.19 47.00
N TYR B 996 -26.22 0.91 47.14
CA TYR B 996 -25.95 0.16 48.37
C TYR B 996 -24.48 -0.20 48.49
N THR B 997 -23.97 -0.29 49.73
CA THR B 997 -22.58 -0.66 50.01
C THR B 997 -22.48 -1.87 50.95
N ASP B 998 -23.47 -2.75 50.89
CA ASP B 998 -23.60 -3.87 51.85
C ASP B 998 -23.03 -5.21 51.34
N GLU B 999 -22.53 -5.23 50.10
CA GLU B 999 -21.90 -6.41 49.48
C GLU B 999 -22.86 -7.61 49.40
N LYS B 1000 -24.07 -7.37 48.89
CA LYS B 1000 -25.10 -8.40 48.78
C LYS B 1000 -26.03 -8.13 47.59
N GLU B 1001 -26.48 -9.20 46.93
CA GLU B 1001 -27.32 -9.08 45.73
C GLU B 1001 -28.73 -8.63 46.10
N HIS B 1002 -29.10 -7.41 45.69
CA HIS B 1002 -30.45 -6.86 45.93
C HIS B 1002 -31.38 -7.24 44.79
N ILE B 1003 -32.62 -7.58 45.15
CA ILE B 1003 -33.63 -7.98 44.19
C ILE B 1003 -34.54 -6.79 43.95
N VAL B 1004 -34.59 -6.30 42.71
CA VAL B 1004 -35.50 -5.24 42.31
C VAL B 1004 -36.55 -5.82 41.38
N THR B 1005 -37.81 -5.55 41.66
CA THR B 1005 -38.94 -6.08 40.88
C THR B 1005 -39.89 -4.96 40.48
N LEU B 1006 -40.27 -4.95 39.19
CA LEU B 1006 -41.23 -3.99 38.66
C LEU B 1006 -42.37 -4.74 37.98
N LYS B 1007 -43.59 -4.50 38.46
CA LYS B 1007 -44.80 -5.08 37.88
C LYS B 1007 -45.63 -3.92 37.32
N PHE B 1008 -45.75 -3.84 36.00
CA PHE B 1008 -46.67 -2.90 35.36
C PHE B 1008 -48.04 -3.57 35.32
N LYS B 1009 -49.08 -2.81 35.69
CA LYS B 1009 -50.45 -3.35 35.81
C LYS B 1009 -51.04 -3.74 34.44
#